data_7C6V
#
_entry.id   7C6V
#
_cell.length_a   185.410
_cell.length_b   185.410
_cell.length_c   74.180
_cell.angle_alpha   90.000
_cell.angle_beta   90.000
_cell.angle_gamma   120.000
#
_symmetry.space_group_name_H-M   'P 31 2 1'
#
loop_
_entity.id
_entity.type
_entity.pdbx_description
1 polymer 'Sugar ABC transporter, periplasmic sugar-binding protein'
2 branched beta-D-glucopyranose-(1-3)-beta-D-glucopyranose-(1-3)-beta-D-glucopyranose
3 non-polymer 'CHLORIDE ION'
4 non-polymer 'SULFATE ION'
5 non-polymer 1,2-ETHANEDIOL
6 non-polymer DI(HYDROXYETHYL)ETHER
7 non-polymer 'SULFITE ION'
8 water water
#
_entity_poly.entity_id   1
_entity_poly.type   'polypeptide(L)'
_entity_poly.pdbx_seq_one_letter_code
;MQKTLEVWIMPNSPQPAEDFKALVAPFEKAHGVEVKVTVLDWGVAWTKITTAATSGVGPDLTQLGTTWVGAISAMGVLEP
VDDVLEALGGEKAYLPAVWRTTRLEGARQATAVPWFSELRAFYYRTDALKAAGVNPAEMFASWQGFEAGLARLKASSFRD
PETKAPLAPLCTPGRTPRTLHNAAPWIWGAGGEIVRQAGGRWQSALNSPESLEGLYFFLSLAQKGYVPAESLEKNTAQIE
ADFQAGKCAVFASGPWMIQRAQVPEAKGGFAERTAAKNLGVAPYPAGPKGRYTFFGGSNLALFNFSKNKPLAKELLKYLG
GPEAQVRYAQMTGMLPALRSAWSDPSFQQNPLLRTFIQAAQFGRTYPSLAGWGGVENLAVQHLGMAWDLVAQGRLTREAL
KDLMDKASAAINQALRHHHHHH
;
_entity_poly.pdbx_strand_id   A,B,C
#
loop_
_chem_comp.id
_chem_comp.type
_chem_comp.name
_chem_comp.formula
BGC D-saccharide, beta linking beta-D-glucopyranose 'C6 H12 O6'
CL non-polymer 'CHLORIDE ION' 'Cl -1'
EDO non-polymer 1,2-ETHANEDIOL 'C2 H6 O2'
PEG non-polymer DI(HYDROXYETHYL)ETHER 'C4 H10 O3'
SO3 non-polymer 'SULFITE ION' 'O3 S -2'
SO4 non-polymer 'SULFATE ION' 'O4 S -2'
#
# COMPACT_ATOMS: atom_id res chain seq x y z
N LYS A 3 -35.30 -3.14 25.40
CA LYS A 3 -34.77 -1.75 25.18
C LYS A 3 -34.34 -1.64 23.68
N THR A 4 -34.22 -0.43 23.13
CA THR A 4 -33.94 -0.14 21.69
C THR A 4 -32.93 1.01 21.61
N LEU A 5 -31.97 0.94 20.68
CA LEU A 5 -31.05 2.06 20.36
C LEU A 5 -31.36 2.66 18.99
N GLU A 6 -31.15 3.97 18.86
CA GLU A 6 -31.24 4.73 17.59
C GLU A 6 -29.85 5.27 17.27
N VAL A 7 -29.37 5.01 16.05
CA VAL A 7 -28.09 5.56 15.54
C VAL A 7 -28.35 6.32 14.24
N TRP A 8 -27.85 7.55 14.16
CA TRP A 8 -27.84 8.35 12.89
C TRP A 8 -26.46 8.23 12.26
N ILE A 9 -26.40 7.81 11.00
CA ILE A 9 -25.11 7.73 10.26
C ILE A 9 -25.19 8.50 8.94
N MET A 10 -24.04 8.73 8.31
CA MET A 10 -23.96 9.26 6.95
C MET A 10 -23.76 8.11 5.96
N PRO A 11 -23.93 8.31 4.63
CA PRO A 11 -23.80 7.23 3.65
C PRO A 11 -22.33 6.80 3.48
N ASN A 12 -21.82 6.03 4.43
CA ASN A 12 -20.36 5.73 4.53
C ASN A 12 -19.96 4.60 3.56
N SER A 13 -20.94 3.83 3.10
CA SER A 13 -20.77 2.65 2.22
C SER A 13 -21.84 2.66 1.14
N PRO A 14 -21.69 1.87 0.06
CA PRO A 14 -22.65 1.86 -1.05
C PRO A 14 -24.08 1.48 -0.66
N GLN A 15 -24.28 0.49 0.23
CA GLN A 15 -25.62 0.13 0.81
C GLN A 15 -25.68 0.51 2.30
N PRO A 16 -25.66 1.81 2.65
CA PRO A 16 -25.13 2.23 3.95
C PRO A 16 -25.88 1.71 5.18
N ALA A 17 -27.20 1.53 5.07
CA ALA A 17 -28.07 1.03 6.16
C ALA A 17 -27.82 -0.47 6.35
N GLU A 18 -27.96 -1.22 5.26
CA GLU A 18 -27.72 -2.68 5.20
C GLU A 18 -26.38 -3.03 5.82
N ASP A 19 -25.32 -2.28 5.47
CA ASP A 19 -23.93 -2.51 5.93
C ASP A 19 -23.87 -2.30 7.44
N PHE A 20 -24.50 -1.24 7.93
CA PHE A 20 -24.52 -0.94 9.38
C PHE A 20 -25.30 -1.99 10.18
N LYS A 21 -26.43 -2.48 9.65
CA LYS A 21 -27.31 -3.50 10.30
C LYS A 21 -26.53 -4.83 10.46
N ALA A 22 -25.79 -5.22 9.43
CA ALA A 22 -24.87 -6.38 9.41
C ALA A 22 -23.72 -6.16 10.41
N LEU A 23 -23.17 -4.95 10.49
CA LEU A 23 -22.01 -4.67 11.38
C LEU A 23 -22.44 -4.90 12.84
N VAL A 24 -23.68 -4.57 13.22
CA VAL A 24 -24.13 -4.52 14.64
C VAL A 24 -25.04 -5.71 14.94
N ALA A 25 -25.17 -6.66 14.02
CA ALA A 25 -25.96 -7.88 14.25
C ALA A 25 -25.44 -8.63 15.49
N PRO A 26 -24.09 -8.86 15.66
CA PRO A 26 -23.56 -9.56 16.83
C PRO A 26 -23.81 -8.84 18.16
N PHE A 27 -23.86 -7.51 18.12
CA PHE A 27 -24.21 -6.68 19.30
C PHE A 27 -25.71 -6.80 19.63
N GLU A 28 -26.59 -6.72 18.62
CA GLU A 28 -28.07 -6.89 18.74
C GLU A 28 -28.42 -8.23 19.43
N LYS A 29 -27.84 -9.30 18.91
CA LYS A 29 -27.92 -10.71 19.39
C LYS A 29 -27.41 -10.77 20.85
N ALA A 30 -26.22 -10.20 21.12
CA ALA A 30 -25.41 -10.33 22.36
C ALA A 30 -25.99 -9.51 23.51
N HIS A 31 -26.66 -8.38 23.22
CA HIS A 31 -27.27 -7.47 24.22
C HIS A 31 -28.81 -7.56 24.17
N GLY A 32 -29.35 -8.44 23.32
CA GLY A 32 -30.79 -8.73 23.16
C GLY A 32 -31.57 -7.50 22.82
N VAL A 33 -31.17 -6.76 21.79
CA VAL A 33 -31.71 -5.39 21.53
C VAL A 33 -31.76 -5.16 20.02
N GLU A 34 -32.74 -4.39 19.56
CA GLU A 34 -32.87 -3.97 18.14
C GLU A 34 -32.19 -2.59 18.04
N VAL A 35 -31.39 -2.36 16.98
CA VAL A 35 -30.62 -1.10 16.74
C VAL A 35 -31.15 -0.44 15.46
N LYS A 36 -32.02 0.56 15.60
CA LYS A 36 -32.65 1.28 14.48
C LYS A 36 -31.61 2.27 13.96
N VAL A 37 -31.29 2.25 12.67
CA VAL A 37 -30.32 3.17 12.03
C VAL A 37 -31.10 4.05 11.05
N THR A 38 -30.76 5.35 10.97
CA THR A 38 -31.37 6.31 10.02
C THR A 38 -30.22 6.95 9.24
N VAL A 39 -30.31 7.07 7.91
CA VAL A 39 -29.17 7.49 7.05
C VAL A 39 -29.40 8.92 6.56
N LEU A 40 -28.52 9.84 6.93
CA LEU A 40 -28.62 11.27 6.56
C LEU A 40 -27.58 11.56 5.49
N ASP A 41 -27.95 12.15 4.35
CA ASP A 41 -26.98 12.72 3.38
C ASP A 41 -26.05 13.68 4.11
N TRP A 42 -24.80 13.73 3.70
CA TRP A 42 -23.82 14.71 4.18
C TRP A 42 -24.37 16.14 3.95
N GLY A 43 -25.15 16.31 2.88
CA GLY A 43 -25.82 17.57 2.49
C GLY A 43 -26.60 18.23 3.63
N VAL A 44 -27.27 17.43 4.48
CA VAL A 44 -28.24 17.95 5.49
C VAL A 44 -27.98 17.33 6.87
N ALA A 45 -26.83 16.71 7.10
CA ALA A 45 -26.52 16.00 8.37
C ALA A 45 -26.22 16.96 9.53
N TRP A 46 -25.38 17.97 9.31
CA TRP A 46 -25.13 19.21 10.12
C TRP A 46 -26.48 19.71 10.66
N THR A 47 -27.49 19.85 9.81
CA THR A 47 -28.81 20.41 10.19
C THR A 47 -29.61 19.45 11.06
N LYS A 48 -29.67 18.17 10.70
CA LYS A 48 -30.54 17.22 11.42
C LYS A 48 -29.93 17.04 12.83
N ILE A 49 -28.61 17.02 12.90
CA ILE A 49 -27.88 16.75 14.17
C ILE A 49 -28.03 17.95 15.07
N THR A 50 -27.84 19.14 14.53
CA THR A 50 -27.95 20.38 15.28
C THR A 50 -29.39 20.51 15.80
N THR A 51 -30.38 20.27 14.96
CA THR A 51 -31.81 20.32 15.37
C THR A 51 -32.09 19.34 16.52
N ALA A 52 -31.48 18.15 16.51
CA ALA A 52 -31.66 17.21 17.63
C ALA A 52 -31.02 17.81 18.87
N ALA A 53 -29.86 18.45 18.74
CA ALA A 53 -29.17 19.08 19.87
C ALA A 53 -30.03 20.21 20.51
N THR A 54 -30.59 21.15 19.76
CA THR A 54 -31.37 22.27 20.35
C THR A 54 -32.71 21.76 20.84
N SER A 55 -33.39 20.86 20.11
CA SER A 55 -34.74 20.35 20.51
C SER A 55 -34.61 19.35 21.67
N GLY A 56 -33.42 18.79 21.88
CA GLY A 56 -33.19 17.72 22.87
C GLY A 56 -34.00 16.48 22.52
N VAL A 57 -34.37 16.31 21.24
CA VAL A 57 -35.03 15.08 20.71
C VAL A 57 -34.21 14.48 19.58
N GLY A 58 -33.84 13.22 19.72
CA GLY A 58 -33.29 12.43 18.59
C GLY A 58 -32.72 11.10 19.02
N PRO A 59 -31.59 10.68 18.40
CA PRO A 59 -31.10 9.32 18.56
C PRO A 59 -30.26 9.26 19.83
N ASP A 60 -29.84 8.04 20.16
CA ASP A 60 -28.92 7.75 21.29
C ASP A 60 -27.51 8.14 20.84
N LEU A 61 -27.08 7.58 19.71
CA LEU A 61 -25.78 7.95 19.07
C LEU A 61 -26.04 8.66 17.76
N THR A 62 -25.10 9.52 17.38
CA THR A 62 -25.01 10.08 16.01
C THR A 62 -23.56 10.01 15.54
N GLN A 63 -23.39 9.77 14.25
CA GLN A 63 -22.10 10.05 13.59
C GLN A 63 -21.89 11.57 13.55
N LEU A 64 -20.61 11.98 13.54
CA LEU A 64 -20.17 13.38 13.42
C LEU A 64 -18.95 13.44 12.51
N GLY A 65 -18.91 14.35 11.55
CA GLY A 65 -17.64 14.72 10.93
C GLY A 65 -16.65 15.09 12.01
N THR A 66 -15.39 14.68 11.88
CA THR A 66 -14.37 15.04 12.88
C THR A 66 -14.45 16.53 13.20
N THR A 67 -14.60 17.39 12.20
CA THR A 67 -14.46 18.86 12.40
C THR A 67 -15.65 19.47 13.16
N TRP A 68 -16.75 18.74 13.36
CA TRP A 68 -18.00 19.20 14.02
C TRP A 68 -18.02 18.90 15.52
N VAL A 69 -17.12 18.08 16.05
CA VAL A 69 -17.13 17.71 17.49
C VAL A 69 -17.05 18.94 18.40
N GLY A 70 -16.22 19.93 18.06
CA GLY A 70 -16.10 21.12 18.90
C GLY A 70 -17.41 21.84 18.99
N ALA A 71 -18.04 22.05 17.83
CA ALA A 71 -19.31 22.79 17.74
C ALA A 71 -20.38 22.09 18.58
N ILE A 72 -20.64 20.81 18.35
CA ILE A 72 -21.74 20.10 19.06
C ILE A 72 -21.41 20.05 20.57
N SER A 73 -20.14 19.92 20.93
CA SER A 73 -19.72 19.75 22.33
C SER A 73 -20.08 21.03 23.10
N ALA A 74 -19.81 22.16 22.51
CA ALA A 74 -19.99 23.49 23.11
C ALA A 74 -21.47 23.76 23.39
N MET A 75 -22.39 23.11 22.65
CA MET A 75 -23.85 23.33 22.85
C MET A 75 -24.34 22.63 24.13
N GLY A 76 -23.48 21.84 24.81
CA GLY A 76 -23.81 21.19 26.10
C GLY A 76 -24.74 19.99 25.95
N VAL A 77 -24.67 19.25 24.85
CA VAL A 77 -25.63 18.15 24.56
C VAL A 77 -24.91 16.78 24.48
N LEU A 78 -23.60 16.68 24.70
CA LEU A 78 -22.92 15.38 24.57
C LEU A 78 -22.47 14.85 25.93
N GLU A 79 -22.70 13.54 26.14
CA GLU A 79 -22.20 12.71 27.27
C GLU A 79 -20.68 12.62 27.17
N PRO A 80 -19.96 12.77 28.30
CA PRO A 80 -18.55 12.40 28.36
C PRO A 80 -18.37 10.90 28.05
N VAL A 81 -17.26 10.56 27.39
CA VAL A 81 -16.99 9.16 26.94
C VAL A 81 -15.53 8.83 27.24
N ASP A 82 -14.94 9.43 28.28
CA ASP A 82 -13.63 9.01 28.85
C ASP A 82 -13.61 7.49 29.11
N ASP A 83 -14.65 6.94 29.72
CA ASP A 83 -14.72 5.51 30.13
C ASP A 83 -14.58 4.64 28.88
N VAL A 84 -15.20 5.07 27.76
CA VAL A 84 -15.18 4.27 26.50
C VAL A 84 -13.79 4.36 25.87
N LEU A 85 -13.15 5.52 25.93
CA LEU A 85 -11.80 5.71 25.35
C LEU A 85 -10.78 4.90 26.16
N GLU A 86 -10.76 5.07 27.48
CA GLU A 86 -9.90 4.25 28.38
C GLU A 86 -10.03 2.77 28.03
N ALA A 87 -11.27 2.28 27.96
CA ALA A 87 -11.65 0.86 27.72
C ALA A 87 -11.10 0.38 26.37
N LEU A 88 -10.73 1.30 25.46
CA LEU A 88 -10.16 0.98 24.12
C LEU A 88 -8.65 1.24 24.08
N GLY A 89 -8.01 1.62 25.20
CA GLY A 89 -6.56 1.85 25.31
C GLY A 89 -6.16 3.31 25.51
N GLY A 90 -7.13 4.21 25.58
CA GLY A 90 -6.86 5.61 25.90
C GLY A 90 -6.14 6.26 24.75
N GLU A 91 -5.38 7.31 25.06
CA GLU A 91 -4.72 8.23 24.08
C GLU A 91 -3.81 7.44 23.12
N LYS A 92 -2.93 6.59 23.68
CA LYS A 92 -1.85 5.85 22.94
C LYS A 92 -2.43 4.97 21.82
N ALA A 93 -3.69 4.52 21.96
CA ALA A 93 -4.39 3.63 21.00
C ALA A 93 -4.72 4.34 19.67
N TYR A 94 -4.62 5.68 19.61
CA TYR A 94 -5.06 6.47 18.44
C TYR A 94 -3.91 7.31 17.90
N LEU A 95 -3.87 7.57 16.60
CA LEU A 95 -3.09 8.72 16.05
C LEU A 95 -3.39 9.99 16.86
N PRO A 96 -2.40 10.90 17.10
CA PRO A 96 -2.70 12.19 17.73
C PRO A 96 -3.64 13.09 16.90
N ALA A 97 -3.58 13.03 15.56
CA ALA A 97 -4.54 13.74 14.67
C ALA A 97 -5.96 13.18 14.84
N VAL A 98 -6.13 11.94 15.30
CA VAL A 98 -7.49 11.37 15.57
C VAL A 98 -7.91 11.78 16.98
N TRP A 99 -7.01 11.67 17.96
CA TRP A 99 -7.27 11.99 19.39
C TRP A 99 -7.67 13.44 19.65
N ARG A 100 -7.08 14.37 18.89
CA ARG A 100 -7.40 15.81 18.84
C ARG A 100 -8.91 15.99 18.66
N THR A 101 -9.57 15.10 17.89
CA THR A 101 -11.00 15.31 17.49
C THR A 101 -11.99 14.60 18.45
N THR A 102 -11.54 14.06 19.57
CA THR A 102 -12.42 13.43 20.58
C THR A 102 -13.07 14.46 21.52
N ARG A 103 -12.64 15.73 21.49
CA ARG A 103 -13.11 16.75 22.46
C ARG A 103 -13.15 18.14 21.83
N LEU A 104 -13.85 19.06 22.49
CA LEU A 104 -13.72 20.50 22.25
C LEU A 104 -12.29 20.91 22.62
N GLU A 105 -11.57 21.67 21.78
CA GLU A 105 -10.21 22.13 22.12
C GLU A 105 -10.17 22.64 23.56
N GLY A 106 -9.32 22.02 24.39
CA GLY A 106 -8.98 22.45 25.75
C GLY A 106 -10.03 22.03 26.77
N ALA A 107 -10.86 21.02 26.54
CA ALA A 107 -11.90 20.60 27.50
C ALA A 107 -11.40 19.37 28.28
N ARG A 108 -11.76 19.30 29.56
CA ARG A 108 -11.40 18.20 30.49
C ARG A 108 -11.77 16.86 29.84
N GLN A 109 -13.01 16.74 29.36
CA GLN A 109 -13.64 15.43 29.05
C GLN A 109 -13.76 15.29 27.54
N ALA A 110 -13.75 14.03 27.11
CA ALA A 110 -13.98 13.59 25.72
C ALA A 110 -15.49 13.57 25.42
N THR A 111 -15.91 14.01 24.24
CA THR A 111 -17.35 13.99 23.85
C THR A 111 -17.62 13.07 22.64
N ALA A 112 -16.56 12.54 22.03
CA ALA A 112 -16.65 11.72 20.80
C ALA A 112 -15.62 10.57 20.78
N VAL A 113 -16.10 9.42 20.32
CA VAL A 113 -15.35 8.15 20.15
C VAL A 113 -15.01 8.04 18.66
N PRO A 114 -13.69 7.90 18.30
CA PRO A 114 -13.31 7.81 16.89
C PRO A 114 -13.92 6.56 16.25
N TRP A 115 -14.54 6.74 15.08
CA TRP A 115 -15.21 5.64 14.36
C TRP A 115 -14.34 5.20 13.17
N PHE A 116 -14.11 6.08 12.18
CA PHE A 116 -13.19 5.78 11.06
C PHE A 116 -12.53 7.08 10.57
N SER A 117 -11.42 6.95 9.85
CA SER A 117 -10.60 8.05 9.30
C SER A 117 -10.63 7.92 7.78
N GLU A 118 -10.37 9.04 7.13
CA GLU A 118 -10.26 9.16 5.67
C GLU A 118 -9.31 10.32 5.48
N LEU A 119 -8.49 10.28 4.44
CA LEU A 119 -7.57 11.38 4.12
C LEU A 119 -7.47 11.42 2.62
N ARG A 120 -6.89 12.48 2.10
CA ARG A 120 -6.91 12.75 0.64
C ARG A 120 -5.55 12.38 0.05
N ALA A 121 -5.62 11.78 -1.13
CA ALA A 121 -4.46 11.47 -1.99
C ALA A 121 -4.89 11.64 -3.45
N PHE A 122 -3.91 11.64 -4.32
CA PHE A 122 -4.12 11.76 -5.77
C PHE A 122 -4.38 10.38 -6.34
N TYR A 123 -5.54 10.19 -6.93
CA TYR A 123 -5.76 9.10 -7.90
C TYR A 123 -5.26 9.58 -9.27
N TYR A 124 -4.61 8.69 -10.04
CA TYR A 124 -4.12 8.99 -11.41
C TYR A 124 -4.35 7.79 -12.33
N ARG A 125 -4.48 8.12 -13.61
CA ARG A 125 -4.55 7.13 -14.69
C ARG A 125 -3.14 6.61 -15.03
N THR A 126 -2.85 5.34 -14.75
CA THR A 126 -1.51 4.73 -14.95
C THR A 126 -1.19 4.73 -16.45
N ASP A 127 -2.23 4.58 -17.30
CA ASP A 127 -2.12 4.51 -18.79
C ASP A 127 -1.74 5.90 -19.33
N ALA A 128 -2.46 6.94 -18.88
CA ALA A 128 -2.20 8.35 -19.27
C ALA A 128 -0.77 8.77 -18.90
N LEU A 129 -0.32 8.47 -17.69
CA LEU A 129 1.03 8.88 -17.25
C LEU A 129 2.07 8.10 -18.05
N LYS A 130 1.88 6.79 -18.21
CA LYS A 130 2.78 5.90 -18.97
C LYS A 130 2.97 6.49 -20.39
N ALA A 131 1.88 6.86 -21.06
CA ALA A 131 1.85 7.34 -22.46
C ALA A 131 2.47 8.76 -22.59
N ALA A 132 2.39 9.61 -21.57
CA ALA A 132 3.08 10.91 -21.58
C ALA A 132 4.53 10.76 -21.10
N GLY A 133 4.96 9.55 -20.71
CA GLY A 133 6.30 9.29 -20.13
C GLY A 133 6.56 10.06 -18.84
N VAL A 134 5.59 10.05 -17.92
CA VAL A 134 5.67 10.71 -16.59
C VAL A 134 5.85 9.59 -15.55
N ASN A 135 6.93 9.69 -14.75
CA ASN A 135 7.18 8.75 -13.65
C ASN A 135 6.31 9.28 -12.50
N PRO A 136 5.33 8.46 -12.03
CA PRO A 136 4.50 8.89 -10.94
C PRO A 136 5.32 9.28 -9.72
N ALA A 137 6.38 8.55 -9.37
CA ALA A 137 7.13 8.91 -8.14
C ALA A 137 7.67 10.32 -8.36
N GLU A 138 8.11 10.69 -9.56
CA GLU A 138 8.66 12.03 -9.82
C GLU A 138 7.55 13.09 -9.80
N MET A 139 6.42 12.85 -10.47
CA MET A 139 5.35 13.87 -10.57
C MET A 139 4.81 14.22 -9.19
N PHE A 140 4.70 13.24 -8.28
CA PHE A 140 4.07 13.40 -6.94
C PHE A 140 5.11 13.57 -5.83
N ALA A 141 6.37 13.83 -6.20
CA ALA A 141 7.48 13.96 -5.24
C ALA A 141 7.52 15.40 -4.73
N SER A 142 7.29 16.34 -5.64
CA SER A 142 7.49 17.79 -5.43
C SER A 142 6.48 18.60 -6.27
N TRP A 143 6.28 19.86 -5.88
CA TRP A 143 5.47 20.84 -6.62
C TRP A 143 6.03 20.99 -8.04
N GLN A 144 7.34 21.10 -8.16
CA GLN A 144 8.04 21.29 -9.45
C GLN A 144 7.70 20.08 -10.33
N GLY A 145 7.74 18.87 -9.73
CA GLY A 145 7.43 17.58 -10.38
C GLY A 145 5.99 17.55 -10.86
N PHE A 146 5.08 18.07 -10.04
CA PHE A 146 3.63 18.02 -10.22
C PHE A 146 3.30 18.86 -11.45
N GLU A 147 3.77 20.09 -11.47
CA GLU A 147 3.53 21.07 -12.56
C GLU A 147 4.09 20.49 -13.86
N ALA A 148 5.29 19.91 -13.81
CA ALA A 148 5.98 19.28 -14.98
C ALA A 148 5.16 18.09 -15.49
N GLY A 149 4.53 17.31 -14.60
CA GLY A 149 3.71 16.16 -15.02
C GLY A 149 2.50 16.67 -15.76
N LEU A 150 1.84 17.67 -15.21
CA LEU A 150 0.62 18.21 -15.85
C LEU A 150 1.01 18.80 -17.22
N ALA A 151 2.14 19.47 -17.35
CA ALA A 151 2.58 20.04 -18.64
C ALA A 151 2.70 18.90 -19.64
N ARG A 152 3.34 17.81 -19.26
CA ARG A 152 3.54 16.64 -20.17
C ARG A 152 2.17 16.02 -20.44
N LEU A 153 1.34 15.90 -19.41
CA LEU A 153 -0.05 15.39 -19.53
C LEU A 153 -0.89 16.26 -20.47
N LYS A 154 -0.75 17.59 -20.48
CA LYS A 154 -1.54 18.49 -21.37
C LYS A 154 -1.14 18.26 -22.83
N ALA A 155 0.14 17.97 -23.05
CA ALA A 155 0.82 17.87 -24.36
C ALA A 155 0.64 16.49 -25.00
N SER A 156 0.48 15.40 -24.23
CA SER A 156 0.33 13.96 -24.65
C SER A 156 -0.76 13.80 -25.70
N SER A 157 -0.62 12.88 -26.65
CA SER A 157 -1.65 12.55 -27.69
C SER A 157 -2.65 11.55 -27.15
N PHE A 158 -2.47 11.14 -25.90
CA PHE A 158 -3.16 9.93 -25.43
C PHE A 158 -4.66 10.23 -25.48
N ARG A 159 -5.45 9.21 -25.75
CA ARG A 159 -6.93 9.31 -25.81
C ARG A 159 -7.47 8.15 -24.99
N ASP A 160 -8.39 8.41 -24.09
CA ASP A 160 -9.08 7.31 -23.39
C ASP A 160 -9.58 6.34 -24.46
N PRO A 161 -9.36 5.02 -24.33
CA PRO A 161 -9.91 4.09 -25.32
C PRO A 161 -11.45 3.98 -25.36
N GLU A 162 -12.20 4.37 -24.33
CA GLU A 162 -13.69 4.49 -24.43
C GLU A 162 -14.10 5.81 -25.12
N THR A 163 -13.71 6.98 -24.60
CA THR A 163 -14.15 8.31 -25.09
C THR A 163 -13.49 8.67 -26.43
N LYS A 164 -12.35 8.08 -26.77
CA LYS A 164 -11.51 8.40 -27.95
C LYS A 164 -11.09 9.87 -27.91
N ALA A 165 -11.19 10.52 -26.76
CA ALA A 165 -10.90 11.95 -26.55
C ALA A 165 -9.74 12.11 -25.58
N PRO A 166 -9.07 13.28 -25.53
CA PRO A 166 -8.04 13.52 -24.54
C PRO A 166 -8.64 13.49 -23.14
N LEU A 167 -7.68 13.49 -22.20
CA LEU A 167 -7.88 13.68 -20.75
C LEU A 167 -7.32 15.05 -20.34
N ALA A 168 -8.07 15.80 -19.56
CA ALA A 168 -7.60 17.05 -18.96
C ALA A 168 -6.63 16.63 -17.88
N PRO A 169 -5.53 17.37 -17.68
CA PRO A 169 -4.47 16.92 -16.80
C PRO A 169 -4.99 16.75 -15.38
N LEU A 170 -5.65 17.77 -14.84
CA LEU A 170 -6.07 17.80 -13.42
C LEU A 170 -7.52 18.24 -13.32
N CYS A 171 -8.30 17.50 -12.55
CA CYS A 171 -9.68 17.90 -12.21
C CYS A 171 -9.74 18.20 -10.73
N THR A 172 -10.00 19.46 -10.46
CA THR A 172 -10.14 20.08 -9.16
C THR A 172 -11.38 20.94 -9.36
N PRO A 173 -12.26 21.08 -8.36
CA PRO A 173 -13.40 21.98 -8.45
C PRO A 173 -12.92 23.40 -8.17
N GLY A 174 -13.63 24.39 -8.70
CA GLY A 174 -13.34 25.81 -8.44
C GLY A 174 -14.61 26.62 -8.41
N ARG A 175 -15.69 26.00 -7.91
CA ARG A 175 -16.93 26.71 -7.51
C ARG A 175 -16.52 27.31 -6.16
N THR A 176 -17.45 27.94 -5.44
CA THR A 176 -17.38 27.99 -3.96
C THR A 176 -17.08 26.56 -3.52
N PRO A 177 -15.94 26.36 -2.80
CA PRO A 177 -15.78 25.14 -1.98
C PRO A 177 -16.82 25.14 -0.85
N ARG A 178 -17.19 24.00 -0.30
CA ARG A 178 -17.99 23.97 0.95
C ARG A 178 -17.02 23.93 2.15
N THR A 179 -15.80 23.41 1.96
CA THR A 179 -14.74 23.31 3.01
C THR A 179 -13.43 23.68 2.33
N LEU A 180 -12.33 23.81 3.09
CA LEU A 180 -10.96 23.95 2.53
C LEU A 180 -10.25 22.59 2.41
N HIS A 181 -10.94 21.46 2.29
CA HIS A 181 -10.24 20.14 2.23
C HIS A 181 -9.31 20.11 1.03
N ASN A 182 -9.77 20.60 -0.12
CA ASN A 182 -8.98 20.68 -1.36
C ASN A 182 -7.85 21.68 -1.26
N ALA A 183 -8.01 22.80 -0.57
CA ALA A 183 -6.99 23.85 -0.59
C ALA A 183 -6.01 23.70 0.57
N ALA A 184 -6.40 23.12 1.70
CA ALA A 184 -5.54 23.09 2.90
C ALA A 184 -4.18 22.48 2.58
N PRO A 185 -4.05 21.39 1.80
CA PRO A 185 -2.74 20.78 1.61
C PRO A 185 -1.75 21.77 1.00
N TRP A 186 -2.20 22.59 0.08
CA TRP A 186 -1.30 23.58 -0.54
C TRP A 186 -0.92 24.63 0.50
N ILE A 187 -1.82 24.98 1.42
CA ILE A 187 -1.49 25.99 2.45
C ILE A 187 -0.40 25.41 3.36
N TRP A 188 -0.61 24.17 3.80
CA TRP A 188 0.30 23.43 4.71
C TRP A 188 1.63 23.16 4.00
N GLY A 189 1.57 22.57 2.80
CA GLY A 189 2.75 22.30 1.96
C GLY A 189 3.70 23.49 1.93
N ALA A 190 3.19 24.74 1.87
CA ALA A 190 4.02 25.95 1.73
C ALA A 190 4.52 26.47 3.10
N GLY A 191 4.13 25.87 4.21
CA GLY A 191 4.57 26.29 5.56
C GLY A 191 3.51 27.12 6.26
N GLY A 192 2.31 27.12 5.71
CA GLY A 192 1.24 27.99 6.15
C GLY A 192 0.28 27.22 7.00
N GLU A 193 -0.75 27.88 7.45
CA GLU A 193 -1.89 27.25 8.14
C GLU A 193 -3.06 28.23 8.14
N ILE A 194 -4.23 27.71 8.46
CA ILE A 194 -5.51 28.47 8.43
C ILE A 194 -5.61 29.32 9.69
N VAL A 195 -5.37 28.72 10.87
CA VAL A 195 -5.33 29.48 12.15
C VAL A 195 -4.02 29.22 12.91
N ARG A 196 -3.55 30.19 13.66
CA ARG A 196 -2.32 30.17 14.51
C ARG A 196 -2.78 30.33 15.96
N GLN A 197 -2.39 29.48 16.90
CA GLN A 197 -2.63 29.75 18.36
C GLN A 197 -1.44 30.54 18.92
N ALA A 198 -1.64 31.84 19.16
CA ALA A 198 -0.62 32.78 19.71
C ALA A 198 -1.10 33.35 21.06
N GLY A 199 -0.37 33.05 22.15
CA GLY A 199 -0.68 33.50 23.52
C GLY A 199 -2.12 33.24 23.94
N GLY A 200 -2.65 32.02 23.74
CA GLY A 200 -3.95 31.60 24.31
C GLY A 200 -5.11 31.65 23.31
N ARG A 201 -5.25 32.75 22.55
CA ARG A 201 -6.35 32.90 21.53
C ARG A 201 -5.82 32.44 20.16
N TRP A 202 -6.75 32.03 19.29
CA TRP A 202 -6.47 31.64 17.89
C TRP A 202 -6.69 32.85 16.97
N GLN A 203 -5.90 32.99 15.89
CA GLN A 203 -6.06 34.06 14.85
CA GLN A 203 -6.04 34.06 14.85
C GLN A 203 -5.86 33.47 13.45
N SER A 204 -6.43 34.11 12.43
CA SER A 204 -6.23 33.72 11.01
C SER A 204 -4.73 33.73 10.74
N ALA A 205 -4.24 32.75 9.99
CA ALA A 205 -2.89 32.79 9.37
C ALA A 205 -3.04 32.68 7.84
N LEU A 206 -4.28 32.76 7.32
CA LEU A 206 -4.55 32.63 5.86
C LEU A 206 -3.81 33.69 5.04
N ASN A 207 -3.47 34.83 5.66
CA ASN A 207 -2.82 35.93 4.93
C ASN A 207 -1.32 35.96 5.25
N SER A 208 -0.78 34.89 5.81
CA SER A 208 0.70 34.80 6.00
C SER A 208 1.30 34.65 4.61
N PRO A 209 2.53 35.15 4.39
CA PRO A 209 3.21 34.88 3.13
C PRO A 209 3.21 33.40 2.76
N GLU A 210 3.40 32.47 3.72
CA GLU A 210 3.51 31.03 3.38
C GLU A 210 2.14 30.52 2.90
N SER A 211 1.05 30.86 3.56
CA SER A 211 -0.32 30.43 3.13
C SER A 211 -0.67 31.02 1.76
N LEU A 212 -0.27 32.25 1.46
CA LEU A 212 -0.59 32.90 0.15
C LEU A 212 0.25 32.25 -0.98
N GLU A 213 1.38 31.66 -0.67
CA GLU A 213 2.23 31.01 -1.68
C GLU A 213 1.60 29.65 -2.01
N GLY A 214 1.03 29.02 -1.00
CA GLY A 214 0.32 27.75 -1.17
C GLY A 214 -0.96 27.95 -1.93
N LEU A 215 -1.81 28.90 -1.55
CA LEU A 215 -3.08 29.07 -2.29
C LEU A 215 -2.74 29.47 -3.71
N TYR A 216 -1.75 30.32 -3.90
CA TYR A 216 -1.54 30.91 -5.24
C TYR A 216 -0.98 29.81 -6.11
N PHE A 217 -0.18 28.92 -5.56
CA PHE A 217 0.33 27.79 -6.36
C PHE A 217 -0.83 26.94 -6.84
N PHE A 218 -1.71 26.58 -5.91
CA PHE A 218 -2.91 25.77 -6.19
C PHE A 218 -3.76 26.46 -7.25
N LEU A 219 -4.11 27.74 -7.07
CA LEU A 219 -5.03 28.46 -7.99
C LEU A 219 -4.35 28.71 -9.32
N SER A 220 -3.04 28.93 -9.29
CA SER A 220 -2.23 29.19 -10.51
C SER A 220 -2.28 27.97 -11.45
N LEU A 221 -2.47 26.73 -10.97
CA LEU A 221 -2.53 25.55 -11.88
C LEU A 221 -3.67 25.74 -12.87
N ALA A 222 -4.75 26.39 -12.45
CA ALA A 222 -5.89 26.67 -13.33
C ALA A 222 -5.46 27.72 -14.38
N GLN A 223 -4.68 28.74 -14.00
CA GLN A 223 -4.34 29.87 -14.92
C GLN A 223 -3.45 29.33 -16.03
N LYS A 224 -2.62 28.37 -15.71
CA LYS A 224 -1.67 27.69 -16.62
C LYS A 224 -2.40 26.65 -17.50
N GLY A 225 -3.71 26.49 -17.35
CA GLY A 225 -4.56 25.64 -18.20
C GLY A 225 -4.42 24.15 -17.94
N TYR A 226 -3.90 23.69 -16.82
CA TYR A 226 -3.87 22.26 -16.42
C TYR A 226 -5.25 21.82 -15.89
N VAL A 227 -6.13 22.78 -15.62
CA VAL A 227 -7.55 22.59 -15.22
C VAL A 227 -8.44 23.26 -16.25
N PRO A 228 -9.39 22.52 -16.83
CA PRO A 228 -10.16 23.04 -17.93
C PRO A 228 -11.25 23.98 -17.42
N ALA A 229 -11.65 24.94 -18.25
CA ALA A 229 -12.73 25.91 -17.91
C ALA A 229 -13.89 25.22 -17.19
N GLU A 230 -14.36 24.10 -17.72
CA GLU A 230 -15.66 23.59 -17.22
C GLU A 230 -15.50 23.14 -15.77
N SER A 231 -14.32 22.77 -15.31
CA SER A 231 -14.07 22.30 -13.92
C SER A 231 -14.24 23.46 -12.92
N LEU A 232 -14.02 24.69 -13.35
CA LEU A 232 -14.12 25.87 -12.45
C LEU A 232 -15.60 26.13 -12.18
N GLU A 233 -16.50 25.28 -12.67
CA GLU A 233 -17.97 25.39 -12.47
C GLU A 233 -18.52 24.15 -11.76
N LYS A 234 -17.67 23.26 -11.25
CA LYS A 234 -18.11 21.94 -10.74
C LYS A 234 -17.73 21.79 -9.28
N ASN A 235 -18.33 20.77 -8.64
CA ASN A 235 -18.09 20.40 -7.21
C ASN A 235 -17.44 19.03 -7.18
N THR A 236 -17.05 18.55 -5.99
CA THR A 236 -16.24 17.31 -5.83
C THR A 236 -16.98 16.13 -6.49
N ALA A 237 -18.30 16.00 -6.34
CA ALA A 237 -19.07 14.84 -6.85
C ALA A 237 -18.97 14.77 -8.37
N GLN A 238 -19.14 15.91 -9.03
CA GLN A 238 -19.18 15.99 -10.50
C GLN A 238 -17.76 15.75 -11.04
N ILE A 239 -16.73 16.06 -10.26
CA ILE A 239 -15.31 15.81 -10.66
C ILE A 239 -15.03 14.31 -10.55
N GLU A 240 -15.53 13.66 -9.49
CA GLU A 240 -15.40 12.20 -9.32
C GLU A 240 -16.01 11.52 -10.55
N ALA A 241 -17.16 12.02 -11.02
CA ALA A 241 -17.87 11.46 -12.19
C ALA A 241 -16.94 11.57 -13.40
N ASP A 242 -16.28 12.73 -13.55
CA ASP A 242 -15.39 13.08 -14.68
C ASP A 242 -14.18 12.15 -14.68
N PHE A 243 -13.56 11.91 -13.54
CA PHE A 243 -12.41 10.98 -13.43
C PHE A 243 -12.84 9.57 -13.85
N GLN A 244 -14.02 9.16 -13.34
CA GLN A 244 -14.58 7.80 -13.55
C GLN A 244 -14.95 7.68 -15.01
N ALA A 245 -15.33 8.77 -15.66
CA ALA A 245 -15.85 8.75 -17.05
C ALA A 245 -14.71 8.92 -18.07
N GLY A 246 -13.47 9.14 -17.61
CA GLY A 246 -12.32 9.13 -18.50
C GLY A 246 -12.06 10.50 -19.10
N LYS A 247 -12.41 11.56 -18.34
CA LYS A 247 -12.28 12.95 -18.83
C LYS A 247 -11.02 13.60 -18.24
N CYS A 248 -10.44 13.04 -17.19
CA CYS A 248 -9.18 13.57 -16.61
C CYS A 248 -8.35 12.50 -15.91
N ALA A 249 -7.07 12.86 -15.86
CA ALA A 249 -5.89 12.04 -15.58
C ALA A 249 -5.62 11.99 -14.07
N VAL A 250 -5.88 13.07 -13.35
CA VAL A 250 -5.45 13.20 -11.94
C VAL A 250 -6.55 13.88 -11.11
N PHE A 251 -6.90 13.33 -9.96
CA PHE A 251 -7.70 14.12 -9.00
C PHE A 251 -7.64 13.54 -7.58
N ALA A 252 -7.85 14.42 -6.60
CA ALA A 252 -7.68 14.14 -5.17
C ALA A 252 -9.00 13.64 -4.57
N SER A 253 -8.95 12.57 -3.79
CA SER A 253 -10.13 12.01 -3.08
C SER A 253 -9.65 11.13 -1.93
N GLY A 254 -10.58 10.49 -1.26
CA GLY A 254 -10.27 9.63 -0.11
C GLY A 254 -10.25 8.17 -0.54
N PRO A 255 -9.98 7.23 0.38
CA PRO A 255 -9.74 5.83 0.00
C PRO A 255 -10.95 5.05 -0.52
N TRP A 256 -12.14 5.63 -0.42
CA TRP A 256 -13.39 4.96 -0.86
C TRP A 256 -13.35 4.63 -2.33
N MET A 257 -12.60 5.35 -3.14
CA MET A 257 -12.61 5.12 -4.60
C MET A 257 -12.01 3.74 -4.91
N ILE A 258 -11.08 3.27 -4.09
CA ILE A 258 -10.42 1.95 -4.30
C ILE A 258 -11.50 0.86 -4.33
N GLN A 259 -12.37 0.83 -3.33
CA GLN A 259 -13.51 -0.12 -3.22
C GLN A 259 -14.50 0.14 -4.38
N ARG A 260 -14.76 1.40 -4.70
CA ARG A 260 -15.72 1.80 -5.78
C ARG A 260 -15.25 1.23 -7.11
N ALA A 261 -13.96 1.00 -7.29
CA ALA A 261 -13.38 0.53 -8.56
C ALA A 261 -13.66 -0.97 -8.73
N GLN A 262 -13.89 -1.73 -7.65
CA GLN A 262 -14.11 -3.19 -7.74
C GLN A 262 -15.60 -3.49 -7.88
N VAL A 263 -16.45 -2.47 -7.82
CA VAL A 263 -17.94 -2.61 -7.78
C VAL A 263 -18.51 -2.09 -9.10
N PRO A 264 -19.51 -2.76 -9.71
CA PRO A 264 -20.03 -2.36 -11.03
C PRO A 264 -20.87 -1.07 -11.00
N GLU A 265 -21.09 -0.51 -12.20
CA GLU A 265 -21.74 0.81 -12.43
C GLU A 265 -23.11 0.86 -11.73
N ALA A 266 -23.83 -0.27 -11.78
CA ALA A 266 -25.24 -0.39 -11.31
C ALA A 266 -25.32 -0.57 -9.78
N LYS A 267 -24.22 -0.44 -9.02
CA LYS A 267 -24.28 -0.41 -7.53
C LYS A 267 -23.40 0.72 -7.00
N GLY A 268 -23.28 1.80 -7.78
CA GLY A 268 -22.60 3.06 -7.41
C GLY A 268 -21.09 3.06 -7.65
N GLY A 269 -20.56 2.00 -8.31
CA GLY A 269 -19.12 1.81 -8.57
C GLY A 269 -18.78 2.16 -9.99
N PHE A 270 -17.59 1.78 -10.45
CA PHE A 270 -17.09 2.12 -11.80
C PHE A 270 -16.12 1.06 -12.32
N ALA A 271 -16.30 -0.20 -11.88
CA ALA A 271 -15.58 -1.42 -12.36
C ALA A 271 -15.56 -1.49 -13.88
N GLU A 272 -16.63 -1.08 -14.56
CA GLU A 272 -16.81 -1.18 -16.04
C GLU A 272 -15.90 -0.18 -16.77
N ARG A 273 -15.43 0.88 -16.10
CA ARG A 273 -14.74 2.04 -16.74
C ARG A 273 -13.24 1.76 -16.87
N THR A 274 -12.58 2.33 -17.88
CA THR A 274 -11.11 2.22 -18.09
C THR A 274 -10.38 2.69 -16.83
N ALA A 275 -10.80 3.78 -16.20
CA ALA A 275 -10.14 4.29 -14.99
C ALA A 275 -10.01 3.15 -13.96
N ALA A 276 -10.99 2.27 -13.82
CA ALA A 276 -10.95 1.17 -12.82
C ALA A 276 -9.81 0.18 -13.10
N LYS A 277 -9.50 -0.14 -14.35
CA LYS A 277 -8.42 -1.11 -14.66
C LYS A 277 -7.07 -0.42 -14.83
N ASN A 278 -6.97 0.89 -14.54
CA ASN A 278 -5.75 1.68 -14.80
C ASN A 278 -5.60 2.72 -13.69
N LEU A 279 -5.80 2.30 -12.45
CA LEU A 279 -5.92 3.19 -11.29
C LEU A 279 -4.59 3.12 -10.52
N GLY A 280 -3.97 4.29 -10.35
CA GLY A 280 -2.85 4.50 -9.44
C GLY A 280 -3.27 5.47 -8.34
N VAL A 281 -2.49 5.53 -7.25
CA VAL A 281 -2.63 6.50 -6.14
C VAL A 281 -1.25 6.98 -5.69
N ALA A 282 -1.13 8.28 -5.48
CA ALA A 282 0.11 8.91 -4.97
C ALA A 282 -0.28 9.93 -3.92
N PRO A 283 0.62 10.17 -2.95
CA PRO A 283 0.39 11.17 -1.92
C PRO A 283 0.57 12.55 -2.54
N TYR A 284 0.11 13.59 -1.84
CA TYR A 284 0.24 15.00 -2.25
C TYR A 284 1.72 15.25 -2.48
N PRO A 285 2.10 16.06 -3.49
CA PRO A 285 3.49 16.40 -3.64
C PRO A 285 3.98 17.21 -2.44
N ALA A 286 5.26 17.06 -2.08
CA ALA A 286 5.94 17.90 -1.08
C ALA A 286 6.11 19.33 -1.63
N GLY A 287 5.53 20.30 -0.91
CA GLY A 287 5.76 21.73 -1.09
C GLY A 287 7.05 22.18 -0.41
N PRO A 288 7.39 23.47 -0.45
CA PRO A 288 8.61 24.00 0.16
C PRO A 288 8.87 23.52 1.58
N LYS A 289 7.87 23.49 2.45
CA LYS A 289 8.09 23.21 3.88
C LYS A 289 7.46 21.85 4.17
N GLY A 290 7.20 21.05 3.13
CA GLY A 290 6.91 19.63 3.30
C GLY A 290 5.58 19.17 2.72
N ARG A 291 5.00 18.09 3.23
CA ARG A 291 4.02 17.24 2.51
C ARG A 291 2.85 17.00 3.45
N TYR A 292 1.64 17.40 3.13
CA TYR A 292 0.49 17.29 4.06
C TYR A 292 -0.77 16.96 3.29
N THR A 293 -1.71 16.33 3.91
CA THR A 293 -3.05 16.11 3.31
C THR A 293 -4.09 16.38 4.38
N PHE A 294 -5.34 16.48 3.97
CA PHE A 294 -6.45 16.66 4.90
C PHE A 294 -6.74 15.31 5.56
N PHE A 295 -6.60 15.20 6.87
CA PHE A 295 -6.96 14.00 7.66
C PHE A 295 -8.28 14.26 8.41
N GLY A 296 -9.33 13.53 8.07
CA GLY A 296 -10.63 13.63 8.74
C GLY A 296 -11.23 12.27 8.97
N GLY A 297 -12.53 12.12 8.69
CA GLY A 297 -13.36 10.94 8.97
C GLY A 297 -14.47 11.35 9.88
N SER A 298 -14.91 10.44 10.74
CA SER A 298 -16.14 10.58 11.55
C SER A 298 -15.96 9.89 12.89
N ASN A 299 -16.57 10.47 13.92
CA ASN A 299 -16.61 9.95 15.31
C ASN A 299 -18.09 9.63 15.59
N LEU A 300 -18.34 8.90 16.66
CA LEU A 300 -19.71 8.69 17.19
C LEU A 300 -19.80 9.45 18.50
N ALA A 301 -20.96 10.04 18.77
CA ALA A 301 -21.21 10.84 19.98
C ALA A 301 -22.51 10.32 20.58
N LEU A 302 -22.60 10.39 21.91
CA LEU A 302 -23.81 10.00 22.66
C LEU A 302 -24.45 11.26 23.26
N PHE A 303 -25.68 11.57 22.88
CA PHE A 303 -26.46 12.73 23.37
C PHE A 303 -26.80 12.54 24.85
N ASN A 304 -26.67 13.57 25.68
CA ASN A 304 -26.77 13.45 27.15
C ASN A 304 -28.24 13.30 27.56
N PHE A 305 -29.19 13.42 26.61
CA PHE A 305 -30.64 13.16 26.83
C PHE A 305 -31.05 11.73 26.46
N SER A 306 -30.14 10.90 25.94
CA SER A 306 -30.46 9.48 25.65
C SER A 306 -31.00 8.85 26.93
N LYS A 307 -32.02 8.00 26.80
CA LYS A 307 -32.64 7.21 27.90
C LYS A 307 -31.85 5.91 28.11
N ASN A 308 -30.97 5.56 27.16
CA ASN A 308 -30.27 4.26 27.07
C ASN A 308 -28.75 4.47 27.15
N LYS A 309 -28.26 5.24 28.11
CA LYS A 309 -26.82 5.60 28.16
C LYS A 309 -25.93 4.39 28.37
N PRO A 310 -26.10 3.54 29.41
CA PRO A 310 -25.29 2.33 29.58
C PRO A 310 -25.09 1.50 28.29
N LEU A 311 -26.24 1.08 27.73
CA LEU A 311 -26.37 0.24 26.51
C LEU A 311 -25.65 0.92 25.35
N ALA A 312 -25.84 2.24 25.23
CA ALA A 312 -25.30 3.05 24.13
C ALA A 312 -23.79 3.20 24.28
N LYS A 313 -23.24 3.28 25.49
CA LYS A 313 -21.77 3.23 25.69
C LYS A 313 -21.26 1.83 25.35
N GLU A 314 -22.03 0.77 25.64
CA GLU A 314 -21.60 -0.59 25.22
C GLU A 314 -21.41 -0.53 23.71
N LEU A 315 -22.41 -0.05 22.96
CA LEU A 315 -22.38 0.00 21.46
C LEU A 315 -21.16 0.79 20.98
N LEU A 316 -20.83 1.90 21.65
CA LEU A 316 -19.65 2.72 21.37
C LEU A 316 -18.36 1.90 21.58
N LYS A 317 -18.21 1.20 22.70
CA LYS A 317 -17.07 0.28 22.92
C LYS A 317 -16.96 -0.68 21.73
N TYR A 318 -18.10 -1.19 21.26
CA TYR A 318 -18.16 -2.25 20.21
C TYR A 318 -17.67 -1.65 18.87
N LEU A 319 -18.29 -0.55 18.41
CA LEU A 319 -18.01 0.06 17.10
C LEU A 319 -16.60 0.67 17.09
N GLY A 320 -16.16 1.13 18.25
CA GLY A 320 -14.84 1.79 18.41
C GLY A 320 -13.70 0.79 18.53
N GLY A 321 -14.02 -0.52 18.67
CA GLY A 321 -13.08 -1.62 19.00
C GLY A 321 -12.72 -2.56 17.83
N PRO A 322 -11.74 -3.47 18.04
CA PRO A 322 -10.98 -4.07 16.94
C PRO A 322 -11.77 -4.83 15.87
N GLU A 323 -12.67 -5.75 16.26
CA GLU A 323 -13.46 -6.58 15.30
C GLU A 323 -14.26 -5.62 14.40
N ALA A 324 -15.10 -4.75 14.98
CA ALA A 324 -16.01 -3.83 14.24
C ALA A 324 -15.20 -2.85 13.42
N GLN A 325 -14.08 -2.34 13.95
CA GLN A 325 -13.20 -1.41 13.21
C GLN A 325 -12.72 -2.06 11.89
N VAL A 326 -12.24 -3.29 11.92
CA VAL A 326 -11.81 -3.99 10.67
C VAL A 326 -13.05 -4.15 9.76
N ARG A 327 -14.19 -4.68 10.25
CA ARG A 327 -15.31 -5.05 9.34
C ARG A 327 -15.85 -3.78 8.67
N TYR A 328 -16.10 -2.68 9.41
CA TYR A 328 -16.68 -1.43 8.83
C TYR A 328 -15.74 -0.92 7.72
N ALA A 329 -14.42 -0.93 7.95
CA ALA A 329 -13.42 -0.42 6.99
C ALA A 329 -13.48 -1.22 5.66
N GLN A 330 -13.67 -2.53 5.71
CA GLN A 330 -13.79 -3.37 4.48
C GLN A 330 -15.07 -2.97 3.72
N MET A 331 -16.16 -2.74 4.43
CA MET A 331 -17.47 -2.43 3.77
C MET A 331 -17.47 -1.00 3.25
N THR A 332 -16.80 -0.04 3.90
CA THR A 332 -16.79 1.42 3.50
C THR A 332 -15.61 1.78 2.57
N GLY A 333 -14.49 1.08 2.71
CA GLY A 333 -13.22 1.45 2.07
C GLY A 333 -12.51 2.55 2.81
N MET A 334 -12.95 2.84 4.03
CA MET A 334 -12.30 3.88 4.84
C MET A 334 -11.13 3.29 5.61
N LEU A 335 -10.48 4.03 6.47
CA LEU A 335 -9.45 3.48 7.36
C LEU A 335 -10.01 3.38 8.78
N PRO A 336 -9.66 2.32 9.55
CA PRO A 336 -10.04 2.27 10.96
C PRO A 336 -9.46 3.48 11.73
N ALA A 337 -10.19 3.95 12.74
CA ALA A 337 -9.76 5.08 13.60
C ALA A 337 -8.79 4.54 14.65
N LEU A 338 -9.06 3.31 15.12
CA LEU A 338 -8.21 2.57 16.08
C LEU A 338 -6.92 2.15 15.37
N ARG A 339 -5.76 2.61 15.87
CA ARG A 339 -4.41 2.38 15.28
C ARG A 339 -4.13 0.88 15.08
N SER A 340 -4.23 0.10 16.16
CA SER A 340 -3.99 -1.37 16.17
C SER A 340 -4.53 -1.96 14.87
N ALA A 341 -5.78 -1.66 14.52
CA ALA A 341 -6.56 -2.41 13.51
C ALA A 341 -6.03 -2.24 12.08
N TRP A 342 -5.03 -1.36 11.83
CA TRP A 342 -4.37 -1.17 10.51
C TRP A 342 -3.50 -2.38 10.13
N SER A 343 -3.07 -3.14 11.14
CA SER A 343 -2.14 -4.29 10.97
C SER A 343 -2.88 -5.51 10.40
N ASP A 344 -4.22 -5.43 10.22
CA ASP A 344 -4.98 -6.58 9.69
C ASP A 344 -4.49 -6.91 8.28
N PRO A 345 -4.29 -8.21 7.93
CA PRO A 345 -3.97 -8.60 6.55
C PRO A 345 -4.83 -7.91 5.47
N SER A 346 -6.13 -7.64 5.72
CA SER A 346 -7.09 -7.21 4.67
C SER A 346 -6.67 -5.83 4.09
N PHE A 347 -5.89 -5.04 4.84
CA PHE A 347 -5.39 -3.69 4.47
C PHE A 347 -3.96 -3.77 3.88
N GLN A 348 -3.09 -4.63 4.43
CA GLN A 348 -1.65 -4.73 4.05
C GLN A 348 -1.51 -5.29 2.61
N GLN A 349 -2.51 -6.03 2.11
CA GLN A 349 -2.40 -6.76 0.82
C GLN A 349 -3.09 -6.00 -0.31
N ASN A 350 -3.70 -4.83 -0.06
CA ASN A 350 -4.18 -3.87 -1.10
C ASN A 350 -3.12 -2.80 -1.33
N PRO A 351 -2.36 -2.82 -2.46
CA PRO A 351 -1.27 -1.87 -2.66
C PRO A 351 -1.73 -0.40 -2.66
N LEU A 352 -2.90 -0.09 -3.21
CA LEU A 352 -3.38 1.33 -3.34
C LEU A 352 -3.72 1.87 -1.95
N LEU A 353 -4.27 1.03 -1.09
CA LEU A 353 -4.60 1.37 0.30
C LEU A 353 -3.34 1.61 1.10
N ARG A 354 -2.25 0.92 0.77
CA ARG A 354 -0.95 1.14 1.45
C ARG A 354 -0.57 2.62 1.32
N THR A 355 -0.87 3.26 0.21
CA THR A 355 -0.41 4.65 -0.04
C THR A 355 -1.16 5.62 0.88
N PHE A 356 -2.45 5.39 1.07
CA PHE A 356 -3.24 6.16 2.06
C PHE A 356 -2.73 5.82 3.47
N ILE A 357 -2.47 4.55 3.78
CA ILE A 357 -1.92 4.18 5.10
C ILE A 357 -0.62 4.98 5.31
N GLN A 358 0.26 5.04 4.31
CA GLN A 358 1.51 5.85 4.45
C GLN A 358 1.20 7.33 4.64
N ALA A 359 0.27 7.88 3.85
CA ALA A 359 -0.09 9.34 3.85
C ALA A 359 -0.59 9.72 5.24
N ALA A 360 -1.13 8.78 6.01
CA ALA A 360 -1.62 9.08 7.37
C ALA A 360 -0.55 9.76 8.23
N GLN A 361 0.73 9.53 7.94
CA GLN A 361 1.83 10.14 8.72
C GLN A 361 1.88 11.67 8.49
N PHE A 362 1.36 12.15 7.36
CA PHE A 362 1.39 13.58 6.92
C PHE A 362 -0.03 14.17 6.98
N GLY A 363 -0.99 13.42 7.51
CA GLY A 363 -2.33 13.95 7.75
C GLY A 363 -2.30 15.08 8.77
N ARG A 364 -2.97 16.18 8.46
CA ARG A 364 -3.16 17.36 9.33
C ARG A 364 -4.66 17.62 9.47
N THR A 365 -5.06 18.04 10.64
CA THR A 365 -6.45 18.28 11.04
C THR A 365 -6.59 19.74 11.49
N TYR A 366 -7.82 20.11 11.79
CA TYR A 366 -8.07 21.46 12.31
C TYR A 366 -8.25 21.41 13.84
N PRO A 367 -7.91 22.54 14.49
CA PRO A 367 -8.22 22.70 15.91
C PRO A 367 -9.72 22.45 16.13
N SER A 368 -10.03 21.71 17.17
CA SER A 368 -11.41 21.24 17.45
C SER A 368 -12.20 22.37 18.14
N LEU A 369 -12.54 23.42 17.41
CA LEU A 369 -13.04 24.72 17.95
C LEU A 369 -14.56 24.79 17.82
N ALA A 370 -15.21 25.43 18.79
CA ALA A 370 -16.65 25.70 18.80
C ALA A 370 -17.00 26.48 17.53
N GLY A 371 -16.18 27.46 17.15
CA GLY A 371 -16.44 28.34 16.00
C GLY A 371 -15.85 27.82 14.70
N TRP A 372 -15.46 26.56 14.62
CA TRP A 372 -14.72 26.16 13.40
C TRP A 372 -15.58 26.44 12.16
N GLY A 373 -16.82 25.95 12.10
CA GLY A 373 -17.67 26.03 10.89
C GLY A 373 -17.78 27.46 10.39
N GLY A 374 -17.87 28.40 11.34
CA GLY A 374 -17.92 29.82 10.97
C GLY A 374 -16.64 30.27 10.28
N VAL A 375 -15.49 29.95 10.88
CA VAL A 375 -14.15 30.25 10.32
C VAL A 375 -13.99 29.59 8.93
N GLU A 376 -14.33 28.32 8.74
CA GLU A 376 -14.25 27.71 7.39
C GLU A 376 -15.17 28.45 6.41
N ASN A 377 -16.39 28.78 6.78
CA ASN A 377 -17.29 29.53 5.85
C ASN A 377 -16.62 30.85 5.39
N LEU A 378 -16.02 31.62 6.29
CA LEU A 378 -15.41 32.91 5.88
C LEU A 378 -14.24 32.63 4.93
N ALA A 379 -13.38 31.69 5.29
CA ALA A 379 -12.26 31.25 4.44
C ALA A 379 -12.80 30.87 3.05
N VAL A 380 -13.77 29.96 2.93
CA VAL A 380 -14.10 29.44 1.57
C VAL A 380 -14.84 30.52 0.81
N GLN A 381 -15.59 31.41 1.50
CA GLN A 381 -16.36 32.43 0.75
C GLN A 381 -15.38 33.37 0.04
N HIS A 382 -14.27 33.73 0.73
CA HIS A 382 -13.22 34.65 0.22
C HIS A 382 -12.37 33.92 -0.84
N LEU A 383 -11.98 32.69 -0.58
CA LEU A 383 -11.30 31.87 -1.61
C LEU A 383 -12.18 31.81 -2.87
N GLY A 384 -13.50 31.70 -2.72
CA GLY A 384 -14.39 31.57 -3.90
C GLY A 384 -14.28 32.78 -4.80
N MET A 385 -14.05 33.96 -4.25
CA MET A 385 -13.91 35.21 -5.05
C MET A 385 -12.56 35.20 -5.77
N ALA A 386 -11.53 34.52 -5.25
CA ALA A 386 -10.25 34.28 -5.96
C ALA A 386 -10.46 33.32 -7.14
N TRP A 387 -11.27 32.28 -6.96
CA TRP A 387 -11.61 31.42 -8.11
C TRP A 387 -12.36 32.22 -9.16
N ASP A 388 -13.25 33.15 -8.79
CA ASP A 388 -13.89 34.03 -9.81
C ASP A 388 -12.82 34.77 -10.62
N LEU A 389 -11.77 35.30 -9.98
CA LEU A 389 -10.67 35.99 -10.68
C LEU A 389 -9.99 35.02 -11.67
N VAL A 390 -9.74 33.77 -11.27
CA VAL A 390 -9.23 32.72 -12.19
C VAL A 390 -10.15 32.54 -13.38
N ALA A 391 -11.47 32.39 -13.16
CA ALA A 391 -12.47 32.27 -14.25
C ALA A 391 -12.24 33.39 -15.28
N GLN A 392 -11.85 34.58 -14.83
CA GLN A 392 -11.67 35.79 -15.68
C GLN A 392 -10.24 35.92 -16.21
N GLY A 393 -9.32 35.05 -15.83
CA GLY A 393 -7.88 35.23 -16.10
C GLY A 393 -7.30 36.48 -15.47
N ARG A 394 -7.73 36.86 -14.26
CA ARG A 394 -7.27 38.08 -13.58
C ARG A 394 -6.72 37.85 -12.18
N LEU A 395 -6.44 36.60 -11.75
CA LEU A 395 -5.91 36.40 -10.39
C LEU A 395 -4.50 36.98 -10.30
N THR A 396 -4.17 37.67 -9.21
CA THR A 396 -2.80 38.11 -8.90
C THR A 396 -2.52 37.77 -7.44
N ARG A 397 -1.24 37.72 -7.07
CA ARG A 397 -0.84 37.55 -5.65
C ARG A 397 -1.43 38.69 -4.81
N GLU A 398 -1.34 39.92 -5.30
CA GLU A 398 -1.91 41.13 -4.66
C GLU A 398 -3.43 40.88 -4.41
N ALA A 399 -4.17 40.44 -5.43
CA ALA A 399 -5.64 40.36 -5.27
C ALA A 399 -5.97 39.30 -4.22
N LEU A 400 -5.24 38.19 -4.21
CA LEU A 400 -5.39 37.08 -3.24
C LEU A 400 -4.98 37.54 -1.82
N LYS A 401 -3.91 38.29 -1.70
CA LYS A 401 -3.51 38.85 -0.39
C LYS A 401 -4.70 39.67 0.13
N ASP A 402 -5.30 40.51 -0.72
CA ASP A 402 -6.34 41.48 -0.27
C ASP A 402 -7.55 40.69 0.21
N LEU A 403 -7.95 39.64 -0.53
CA LEU A 403 -9.11 38.76 -0.15
C LEU A 403 -8.81 38.02 1.16
N MET A 404 -7.60 37.51 1.33
CA MET A 404 -7.29 36.76 2.56
C MET A 404 -7.11 37.74 3.72
N ASP A 405 -6.79 39.01 3.47
CA ASP A 405 -6.74 40.04 4.55
C ASP A 405 -8.16 40.30 5.07
N LYS A 406 -9.15 40.38 4.20
CA LYS A 406 -10.57 40.57 4.61
C LYS A 406 -11.05 39.32 5.33
N ALA A 407 -10.68 38.14 4.83
CA ALA A 407 -11.02 36.87 5.53
C ALA A 407 -10.41 36.90 6.93
N SER A 408 -9.14 37.26 7.04
CA SER A 408 -8.41 37.28 8.34
C SER A 408 -9.13 38.20 9.34
N ALA A 409 -9.54 39.40 8.89
CA ALA A 409 -10.13 40.43 9.80
C ALA A 409 -11.46 39.86 10.30
N ALA A 410 -12.21 39.15 9.45
CA ALA A 410 -13.52 38.59 9.84
C ALA A 410 -13.25 37.44 10.80
N ILE A 411 -12.34 36.53 10.44
CA ILE A 411 -12.01 35.33 11.26
C ILE A 411 -11.48 35.77 12.64
N ASN A 412 -10.66 36.82 12.73
CA ASN A 412 -10.10 37.23 14.06
C ASN A 412 -11.26 37.64 14.98
N GLN A 413 -12.28 38.25 14.38
CA GLN A 413 -13.51 38.75 15.03
C GLN A 413 -14.32 37.56 15.53
N ALA A 414 -14.67 36.63 14.64
CA ALA A 414 -15.42 35.35 14.90
C ALA A 414 -14.88 34.56 16.08
N LEU A 415 -13.57 34.68 16.35
CA LEU A 415 -12.84 34.01 17.45
C LEU A 415 -12.87 34.89 18.70
N THR B 4 33.90 39.31 30.55
CA THR B 4 34.35 38.12 29.76
C THR B 4 33.35 36.96 29.94
N LEU B 5 32.96 36.29 28.84
CA LEU B 5 32.27 34.99 28.78
C LEU B 5 33.22 33.95 28.18
N GLU B 6 33.06 32.68 28.59
CA GLU B 6 33.69 31.49 27.94
C GLU B 6 32.57 30.63 27.33
N VAL B 7 32.70 30.29 26.04
CA VAL B 7 31.76 29.35 25.34
C VAL B 7 32.55 28.19 24.74
N TRP B 8 32.09 26.95 25.00
CA TRP B 8 32.64 25.72 24.41
C TRP B 8 31.73 25.29 23.26
N ILE B 9 32.31 25.11 22.08
CA ILE B 9 31.53 24.65 20.90
C ILE B 9 32.22 23.42 20.27
N MET B 10 31.49 22.74 19.40
CA MET B 10 32.03 21.66 18.54
C MET B 10 32.38 22.24 17.16
N PRO B 11 33.17 21.53 16.31
CA PRO B 11 33.57 22.04 14.99
C PRO B 11 32.39 22.12 14.00
N ASN B 12 31.50 23.11 14.18
CA ASN B 12 30.18 23.14 13.50
C ASN B 12 30.30 23.65 12.05
N SER B 13 31.41 24.33 11.73
CA SER B 13 31.72 24.98 10.43
C SER B 13 33.17 24.72 10.07
N PRO B 14 33.61 24.95 8.81
CA PRO B 14 34.99 24.64 8.40
C PRO B 14 36.09 25.37 9.20
N GLN B 15 35.91 26.67 9.51
CA GLN B 15 36.82 27.47 10.37
C GLN B 15 36.13 27.81 11.70
N PRO B 16 35.86 26.81 12.57
CA PRO B 16 34.73 26.89 13.49
C PRO B 16 34.83 28.02 14.53
N ALA B 17 36.04 28.36 14.96
CA ALA B 17 36.30 29.41 15.98
C ALA B 17 36.10 30.77 15.33
N GLU B 18 36.79 31.01 14.23
CA GLU B 18 36.69 32.23 13.39
C GLU B 18 35.23 32.58 13.11
N ASP B 19 34.45 31.58 12.69
CA ASP B 19 33.01 31.72 12.33
C ASP B 19 32.20 32.16 13.57
N PHE B 20 32.48 31.54 14.71
CA PHE B 20 31.79 31.85 16.00
C PHE B 20 32.15 33.27 16.46
N LYS B 21 33.41 33.69 16.31
CA LYS B 21 33.91 35.03 16.75
C LYS B 21 33.18 36.11 15.95
N ALA B 22 33.05 35.90 14.63
CA ALA B 22 32.27 36.73 13.68
C ALA B 22 30.78 36.74 14.08
N LEU B 23 30.21 35.61 14.43
CA LEU B 23 28.76 35.50 14.76
C LEU B 23 28.45 36.38 15.98
N VAL B 24 29.35 36.48 16.97
CA VAL B 24 29.06 37.15 18.29
C VAL B 24 29.74 38.52 18.33
N ALA B 25 30.33 38.99 17.23
CA ALA B 25 30.97 40.32 17.17
C ALA B 25 29.96 41.42 17.52
N PRO B 26 28.72 41.44 16.96
CA PRO B 26 27.71 42.46 17.28
C PRO B 26 27.29 42.47 18.76
N PHE B 27 27.27 41.31 19.39
CA PHE B 27 26.98 41.14 20.83
C PHE B 27 28.15 41.66 21.67
N GLU B 28 29.40 41.27 21.35
CA GLU B 28 30.65 41.74 22.01
C GLU B 28 30.70 43.28 22.07
N LYS B 29 30.54 43.91 20.92
CA LYS B 29 30.48 45.37 20.66
C LYS B 29 29.36 45.99 21.51
N ALA B 30 28.14 45.43 21.42
CA ALA B 30 26.86 46.03 21.92
C ALA B 30 26.67 45.81 23.42
N HIS B 31 27.33 44.82 24.03
CA HIS B 31 27.29 44.55 25.51
C HIS B 31 28.66 44.89 26.15
N GLY B 32 29.63 45.39 25.36
CA GLY B 32 31.00 45.76 25.78
C GLY B 32 31.73 44.62 26.46
N VAL B 33 31.81 43.45 25.82
CA VAL B 33 32.42 42.26 26.47
C VAL B 33 33.18 41.42 25.42
N GLU B 34 34.23 40.73 25.85
CA GLU B 34 34.99 39.74 25.03
C GLU B 34 34.33 38.37 25.28
N VAL B 35 34.16 37.56 24.23
CA VAL B 35 33.59 36.17 24.29
C VAL B 35 34.69 35.20 23.84
N LYS B 36 35.38 34.57 24.79
CA LYS B 36 36.44 33.57 24.52
C LYS B 36 35.73 32.28 24.13
N VAL B 37 36.10 31.68 22.99
CA VAL B 37 35.53 30.39 22.50
C VAL B 37 36.63 29.33 22.58
N THR B 38 36.30 28.10 22.96
CA THR B 38 37.21 26.92 22.89
C THR B 38 36.49 25.88 22.03
N VAL B 39 37.20 25.26 21.09
CA VAL B 39 36.61 24.27 20.13
C VAL B 39 37.02 22.88 20.57
N LEU B 40 36.03 22.03 20.87
CA LEU B 40 36.22 20.62 21.27
C LEU B 40 35.80 19.74 20.10
N ASP B 41 36.65 18.80 19.69
CA ASP B 41 36.26 17.72 18.74
C ASP B 41 35.04 17.00 19.31
N TRP B 42 34.19 16.52 18.42
CA TRP B 42 33.05 15.66 18.79
C TRP B 42 33.58 14.42 19.55
N GLY B 43 34.79 13.98 19.18
CA GLY B 43 35.48 12.83 19.79
C GLY B 43 35.52 12.87 21.31
N VAL B 44 35.71 14.06 21.90
CA VAL B 44 36.10 14.24 23.32
C VAL B 44 35.23 15.33 23.97
N ALA B 45 34.15 15.76 23.34
CA ALA B 45 33.28 16.83 23.87
C ALA B 45 32.36 16.41 25.01
N TRP B 46 31.80 15.20 24.95
CA TRP B 46 31.08 14.47 26.03
C TRP B 46 32.00 14.47 27.28
N THR B 47 33.29 14.16 27.12
CA THR B 47 34.24 14.03 28.25
C THR B 47 34.58 15.37 28.86
N LYS B 48 34.91 16.36 28.06
CA LYS B 48 35.32 17.68 28.59
C LYS B 48 34.11 18.28 29.30
N ILE B 49 32.91 18.13 28.75
CA ILE B 49 31.67 18.75 29.31
C ILE B 49 31.33 18.07 30.64
N THR B 50 31.37 16.75 30.65
CA THR B 50 31.12 15.92 31.84
C THR B 50 32.13 16.30 32.92
N THR B 51 33.42 16.33 32.59
CA THR B 51 34.51 16.72 33.54
C THR B 51 34.23 18.12 34.10
N ALA B 52 33.73 19.06 33.29
CA ALA B 52 33.42 20.42 33.78
C ALA B 52 32.27 20.30 34.76
N ALA B 53 31.29 19.47 34.46
CA ALA B 53 30.12 19.27 35.34
C ALA B 53 30.55 18.72 36.70
N THR B 54 31.32 17.65 36.79
CA THR B 54 31.72 17.04 38.09
C THR B 54 32.73 17.92 38.81
N SER B 55 33.70 18.51 38.11
CA SER B 55 34.76 19.35 38.74
C SER B 55 34.19 20.72 39.15
N GLY B 56 33.06 21.13 38.57
CA GLY B 56 32.50 22.48 38.76
C GLY B 56 33.43 23.56 38.23
N VAL B 57 34.34 23.20 37.31
CA VAL B 57 35.24 24.15 36.59
C VAL B 57 35.00 24.00 35.08
N GLY B 58 34.61 25.10 34.43
CA GLY B 58 34.62 25.18 32.96
C GLY B 58 34.07 26.50 32.46
N PRO B 59 33.37 26.51 31.32
CA PRO B 59 32.91 27.73 30.67
C PRO B 59 31.60 28.19 31.29
N ASP B 60 31.09 29.33 30.83
CA ASP B 60 29.75 29.87 31.21
C ASP B 60 28.69 29.08 30.41
N LEU B 61 28.86 29.03 29.10
CA LEU B 61 27.99 28.28 28.16
C LEU B 61 28.77 27.12 27.56
N THR B 62 28.06 26.06 27.19
CA THR B 62 28.60 24.94 26.40
C THR B 62 27.56 24.52 25.39
N GLN B 63 28.03 24.15 24.22
CA GLN B 63 27.19 23.41 23.26
C GLN B 63 26.95 21.98 23.83
N LEU B 64 25.81 21.40 23.46
CA LEU B 64 25.37 20.03 23.79
C LEU B 64 24.73 19.41 22.55
N GLY B 65 25.10 18.18 22.18
CA GLY B 65 24.22 17.40 21.30
C GLY B 65 22.83 17.34 21.92
N THR B 66 21.79 17.44 21.11
CA THR B 66 20.41 17.34 21.61
C THR B 66 20.27 16.14 22.52
N THR B 67 20.82 15.00 22.18
CA THR B 67 20.57 13.74 22.96
C THR B 67 21.26 13.71 24.34
N TRP B 68 22.17 14.65 24.66
CA TRP B 68 22.94 14.74 25.94
C TRP B 68 22.24 15.63 27.00
N VAL B 69 21.21 16.39 26.63
CA VAL B 69 20.59 17.37 27.56
C VAL B 69 20.03 16.66 28.82
N GLY B 70 19.40 15.51 28.66
CA GLY B 70 18.84 14.81 29.82
C GLY B 70 19.94 14.44 30.77
N ALA B 71 21.03 13.87 30.25
CA ALA B 71 22.16 13.38 31.07
C ALA B 71 22.78 14.56 31.84
N ILE B 72 23.17 15.65 31.18
CA ILE B 72 23.85 16.78 31.87
C ILE B 72 22.86 17.43 32.84
N SER B 73 21.58 17.47 32.52
CA SER B 73 20.58 18.14 33.37
C SER B 73 20.49 17.41 34.71
N ALA B 74 20.47 16.09 34.64
CA ALA B 74 20.29 15.22 35.82
C ALA B 74 21.50 15.34 36.78
N MET B 75 22.65 15.79 36.27
CA MET B 75 23.91 15.90 37.07
C MET B 75 23.82 17.11 38.00
N GLY B 76 22.78 17.94 37.91
CA GLY B 76 22.56 19.08 38.82
C GLY B 76 23.46 20.28 38.56
N VAL B 77 23.83 20.50 37.30
CA VAL B 77 24.85 21.53 36.94
C VAL B 77 24.28 22.56 35.95
N LEU B 78 23.02 22.49 35.53
CA LEU B 78 22.54 23.49 34.54
C LEU B 78 21.53 24.44 35.19
N GLU B 79 21.72 25.74 34.94
CA GLU B 79 20.76 26.84 35.20
C GLU B 79 19.50 26.62 34.38
N PRO B 80 18.30 26.80 34.96
CA PRO B 80 17.07 26.96 34.19
C PRO B 80 17.16 28.12 33.19
N VAL B 81 16.50 27.96 32.03
CA VAL B 81 16.50 28.97 30.94
C VAL B 81 15.09 29.12 30.39
N ASP B 82 14.07 28.87 31.19
CA ASP B 82 12.66 29.24 30.86
C ASP B 82 12.54 30.70 30.37
N ASP B 83 13.16 31.64 31.11
CA ASP B 83 13.11 33.10 30.82
C ASP B 83 13.62 33.32 29.39
N VAL B 84 14.69 32.63 28.97
CA VAL B 84 15.29 32.82 27.63
C VAL B 84 14.35 32.22 26.57
N LEU B 85 13.73 31.08 26.86
CA LEU B 85 12.82 30.44 25.89
C LEU B 85 11.58 31.31 25.69
N GLU B 86 10.91 31.70 26.76
CA GLU B 86 9.76 32.65 26.70
C GLU B 86 10.11 33.87 25.83
N ALA B 87 11.25 34.50 26.11
CA ALA B 87 11.79 35.71 25.45
C ALA B 87 11.95 35.49 23.93
N LEU B 88 12.03 34.22 23.48
CA LEU B 88 12.19 33.84 22.04
C LEU B 88 10.89 33.27 21.45
N GLY B 89 9.78 33.29 22.21
CA GLY B 89 8.45 32.84 21.73
C GLY B 89 7.92 31.61 22.45
N GLY B 90 8.72 30.99 23.31
CA GLY B 90 8.26 29.80 24.05
C GLY B 90 8.05 28.66 23.08
N GLU B 91 7.18 27.71 23.45
CA GLU B 91 7.03 26.37 22.80
C GLU B 91 6.74 26.49 21.29
N LYS B 92 5.75 27.33 20.94
CA LYS B 92 5.18 27.52 19.56
C LYS B 92 6.28 27.92 18.56
N ALA B 93 7.36 28.57 19.02
CA ALA B 93 8.46 29.11 18.18
C ALA B 93 9.33 28.00 17.62
N TYR B 94 9.21 26.76 18.12
CA TYR B 94 10.13 25.64 17.77
C TYR B 94 9.35 24.45 17.25
N LEU B 95 9.92 23.65 16.34
CA LEU B 95 9.42 22.26 16.10
C LEU B 95 9.22 21.54 17.44
N PRO B 96 8.19 20.67 17.58
CA PRO B 96 8.07 19.80 18.77
C PRO B 96 9.26 18.85 18.98
N ALA B 97 9.87 18.34 17.90
CA ALA B 97 11.09 17.49 17.98
C ALA B 97 12.28 18.33 18.48
N VAL B 98 12.24 19.66 18.38
CA VAL B 98 13.32 20.52 18.94
C VAL B 98 12.99 20.80 20.41
N TRP B 99 11.74 21.14 20.72
CA TRP B 99 11.29 21.52 22.07
C TRP B 99 11.44 20.42 23.12
N ARG B 100 11.23 19.18 22.69
CA ARG B 100 11.50 17.91 23.44
C ARG B 100 12.89 17.96 24.07
N THR B 101 13.90 18.57 23.40
CA THR B 101 15.34 18.48 23.79
C THR B 101 15.78 19.68 24.64
N THR B 102 14.87 20.55 25.07
CA THR B 102 15.21 21.71 25.94
C THR B 102 15.25 21.29 27.42
N ARG B 103 14.79 20.08 27.76
CA ARG B 103 14.75 19.65 29.17
C ARG B 103 14.98 18.14 29.31
N LEU B 104 15.32 17.73 30.54
CA LEU B 104 15.20 16.34 31.01
C LEU B 104 13.72 15.90 30.91
N GLU B 105 13.42 14.75 30.30
CA GLU B 105 11.99 14.39 30.01
C GLU B 105 11.19 14.53 31.29
N GLY B 106 10.14 15.37 31.29
CA GLY B 106 9.15 15.55 32.37
C GLY B 106 9.68 16.37 33.53
N ALA B 107 10.59 17.31 33.27
CA ALA B 107 11.09 18.26 34.30
C ALA B 107 10.33 19.57 34.16
N ARG B 108 10.06 20.22 35.30
CA ARG B 108 9.37 21.53 35.42
C ARG B 108 10.06 22.52 34.48
N GLN B 109 11.39 22.62 34.56
CA GLN B 109 12.17 23.74 34.02
C GLN B 109 12.99 23.26 32.81
N ALA B 110 13.28 24.18 31.91
CA ALA B 110 14.15 24.02 30.73
C ALA B 110 15.62 24.15 31.14
N THR B 111 16.52 23.33 30.60
CA THR B 111 17.97 23.43 30.92
C THR B 111 18.82 23.75 29.68
N ALA B 112 18.23 23.79 28.50
CA ALA B 112 18.94 24.05 27.22
C ALA B 112 18.10 24.87 26.20
N VAL B 113 18.77 25.80 25.53
CA VAL B 113 18.24 26.70 24.47
C VAL B 113 18.66 26.14 23.12
N PRO B 114 17.70 25.88 22.20
CA PRO B 114 18.02 25.27 20.90
C PRO B 114 18.92 26.20 20.08
N TRP B 115 20.00 25.65 19.53
CA TRP B 115 20.98 26.46 18.77
C TRP B 115 20.80 26.20 17.26
N PHE B 116 21.03 24.99 16.78
CA PHE B 116 20.74 24.60 15.37
C PHE B 116 20.30 23.14 15.31
N SER B 117 19.67 22.75 14.21
CA SER B 117 19.26 21.35 13.90
C SER B 117 20.04 20.85 12.69
N GLU B 118 20.11 19.53 12.57
CA GLU B 118 20.75 18.80 11.45
C GLU B 118 19.96 17.52 11.37
N LEU B 119 19.76 16.95 10.19
CA LEU B 119 19.03 15.67 10.04
C LEU B 119 19.64 14.96 8.87
N ARG B 120 19.31 13.70 8.71
CA ARG B 120 20.01 12.83 7.75
C ARG B 120 19.14 12.63 6.50
N ALA B 121 19.80 12.69 5.34
CA ALA B 121 19.20 12.31 4.06
C ALA B 121 20.25 11.60 3.19
N PHE B 122 19.80 11.06 2.09
CA PHE B 122 20.65 10.37 1.13
C PHE B 122 21.23 11.35 0.14
N TYR B 123 22.54 11.46 0.10
CA TYR B 123 23.27 12.05 -1.02
C TYR B 123 23.46 10.95 -2.07
N TYR B 124 23.38 11.30 -3.35
CA TYR B 124 23.51 10.36 -4.48
C TYR B 124 24.19 11.03 -5.68
N ARG B 125 24.90 10.21 -6.43
CA ARG B 125 25.52 10.62 -7.71
C ARG B 125 24.47 10.61 -8.82
N THR B 126 24.16 11.78 -9.37
CA THR B 126 23.10 11.97 -10.38
C THR B 126 23.51 11.28 -11.67
N ASP B 127 24.82 11.24 -11.95
CA ASP B 127 25.44 10.62 -13.17
C ASP B 127 25.29 9.10 -13.07
N ALA B 128 25.66 8.52 -11.91
CA ALA B 128 25.56 7.08 -11.62
C ALA B 128 24.11 6.61 -11.76
N LEU B 129 23.14 7.32 -11.19
CA LEU B 129 21.73 6.86 -11.29
C LEU B 129 21.24 6.99 -12.73
N LYS B 130 21.53 8.11 -13.40
CA LYS B 130 21.21 8.34 -14.83
C LYS B 130 21.71 7.15 -15.68
N ALA B 131 22.98 6.74 -15.47
CA ALA B 131 23.66 5.70 -16.27
C ALA B 131 23.13 4.29 -15.93
N ALA B 132 22.63 4.04 -14.73
CA ALA B 132 22.00 2.74 -14.37
C ALA B 132 20.53 2.77 -14.77
N GLY B 133 20.00 3.92 -15.25
CA GLY B 133 18.58 4.08 -15.57
C GLY B 133 17.70 3.91 -14.34
N VAL B 134 18.10 4.56 -13.25
CA VAL B 134 17.34 4.64 -11.98
C VAL B 134 16.75 6.06 -11.89
N ASN B 135 15.44 6.16 -11.69
CA ASN B 135 14.80 7.45 -11.39
C ASN B 135 15.00 7.63 -9.88
N PRO B 136 15.74 8.67 -9.45
CA PRO B 136 15.93 8.90 -8.04
C PRO B 136 14.59 8.99 -7.29
N ALA B 137 13.56 9.64 -7.84
CA ALA B 137 12.33 9.79 -7.05
C ALA B 137 11.79 8.38 -6.82
N GLU B 138 11.96 7.45 -7.77
CA GLU B 138 11.45 6.07 -7.61
C GLU B 138 12.29 5.31 -6.59
N MET B 139 13.60 5.38 -6.71
CA MET B 139 14.53 4.70 -5.79
C MET B 139 14.30 5.11 -4.34
N PHE B 140 14.04 6.38 -4.04
CA PHE B 140 13.98 6.92 -2.66
C PHE B 140 12.52 7.10 -2.22
N ALA B 141 11.58 6.49 -2.95
CA ALA B 141 10.13 6.63 -2.66
C ALA B 141 9.81 5.56 -1.62
N SER B 142 10.40 4.36 -1.77
CA SER B 142 9.99 3.15 -1.00
C SER B 142 11.19 2.21 -0.78
N TRP B 143 11.07 1.30 0.17
CA TRP B 143 12.07 0.22 0.41
C TRP B 143 12.22 -0.61 -0.86
N GLN B 144 11.10 -0.96 -1.50
CA GLN B 144 11.11 -1.79 -2.72
C GLN B 144 11.90 -1.04 -3.80
N GLY B 145 11.66 0.27 -3.91
CA GLY B 145 12.32 1.17 -4.86
C GLY B 145 13.82 1.23 -4.61
N PHE B 146 14.18 1.30 -3.33
CA PHE B 146 15.57 1.51 -2.86
C PHE B 146 16.38 0.30 -3.25
N GLU B 147 15.88 -0.89 -2.91
CA GLU B 147 16.60 -2.17 -3.14
C GLU B 147 16.72 -2.34 -4.65
N ALA B 148 15.68 -2.04 -5.42
CA ALA B 148 15.68 -2.09 -6.91
C ALA B 148 16.75 -1.15 -7.48
N GLY B 149 16.92 0.03 -6.88
CA GLY B 149 17.95 1.00 -7.32
C GLY B 149 19.31 0.40 -7.11
N LEU B 150 19.54 -0.13 -5.94
CA LEU B 150 20.87 -0.65 -5.59
C LEU B 150 21.19 -1.84 -6.50
N ALA B 151 20.22 -2.68 -6.82
CA ALA B 151 20.46 -3.87 -7.67
C ALA B 151 20.95 -3.33 -9.01
N ARG B 152 20.27 -2.33 -9.55
CA ARG B 152 20.60 -1.78 -10.89
C ARG B 152 21.94 -1.03 -10.77
N LEU B 153 22.15 -0.31 -9.68
CA LEU B 153 23.44 0.38 -9.41
C LEU B 153 24.61 -0.64 -9.29
N LYS B 154 24.43 -1.82 -8.69
CA LYS B 154 25.51 -2.85 -8.54
C LYS B 154 25.92 -3.36 -9.92
N ALA B 155 24.94 -3.48 -10.81
CA ALA B 155 25.01 -4.12 -12.13
C ALA B 155 25.56 -3.18 -13.21
N SER B 156 25.35 -1.86 -13.12
CA SER B 156 25.77 -0.77 -14.06
C SER B 156 27.26 -0.86 -14.38
N SER B 157 27.66 -0.53 -15.60
CA SER B 157 29.07 -0.52 -16.11
C SER B 157 29.71 0.82 -15.76
N PHE B 158 28.95 1.71 -15.15
CA PHE B 158 29.36 3.11 -15.01
C PHE B 158 30.70 3.14 -14.28
N ARG B 159 31.56 4.08 -14.65
CA ARG B 159 32.86 4.28 -14.01
C ARG B 159 32.96 5.77 -13.71
N ASP B 160 33.26 6.17 -12.48
CA ASP B 160 33.64 7.57 -12.18
C ASP B 160 34.67 8.00 -13.21
N PRO B 161 34.53 9.16 -13.88
CA PRO B 161 35.52 9.61 -14.85
C PRO B 161 36.92 9.93 -14.26
N GLU B 162 37.05 10.23 -12.97
CA GLU B 162 38.37 10.45 -12.33
C GLU B 162 39.00 9.11 -11.94
N THR B 163 38.32 8.24 -11.17
CA THR B 163 38.90 6.95 -10.69
C THR B 163 38.99 5.92 -11.82
N LYS B 164 38.20 6.08 -12.88
CA LYS B 164 38.07 5.09 -14.00
C LYS B 164 37.60 3.74 -13.46
N ALA B 165 37.07 3.71 -12.24
CA ALA B 165 36.64 2.48 -11.52
C ALA B 165 35.14 2.57 -11.23
N PRO B 166 34.45 1.45 -10.93
CA PRO B 166 33.07 1.51 -10.50
C PRO B 166 32.94 2.26 -9.17
N LEU B 167 31.67 2.44 -8.82
CA LEU B 167 31.13 2.95 -7.55
C LEU B 167 30.41 1.82 -6.82
N ALA B 168 30.58 1.71 -5.51
CA ALA B 168 29.79 0.76 -4.70
C ALA B 168 28.42 1.38 -4.60
N PRO B 169 27.33 0.59 -4.64
CA PRO B 169 25.99 1.15 -4.69
C PRO B 169 25.74 2.03 -3.47
N LEU B 170 26.00 1.53 -2.28
CA LEU B 170 25.64 2.19 -1.02
C LEU B 170 26.81 2.08 -0.05
N CYS B 171 27.13 3.17 0.64
CA CYS B 171 28.09 3.15 1.75
C CYS B 171 27.33 3.51 2.99
N THR B 172 27.33 2.56 3.89
CA THR B 172 26.75 2.70 5.23
C THR B 172 27.80 2.19 6.19
N PRO B 173 27.92 2.73 7.42
CA PRO B 173 28.86 2.24 8.41
C PRO B 173 28.26 1.00 9.07
N GLY B 174 29.14 0.19 9.65
CA GLY B 174 28.81 -1.13 10.21
C GLY B 174 28.73 -1.05 11.73
N ARG B 175 29.69 -1.64 12.46
CA ARG B 175 29.68 -1.62 13.96
C ARG B 175 30.17 -0.28 14.51
N THR B 176 30.97 0.44 13.72
CA THR B 176 32.01 1.40 14.17
C THR B 176 31.44 2.69 14.76
N PRO B 177 30.36 3.34 14.25
CA PRO B 177 29.71 4.44 14.97
C PRO B 177 29.18 3.97 16.33
N ARG B 178 29.01 4.91 17.26
CA ARG B 178 28.61 4.58 18.65
C ARG B 178 27.21 5.13 18.89
N THR B 179 26.43 5.37 17.83
CA THR B 179 25.02 5.82 17.95
C THR B 179 24.15 4.97 17.05
N LEU B 180 22.85 5.05 17.20
CA LEU B 180 21.85 4.49 16.25
C LEU B 180 21.41 5.50 15.17
N HIS B 181 22.19 6.54 14.83
CA HIS B 181 21.71 7.55 13.85
C HIS B 181 21.42 6.91 12.50
N ASN B 182 22.31 6.06 12.05
CA ASN B 182 22.26 5.31 10.78
C ASN B 182 21.18 4.24 10.85
N ALA B 183 20.93 3.61 12.01
CA ALA B 183 19.98 2.49 12.03
C ALA B 183 18.56 2.93 12.38
N ALA B 184 18.40 3.99 13.15
CA ALA B 184 17.06 4.37 13.67
C ALA B 184 16.04 4.48 12.53
N PRO B 185 16.35 5.15 11.39
CA PRO B 185 15.34 5.36 10.37
C PRO B 185 14.70 4.03 9.93
N TRP B 186 15.50 2.99 9.81
CA TRP B 186 14.97 1.68 9.38
C TRP B 186 14.06 1.12 10.49
N ILE B 187 14.39 1.36 11.75
CA ILE B 187 13.52 0.85 12.85
C ILE B 187 12.18 1.56 12.77
N TRP B 188 12.21 2.89 12.65
CA TRP B 188 11.02 3.77 12.61
C TRP B 188 10.20 3.49 11.35
N GLY B 189 10.85 3.52 10.19
CA GLY B 189 10.23 3.19 8.91
C GLY B 189 9.37 1.94 8.99
N ALA B 190 9.78 0.91 9.72
CA ALA B 190 9.07 -0.38 9.82
C ALA B 190 7.95 -0.36 10.86
N GLY B 191 7.79 0.71 11.62
CA GLY B 191 6.71 0.82 12.63
C GLY B 191 7.26 0.58 14.01
N GLY B 192 8.56 0.54 14.13
CA GLY B 192 9.23 0.12 15.35
C GLY B 192 9.71 1.34 16.07
N GLU B 193 10.36 1.12 17.20
CA GLU B 193 10.96 2.20 18.00
C GLU B 193 11.98 1.57 18.93
N ILE B 194 12.85 2.40 19.48
CA ILE B 194 13.97 1.94 20.35
C ILE B 194 13.40 1.73 21.76
N VAL B 195 12.70 2.75 22.27
CA VAL B 195 12.00 2.67 23.58
C VAL B 195 10.52 3.06 23.40
N ARG B 196 9.66 2.46 24.19
CA ARG B 196 8.21 2.73 24.23
C ARG B 196 7.86 3.14 25.66
N GLN B 197 7.12 4.23 25.84
CA GLN B 197 6.62 4.65 27.18
C GLN B 197 5.24 4.00 27.40
N ALA B 198 5.16 3.00 28.28
CA ALA B 198 3.88 2.42 28.77
C ALA B 198 3.64 2.76 30.26
N GLY B 199 2.65 3.63 30.51
CA GLY B 199 2.20 4.05 31.86
C GLY B 199 3.32 4.58 32.72
N GLY B 200 4.10 5.57 32.24
CA GLY B 200 5.13 6.29 33.03
C GLY B 200 6.55 5.79 32.78
N ARG B 201 6.76 4.47 32.84
CA ARG B 201 8.09 3.83 32.64
C ARG B 201 8.34 3.57 31.16
N TRP B 202 9.59 3.72 30.75
CA TRP B 202 10.07 3.40 29.39
C TRP B 202 10.60 1.96 29.35
N GLN B 203 10.43 1.24 28.23
CA GLN B 203 11.04 -0.10 28.00
C GLN B 203 11.59 -0.19 26.58
N SER B 204 12.56 -1.07 26.34
CA SER B 204 13.05 -1.40 24.98
C SER B 204 11.86 -1.83 24.14
N ALA B 205 11.84 -1.41 22.87
CA ALA B 205 10.98 -1.99 21.81
C ALA B 205 11.86 -2.50 20.67
N LEU B 206 13.18 -2.51 20.82
CA LEU B 206 14.12 -3.01 19.78
C LEU B 206 13.83 -4.44 19.38
N ASN B 207 13.19 -5.24 20.23
CA ASN B 207 12.90 -6.66 19.87
C ASN B 207 11.44 -6.83 19.43
N SER B 208 10.74 -5.74 19.10
CA SER B 208 9.38 -5.85 18.54
C SER B 208 9.53 -6.46 17.15
N PRO B 209 8.56 -7.24 16.65
CA PRO B 209 8.57 -7.65 15.25
C PRO B 209 8.84 -6.51 14.27
N GLU B 210 8.28 -5.33 14.48
CA GLU B 210 8.42 -4.20 13.51
C GLU B 210 9.88 -3.72 13.54
N SER B 211 10.47 -3.51 14.72
CA SER B 211 11.88 -3.05 14.81
C SER B 211 12.80 -4.11 14.19
N LEU B 212 12.53 -5.41 14.35
CA LEU B 212 13.39 -6.49 13.80
C LEU B 212 13.30 -6.55 12.28
N GLU B 213 12.21 -6.14 11.70
CA GLU B 213 12.03 -6.11 10.24
C GLU B 213 12.83 -4.91 9.68
N GLY B 214 12.83 -3.79 10.39
CA GLY B 214 13.59 -2.59 10.04
C GLY B 214 15.09 -2.86 10.12
N LEU B 215 15.55 -3.37 11.28
CA LEU B 215 17.00 -3.67 11.39
C LEU B 215 17.38 -4.69 10.33
N TYR B 216 16.59 -5.71 10.14
CA TYR B 216 17.04 -6.82 9.28
C TYR B 216 17.08 -6.31 7.84
N PHE B 217 16.15 -5.46 7.45
CA PHE B 217 16.14 -4.88 6.09
C PHE B 217 17.44 -4.10 5.89
N PHE B 218 17.78 -3.22 6.81
CA PHE B 218 19.01 -2.41 6.75
C PHE B 218 20.24 -3.31 6.68
N LEU B 219 20.41 -4.28 7.59
CA LEU B 219 21.60 -5.17 7.63
C LEU B 219 21.61 -6.06 6.39
N SER B 220 20.46 -6.47 5.92
CA SER B 220 20.32 -7.36 4.74
C SER B 220 20.90 -6.65 3.48
N LEU B 221 20.89 -5.31 3.38
CA LEU B 221 21.45 -4.65 2.17
C LEU B 221 22.93 -4.98 2.08
N ALA B 222 23.59 -5.16 3.20
CA ALA B 222 25.00 -5.56 3.23
C ALA B 222 25.13 -7.00 2.74
N GLN B 223 24.23 -7.91 3.13
CA GLN B 223 24.38 -9.38 2.85
C GLN B 223 24.22 -9.59 1.35
N LYS B 224 23.36 -8.80 0.71
CA LYS B 224 23.05 -8.82 -0.73
C LYS B 224 24.19 -8.18 -1.55
N GLY B 225 25.22 -7.63 -0.88
CA GLY B 225 26.41 -7.06 -1.52
C GLY B 225 26.20 -5.70 -2.13
N TYR B 226 25.22 -4.93 -1.68
CA TYR B 226 25.04 -3.53 -2.13
C TYR B 226 25.98 -2.60 -1.34
N VAL B 227 26.62 -3.11 -0.28
CA VAL B 227 27.54 -2.37 0.63
C VAL B 227 28.87 -3.10 0.64
N PRO B 228 29.99 -2.41 0.37
CA PRO B 228 31.25 -3.11 0.27
C PRO B 228 31.83 -3.32 1.66
N ALA B 229 32.56 -4.41 1.85
CA ALA B 229 33.26 -4.73 3.12
C ALA B 229 33.91 -3.46 3.67
N GLU B 230 34.63 -2.71 2.85
CA GLU B 230 35.51 -1.68 3.44
C GLU B 230 34.67 -0.60 4.11
N SER B 231 33.42 -0.39 3.69
CA SER B 231 32.48 0.61 4.30
C SER B 231 32.11 0.21 5.72
N LEU B 232 31.99 -1.08 5.98
CA LEU B 232 31.46 -1.59 7.25
C LEU B 232 32.51 -1.32 8.31
N GLU B 233 33.70 -0.88 7.90
CA GLU B 233 34.85 -0.66 8.81
C GLU B 233 34.98 0.84 9.12
N LYS B 234 34.10 1.69 8.61
CA LYS B 234 34.26 3.16 8.69
C LYS B 234 33.09 3.79 9.43
N ASN B 235 33.28 5.08 9.79
CA ASN B 235 32.25 5.96 10.43
C ASN B 235 31.77 6.97 9.39
N THR B 236 30.75 7.78 9.71
CA THR B 236 30.13 8.72 8.74
C THR B 236 31.19 9.64 8.09
N ALA B 237 32.17 10.18 8.81
CA ALA B 237 33.15 11.14 8.24
C ALA B 237 34.02 10.47 7.17
N GLN B 238 34.45 9.24 7.43
CA GLN B 238 35.36 8.53 6.49
C GLN B 238 34.55 8.06 5.28
N ILE B 239 33.23 7.88 5.42
CA ILE B 239 32.35 7.51 4.28
C ILE B 239 32.15 8.77 3.43
N GLU B 240 32.00 9.94 4.06
CA GLU B 240 31.96 11.26 3.35
C GLU B 240 33.20 11.38 2.46
N ALA B 241 34.38 11.04 2.97
CA ALA B 241 35.64 11.11 2.19
C ALA B 241 35.51 10.21 0.93
N ASP B 242 34.96 9.01 1.14
CA ASP B 242 34.80 7.95 0.10
C ASP B 242 33.81 8.42 -0.98
N PHE B 243 32.69 9.02 -0.57
CA PHE B 243 31.68 9.56 -1.50
C PHE B 243 32.34 10.66 -2.34
N GLN B 244 33.09 11.54 -1.68
CA GLN B 244 33.67 12.73 -2.31
C GLN B 244 34.78 12.27 -3.25
N ALA B 245 35.40 11.12 -2.94
CA ALA B 245 36.52 10.59 -3.75
C ALA B 245 35.99 9.67 -4.87
N GLY B 246 34.69 9.44 -4.94
CA GLY B 246 34.10 8.82 -6.14
C GLY B 246 33.94 7.33 -6.02
N LYS B 247 33.83 6.83 -4.78
CA LYS B 247 33.84 5.38 -4.50
C LYS B 247 32.42 4.88 -4.21
N CYS B 248 31.45 5.75 -3.89
CA CYS B 248 30.03 5.39 -3.58
C CYS B 248 29.05 6.20 -4.41
N ALA B 249 27.92 5.58 -4.73
CA ALA B 249 26.80 6.14 -5.51
C ALA B 249 25.80 6.78 -4.55
N VAL B 250 25.63 6.19 -3.37
CA VAL B 250 24.65 6.66 -2.39
C VAL B 250 25.23 6.60 -0.98
N PHE B 251 24.96 7.59 -0.15
CA PHE B 251 25.22 7.49 1.30
C PHE B 251 24.49 8.59 2.05
N ALA B 252 24.17 8.32 3.30
CA ALA B 252 23.37 9.18 4.20
C ALA B 252 24.30 10.10 5.02
N SER B 253 24.04 11.40 5.05
CA SER B 253 24.70 12.37 5.96
C SER B 253 23.78 13.58 6.20
N GLY B 254 24.33 14.62 6.83
CA GLY B 254 23.58 15.82 7.15
C GLY B 254 23.88 16.90 6.14
N PRO B 255 23.23 18.08 6.28
CA PRO B 255 23.25 19.10 5.24
C PRO B 255 24.59 19.81 5.04
N TRP B 256 25.54 19.63 5.94
CA TRP B 256 26.87 20.28 5.85
C TRP B 256 27.60 19.97 4.55
N MET B 257 27.36 18.82 3.94
CA MET B 257 28.09 18.45 2.71
C MET B 257 27.78 19.43 1.57
N ILE B 258 26.58 20.01 1.56
CA ILE B 258 26.13 20.91 0.46
C ILE B 258 27.10 22.09 0.33
N GLN B 259 27.42 22.75 1.43
CA GLN B 259 28.43 23.84 1.50
C GLN B 259 29.83 23.30 1.09
N ARG B 260 30.21 22.12 1.56
CA ARG B 260 31.54 21.51 1.29
C ARG B 260 31.71 21.32 -0.22
N ALA B 261 30.61 21.14 -0.96
CA ALA B 261 30.60 20.89 -2.41
C ALA B 261 30.98 22.13 -3.20
N GLN B 262 30.72 23.31 -2.65
CA GLN B 262 30.94 24.58 -3.40
C GLN B 262 32.36 25.09 -3.10
N VAL B 263 33.10 24.44 -2.21
CA VAL B 263 34.42 24.93 -1.69
C VAL B 263 35.54 24.02 -2.21
N PRO B 264 36.70 24.57 -2.63
CA PRO B 264 37.77 23.77 -3.22
C PRO B 264 38.53 22.89 -2.21
N GLU B 265 39.29 21.93 -2.76
CA GLU B 265 39.99 20.83 -2.02
C GLU B 265 40.90 21.40 -0.94
N ALA B 266 41.55 22.53 -1.24
CA ALA B 266 42.58 23.17 -0.40
C ALA B 266 41.96 24.03 0.71
N LYS B 267 40.65 23.95 0.96
CA LYS B 267 40.04 24.59 2.17
C LYS B 267 39.10 23.61 2.87
N GLY B 268 39.29 22.31 2.65
CA GLY B 268 38.49 21.22 3.27
C GLY B 268 37.23 20.87 2.48
N GLY B 269 37.06 21.38 1.25
CA GLY B 269 35.89 21.05 0.40
C GLY B 269 36.21 20.03 -0.67
N PHE B 270 35.33 19.87 -1.65
CA PHE B 270 35.50 18.87 -2.73
C PHE B 270 34.92 19.35 -4.07
N ALA B 271 34.90 20.68 -4.30
CA ALA B 271 34.45 21.35 -5.54
C ALA B 271 35.13 20.75 -6.76
N GLU B 272 36.41 20.34 -6.68
CA GLU B 272 37.19 19.83 -7.85
C GLU B 272 36.72 18.42 -8.24
N ARG B 273 36.05 17.69 -7.34
CA ARG B 273 35.67 16.26 -7.52
C ARG B 273 34.39 16.13 -8.34
N THR B 274 34.26 15.04 -9.08
CA THR B 274 33.08 14.72 -9.91
C THR B 274 31.83 14.73 -9.03
N ALA B 275 31.88 14.16 -7.84
CA ALA B 275 30.71 14.12 -6.93
C ALA B 275 30.15 15.54 -6.77
N ALA B 276 30.98 16.57 -6.70
CA ALA B 276 30.50 17.97 -6.51
C ALA B 276 29.66 18.45 -7.68
N LYS B 277 29.98 18.11 -8.93
CA LYS B 277 29.18 18.60 -10.08
C LYS B 277 28.04 17.62 -10.41
N ASN B 278 27.78 16.61 -9.59
CA ASN B 278 26.79 15.55 -9.90
C ASN B 278 26.13 15.12 -8.57
N LEU B 279 25.73 16.09 -7.76
CA LEU B 279 25.30 15.87 -6.37
C LEU B 279 23.78 15.96 -6.33
N GLY B 280 23.13 14.89 -5.88
CA GLY B 280 21.70 14.79 -5.62
C GLY B 280 21.50 14.56 -4.15
N VAL B 281 20.31 14.92 -3.64
CA VAL B 281 19.84 14.59 -2.28
C VAL B 281 18.42 14.11 -2.34
N ALA B 282 18.12 13.05 -1.64
CA ALA B 282 16.76 12.50 -1.51
C ALA B 282 16.53 12.13 -0.05
N PRO B 283 15.27 12.16 0.35
CA PRO B 283 14.89 11.81 1.71
C PRO B 283 14.93 10.28 1.85
N TYR B 284 14.93 9.78 3.08
CA TYR B 284 14.97 8.33 3.39
C TYR B 284 13.76 7.71 2.71
N PRO B 285 13.85 6.51 2.12
CA PRO B 285 12.68 5.88 1.51
C PRO B 285 11.61 5.58 2.56
N ALA B 286 10.34 5.63 2.19
CA ALA B 286 9.20 5.21 3.03
C ALA B 286 9.21 3.69 3.20
N GLY B 287 9.29 3.27 4.46
CA GLY B 287 9.09 1.87 4.91
C GLY B 287 7.62 1.59 5.11
N PRO B 288 7.24 0.36 5.52
CA PRO B 288 5.85 -0.02 5.71
C PRO B 288 4.98 1.00 6.47
N LYS B 289 5.49 1.54 7.59
CA LYS B 289 4.64 2.36 8.48
C LYS B 289 5.16 3.79 8.41
N GLY B 290 5.87 4.11 7.34
CA GLY B 290 6.11 5.51 6.94
C GLY B 290 7.57 5.83 6.75
N ARG B 291 7.89 7.10 6.88
CA ARG B 291 9.15 7.67 6.38
C ARG B 291 9.77 8.49 7.51
N TYR B 292 10.95 8.18 7.99
CA TYR B 292 11.53 8.86 9.15
C TYR B 292 13.02 9.08 8.91
N THR B 293 13.59 10.07 9.54
CA THR B 293 15.06 10.22 9.60
C THR B 293 15.41 10.58 11.03
N PHE B 294 16.70 10.51 11.34
CA PHE B 294 17.26 10.98 12.62
C PHE B 294 17.29 12.50 12.54
N PHE B 295 16.58 13.19 13.40
CA PHE B 295 16.64 14.65 13.60
C PHE B 295 17.45 14.98 14.88
N GLY B 296 18.57 15.66 14.73
CA GLY B 296 19.41 16.07 15.87
C GLY B 296 19.83 17.51 15.79
N GLY B 297 21.08 17.79 16.14
CA GLY B 297 21.63 19.15 16.25
C GLY B 297 22.09 19.40 17.66
N SER B 298 22.14 20.65 18.09
CA SER B 298 22.90 21.10 19.29
C SER B 298 22.17 22.27 19.95
N ASN B 299 22.21 22.30 21.27
CA ASN B 299 21.59 23.31 22.13
C ASN B 299 22.74 23.95 22.91
N LEU B 300 22.50 25.11 23.52
CA LEU B 300 23.47 25.77 24.41
C LEU B 300 22.90 25.71 25.81
N ALA B 301 23.74 25.49 26.80
CA ALA B 301 23.34 25.37 28.20
C ALA B 301 24.25 26.27 29.02
N LEU B 302 23.73 26.74 30.16
CA LEU B 302 24.48 27.63 31.06
C LEU B 302 24.72 26.89 32.38
N PHE B 303 26.00 26.73 32.76
CA PHE B 303 26.44 26.03 33.99
C PHE B 303 26.06 26.85 35.21
N ASN B 304 25.52 26.22 36.26
CA ASN B 304 24.96 26.94 37.43
C ASN B 304 26.11 27.48 38.29
N PHE B 305 27.37 27.17 37.99
CA PHE B 305 28.56 27.76 38.68
C PHE B 305 29.12 28.98 37.91
N SER B 306 28.61 29.31 36.74
CA SER B 306 29.01 30.55 36.02
C SER B 306 28.86 31.74 36.98
N LYS B 307 29.81 32.68 36.96
CA LYS B 307 29.75 33.95 37.74
C LYS B 307 29.03 35.03 36.92
N ASN B 308 28.76 34.76 35.64
CA ASN B 308 28.25 35.74 34.65
C ASN B 308 26.87 35.32 34.12
N LYS B 309 25.93 34.99 35.00
CA LYS B 309 24.61 34.46 34.57
C LYS B 309 23.83 35.51 33.77
N PRO B 310 23.59 36.75 34.25
CA PRO B 310 22.84 37.74 33.45
C PRO B 310 23.31 37.86 31.98
N LEU B 311 24.60 38.16 31.83
CA LEU B 311 25.34 38.38 30.55
C LEU B 311 25.22 37.13 29.68
N ALA B 312 25.35 35.97 30.30
CA ALA B 312 25.32 34.66 29.62
C ALA B 312 23.91 34.36 29.12
N LYS B 313 22.87 34.74 29.86
CA LYS B 313 21.47 34.61 29.36
C LYS B 313 21.25 35.61 28.21
N GLU B 314 21.85 36.80 28.28
CA GLU B 314 21.75 37.75 27.14
C GLU B 314 22.27 37.00 25.90
N LEU B 315 23.47 36.44 25.99
CA LEU B 315 24.13 35.79 24.82
C LEU B 315 23.25 34.63 24.30
N LEU B 316 22.61 33.88 25.18
CA LEU B 316 21.67 32.80 24.82
C LEU B 316 20.47 33.36 24.06
N LYS B 317 19.83 34.44 24.54
CA LYS B 317 18.75 35.14 23.78
C LYS B 317 19.28 35.46 22.38
N TYR B 318 20.51 35.93 22.28
CA TYR B 318 21.11 36.43 21.00
C TYR B 318 21.28 35.23 20.04
N LEU B 319 22.02 34.19 20.46
CA LEU B 319 22.37 33.05 19.60
C LEU B 319 21.12 32.25 19.26
N GLY B 320 20.15 32.22 20.18
CA GLY B 320 18.89 31.48 20.01
C GLY B 320 17.86 32.19 19.14
N GLY B 321 18.12 33.46 18.76
CA GLY B 321 17.18 34.40 18.11
C GLY B 321 17.44 34.67 16.62
N PRO B 322 16.51 35.36 15.93
CA PRO B 322 16.44 35.35 14.46
C PRO B 322 17.70 35.77 13.68
N GLU B 323 18.35 36.89 14.00
CA GLU B 323 19.52 37.34 13.18
C GLU B 323 20.63 36.29 13.31
N ALA B 324 21.06 35.94 14.52
CA ALA B 324 22.13 34.93 14.77
C ALA B 324 21.78 33.56 14.18
N GLN B 325 20.53 33.13 14.33
CA GLN B 325 20.05 31.84 13.77
C GLN B 325 20.28 31.81 12.23
N VAL B 326 19.88 32.83 11.49
CA VAL B 326 20.14 32.86 10.03
C VAL B 326 21.65 32.83 9.78
N ARG B 327 22.46 33.70 10.41
CA ARG B 327 23.89 33.84 10.01
C ARG B 327 24.62 32.53 10.30
N TYR B 328 24.44 31.92 11.48
CA TYR B 328 25.13 30.63 11.84
C TYR B 328 24.82 29.56 10.78
N ALA B 329 23.55 29.43 10.37
CA ALA B 329 23.09 28.40 9.42
C ALA B 329 23.82 28.54 8.06
N GLN B 330 24.01 29.76 7.57
CA GLN B 330 24.73 30.01 6.30
C GLN B 330 26.20 29.57 6.47
N MET B 331 26.83 29.85 7.60
CA MET B 331 28.28 29.55 7.81
C MET B 331 28.48 28.05 8.06
N THR B 332 27.53 27.36 8.72
CA THR B 332 27.67 25.94 9.15
C THR B 332 27.09 24.95 8.13
N GLY B 333 26.09 25.39 7.35
CA GLY B 333 25.33 24.53 6.45
C GLY B 333 24.27 23.77 7.22
N MET B 334 24.01 24.12 8.48
CA MET B 334 23.00 23.42 9.28
C MET B 334 21.67 24.07 9.04
N LEU B 335 20.62 23.68 9.76
CA LEU B 335 19.31 24.38 9.75
C LEU B 335 19.14 25.14 11.06
N PRO B 336 18.54 26.34 11.06
CA PRO B 336 18.24 27.06 12.30
C PRO B 336 17.31 26.21 13.19
N ALA B 337 17.43 26.37 14.51
CA ALA B 337 16.59 25.63 15.50
C ALA B 337 15.25 26.37 15.60
N LEU B 338 15.31 27.69 15.56
CA LEU B 338 14.12 28.59 15.59
C LEU B 338 13.38 28.49 14.25
N ARG B 339 12.13 28.06 14.29
CA ARG B 339 11.20 27.85 13.13
C ARG B 339 11.10 29.08 12.22
N SER B 340 10.81 30.26 12.78
CA SER B 340 10.64 31.53 12.04
C SER B 340 11.74 31.60 10.98
N ALA B 341 13.00 31.38 11.38
CA ALA B 341 14.20 31.73 10.58
C ALA B 341 14.36 30.88 9.30
N TRP B 342 13.54 29.84 9.09
CA TRP B 342 13.54 28.99 7.86
C TRP B 342 13.00 29.75 6.64
N SER B 343 12.20 30.79 6.88
CA SER B 343 11.56 31.61 5.82
C SER B 343 12.55 32.60 5.18
N ASP B 344 13.81 32.65 5.64
CA ASP B 344 14.81 33.57 5.03
C ASP B 344 15.04 33.15 3.56
N PRO B 345 15.09 34.10 2.60
CA PRO B 345 15.42 33.77 1.21
C PRO B 345 16.65 32.88 1.02
N SER B 346 17.67 32.96 1.89
CA SER B 346 18.99 32.27 1.71
C SER B 346 18.82 30.74 1.66
N PHE B 347 17.70 30.21 2.19
CA PHE B 347 17.37 28.76 2.30
C PHE B 347 16.49 28.29 1.12
N GLN B 348 15.57 29.12 0.62
CA GLN B 348 14.73 28.79 -0.58
C GLN B 348 15.61 28.73 -1.85
N GLN B 349 16.80 29.35 -1.84
CA GLN B 349 17.66 29.58 -3.03
C GLN B 349 18.61 28.40 -3.30
N ASN B 350 18.87 27.54 -2.30
CA ASN B 350 19.67 26.30 -2.47
C ASN B 350 18.73 25.12 -2.65
N PRO B 351 18.61 24.54 -3.87
CA PRO B 351 17.70 23.41 -4.10
C PRO B 351 17.99 22.19 -3.22
N LEU B 352 19.26 21.87 -2.96
CA LEU B 352 19.59 20.61 -2.23
C LEU B 352 19.22 20.79 -0.75
N LEU B 353 19.38 22.00 -0.22
CA LEU B 353 18.97 22.34 1.14
C LEU B 353 17.45 22.29 1.27
N ARG B 354 16.71 22.54 0.20
CA ARG B 354 15.23 22.47 0.25
C ARG B 354 14.81 21.03 0.60
N THR B 355 15.56 20.03 0.16
CA THR B 355 15.19 18.61 0.39
C THR B 355 15.39 18.30 1.85
N PHE B 356 16.45 18.81 2.45
CA PHE B 356 16.68 18.65 3.91
C PHE B 356 15.59 19.41 4.67
N ILE B 357 15.25 20.63 4.23
CA ILE B 357 14.12 21.37 4.87
C ILE B 357 12.88 20.48 4.83
N GLN B 358 12.57 19.86 3.69
CA GLN B 358 11.37 18.99 3.58
C GLN B 358 11.47 17.79 4.53
N ALA B 359 12.62 17.13 4.58
CA ALA B 359 12.82 15.91 5.41
C ALA B 359 12.60 16.24 6.90
N ALA B 360 12.80 17.48 7.32
CA ALA B 360 12.61 17.87 8.74
C ALA B 360 11.20 17.52 9.22
N GLN B 361 10.24 17.43 8.31
CA GLN B 361 8.84 17.09 8.66
C GLN B 361 8.76 15.67 9.22
N PHE B 362 9.66 14.76 8.85
CA PHE B 362 9.59 13.38 9.39
C PHE B 362 10.88 13.05 10.15
N GLY B 363 11.60 14.09 10.58
CA GLY B 363 12.59 13.97 11.65
C GLY B 363 11.97 13.41 12.93
N ARG B 364 12.58 12.38 13.52
CA ARG B 364 12.24 11.79 14.84
C ARG B 364 13.50 11.91 15.71
N THR B 365 13.29 12.13 17.00
CA THR B 365 14.35 12.25 18.03
C THR B 365 14.16 11.18 19.10
N TYR B 366 15.04 11.17 20.08
CA TYR B 366 14.90 10.25 21.22
C TYR B 366 14.38 10.97 22.44
N PRO B 367 13.67 10.21 23.31
CA PRO B 367 13.22 10.74 24.59
C PRO B 367 14.42 11.30 25.36
N SER B 368 14.26 12.46 25.96
CA SER B 368 15.35 13.25 26.58
C SER B 368 15.58 12.68 27.98
N LEU B 369 16.19 11.49 28.05
CA LEU B 369 16.28 10.67 29.29
C LEU B 369 17.67 10.85 29.89
N ALA B 370 17.76 10.87 31.22
CA ALA B 370 19.04 10.89 31.96
C ALA B 370 19.88 9.71 31.48
N GLY B 371 19.27 8.53 31.28
CA GLY B 371 19.92 7.24 30.98
C GLY B 371 20.10 7.03 29.49
N TRP B 372 19.85 8.04 28.67
CA TRP B 372 19.86 7.79 27.21
C TRP B 372 21.15 7.12 26.76
N GLY B 373 22.32 7.72 27.02
CA GLY B 373 23.62 7.29 26.50
C GLY B 373 23.87 5.84 26.84
N GLY B 374 23.43 5.42 28.04
CA GLY B 374 23.59 4.03 28.46
C GLY B 374 22.75 3.11 27.59
N VAL B 375 21.49 3.45 27.40
CA VAL B 375 20.56 2.72 26.50
C VAL B 375 21.09 2.67 25.07
N GLU B 376 21.55 3.76 24.49
CA GLU B 376 22.14 3.73 23.12
C GLU B 376 23.36 2.80 23.12
N ASN B 377 24.26 2.85 24.11
CA ASN B 377 25.44 1.94 24.13
C ASN B 377 24.99 0.46 24.15
N LEU B 378 23.99 0.08 24.89
CA LEU B 378 23.56 -1.35 24.91
C LEU B 378 23.01 -1.69 23.53
N ALA B 379 22.12 -0.85 22.97
CA ALA B 379 21.58 -1.07 21.63
C ALA B 379 22.72 -1.20 20.61
N VAL B 380 23.63 -0.26 20.56
CA VAL B 380 24.71 -0.23 19.52
C VAL B 380 25.63 -1.44 19.71
N GLN B 381 25.89 -1.83 20.96
CA GLN B 381 26.86 -2.92 21.24
C GLN B 381 26.31 -4.22 20.68
N HIS B 382 25.00 -4.45 20.87
CA HIS B 382 24.28 -5.69 20.42
C HIS B 382 24.06 -5.62 18.90
N LEU B 383 23.67 -4.49 18.35
CA LEU B 383 23.63 -4.36 16.88
C LEU B 383 25.02 -4.68 16.31
N GLY B 384 26.10 -4.25 16.96
CA GLY B 384 27.48 -4.49 16.47
C GLY B 384 27.74 -5.96 16.29
N MET B 385 27.20 -6.81 17.15
CA MET B 385 27.41 -8.27 17.08
C MET B 385 26.64 -8.83 15.87
N ALA B 386 25.51 -8.21 15.48
CA ALA B 386 24.78 -8.54 14.23
C ALA B 386 25.61 -8.13 12.99
N TRP B 387 26.23 -6.96 13.02
CA TRP B 387 27.17 -6.58 11.93
C TRP B 387 28.31 -7.58 11.82
N ASP B 388 28.85 -8.09 12.92
CA ASP B 388 29.87 -9.17 12.83
C ASP B 388 29.33 -10.39 12.08
N LEU B 389 28.10 -10.82 12.34
CA LEU B 389 27.49 -11.94 11.60
C LEU B 389 27.39 -11.61 10.10
N VAL B 390 27.07 -10.37 9.75
CA VAL B 390 27.11 -9.89 8.33
C VAL B 390 28.52 -10.01 7.75
N ALA B 391 29.53 -9.53 8.46
CA ALA B 391 30.94 -9.64 8.02
C ALA B 391 31.25 -11.12 7.69
N GLN B 392 30.65 -12.06 8.41
CA GLN B 392 30.87 -13.52 8.20
C GLN B 392 29.91 -14.13 7.18
N GLY B 393 28.93 -13.40 6.66
CA GLY B 393 27.85 -13.95 5.82
C GLY B 393 27.00 -14.97 6.59
N ARG B 394 26.68 -14.71 7.84
CA ARG B 394 26.01 -15.69 8.73
C ARG B 394 24.76 -15.12 9.42
N LEU B 395 24.35 -13.88 9.17
CA LEU B 395 23.21 -13.27 9.92
C LEU B 395 21.91 -14.01 9.58
N THR B 396 21.07 -14.25 10.55
CA THR B 396 19.70 -14.77 10.37
C THR B 396 18.75 -13.92 11.19
N ARG B 397 17.45 -14.01 10.89
CA ARG B 397 16.43 -13.26 11.67
C ARG B 397 16.44 -13.76 13.11
N GLU B 398 16.55 -15.08 13.30
CA GLU B 398 16.60 -15.68 14.66
C GLU B 398 17.83 -15.10 15.39
N ALA B 399 19.02 -15.00 14.73
CA ALA B 399 20.21 -14.56 15.48
C ALA B 399 20.01 -13.10 15.90
N LEU B 400 19.41 -12.27 15.04
CA LEU B 400 19.13 -10.83 15.32
C LEU B 400 18.06 -10.71 16.40
N LYS B 401 17.01 -11.50 16.35
CA LYS B 401 15.98 -11.46 17.41
C LYS B 401 16.69 -11.73 18.73
N ASP B 402 17.56 -12.75 18.80
CA ASP B 402 18.22 -13.21 20.04
C ASP B 402 19.04 -12.05 20.60
N LEU B 403 19.81 -11.35 19.74
CA LEU B 403 20.65 -10.21 20.16
C LEU B 403 19.77 -9.05 20.64
N MET B 404 18.67 -8.79 19.96
CA MET B 404 17.83 -7.64 20.37
C MET B 404 17.05 -7.99 21.66
N ASP B 405 16.82 -9.29 21.90
CA ASP B 405 16.19 -9.74 23.18
C ASP B 405 17.16 -9.46 24.34
N LYS B 406 18.45 -9.74 24.17
CA LYS B 406 19.47 -9.45 25.22
C LYS B 406 19.62 -7.94 25.40
N ALA B 407 19.61 -7.16 24.33
CA ALA B 407 19.67 -5.69 24.44
C ALA B 407 18.45 -5.21 25.21
N SER B 408 17.26 -5.71 24.89
CA SER B 408 16.00 -5.31 25.57
C SER B 408 16.11 -5.59 27.09
N ALA B 409 16.62 -6.77 27.47
CA ALA B 409 16.67 -7.20 28.88
C ALA B 409 17.61 -6.25 29.61
N ALA B 410 18.73 -5.89 28.99
CA ALA B 410 19.71 -4.98 29.62
C ALA B 410 19.11 -3.58 29.70
N ILE B 411 18.53 -3.07 28.61
CA ILE B 411 17.92 -1.71 28.56
C ILE B 411 16.78 -1.61 29.58
N ASN B 412 15.95 -2.62 29.77
CA ASN B 412 14.82 -2.51 30.75
C ASN B 412 15.42 -2.31 32.15
N GLN B 413 16.56 -2.92 32.38
CA GLN B 413 17.33 -2.88 33.66
C GLN B 413 17.88 -1.48 33.86
N ALA B 414 18.62 -0.96 32.88
CA ALA B 414 19.20 0.41 32.79
C ALA B 414 18.15 1.51 33.00
N LEU B 415 16.87 1.27 32.71
CA LEU B 415 15.86 2.36 32.63
C LEU B 415 15.21 2.69 33.97
N ARG B 416 14.95 1.69 34.83
CA ARG B 416 14.39 1.90 36.20
C ARG B 416 15.22 1.08 37.20
N THR C 4 -38.10 -10.80 -22.04
CA THR C 4 -37.32 -11.55 -21.00
C THR C 4 -36.65 -12.79 -21.62
N LEU C 5 -35.35 -12.97 -21.34
CA LEU C 5 -34.57 -14.23 -21.54
C LEU C 5 -34.20 -14.83 -20.18
N GLU C 6 -34.08 -16.16 -20.12
CA GLU C 6 -33.61 -16.95 -18.96
C GLU C 6 -32.32 -17.65 -19.42
N VAL C 7 -31.24 -17.49 -18.65
CA VAL C 7 -29.92 -18.10 -18.95
C VAL C 7 -29.49 -18.90 -17.72
N TRP C 8 -29.07 -20.14 -17.95
CA TRP C 8 -28.46 -20.99 -16.90
C TRP C 8 -26.95 -20.97 -17.09
N ILE C 9 -26.21 -20.65 -16.02
CA ILE C 9 -24.72 -20.66 -16.04
C ILE C 9 -24.22 -21.48 -14.86
N MET C 10 -22.93 -21.81 -14.91
CA MET C 10 -22.22 -22.44 -13.77
C MET C 10 -21.46 -21.35 -13.00
N PRO C 11 -20.95 -21.62 -11.77
CA PRO C 11 -20.32 -20.57 -10.95
C PRO C 11 -18.93 -20.19 -11.51
N ASN C 12 -18.87 -19.43 -12.61
CA ASN C 12 -17.63 -19.23 -13.42
C ASN C 12 -16.72 -18.15 -12.78
N SER C 13 -17.27 -17.32 -11.89
CA SER C 13 -16.57 -16.19 -11.23
C SER C 13 -16.97 -16.15 -9.75
N PRO C 14 -16.27 -15.38 -8.88
CA PRO C 14 -16.55 -15.42 -7.45
C PRO C 14 -17.96 -14.95 -7.05
N GLN C 15 -18.52 -13.92 -7.71
CA GLN C 15 -19.96 -13.53 -7.50
C GLN C 15 -20.73 -13.78 -8.80
N PRO C 16 -20.98 -15.06 -9.15
CA PRO C 16 -21.16 -15.43 -10.55
C PRO C 16 -22.39 -14.80 -11.23
N ALA C 17 -23.48 -14.60 -10.48
CA ALA C 17 -24.74 -13.99 -10.97
C ALA C 17 -24.53 -12.49 -11.20
N GLU C 18 -24.09 -11.77 -10.16
CA GLU C 18 -23.75 -10.34 -10.19
C GLU C 18 -22.86 -10.01 -11.39
N ASP C 19 -21.83 -10.83 -11.64
CA ASP C 19 -20.83 -10.64 -12.72
C ASP C 19 -21.54 -10.79 -14.07
N PHE C 20 -22.43 -11.77 -14.20
CA PHE C 20 -23.20 -12.01 -15.44
C PHE C 20 -24.20 -10.88 -15.69
N LYS C 21 -24.82 -10.33 -14.63
CA LYS C 21 -25.83 -9.24 -14.73
C LYS C 21 -25.16 -7.97 -15.27
N ALA C 22 -23.95 -7.67 -14.75
CA ALA C 22 -23.05 -6.62 -15.24
C ALA C 22 -22.64 -6.87 -16.72
N LEU C 23 -22.29 -8.11 -17.06
CA LEU C 23 -21.79 -8.45 -18.43
C LEU C 23 -22.87 -8.13 -19.46
N VAL C 24 -24.15 -8.36 -19.14
CA VAL C 24 -25.26 -8.25 -20.13
C VAL C 24 -26.02 -6.93 -19.95
N ALA C 25 -25.58 -6.03 -19.09
CA ALA C 25 -26.26 -4.73 -18.89
C ALA C 25 -26.31 -3.92 -20.20
N PRO C 26 -25.23 -3.78 -21.01
CA PRO C 26 -25.26 -3.08 -22.30
C PRO C 26 -26.21 -3.69 -23.33
N PHE C 27 -26.38 -5.01 -23.30
CA PHE C 27 -27.34 -5.74 -24.16
C PHE C 27 -28.77 -5.46 -23.69
N GLU C 28 -29.04 -5.56 -22.38
CA GLU C 28 -30.36 -5.29 -21.72
C GLU C 28 -30.87 -3.89 -22.09
N LYS C 29 -29.99 -2.90 -21.89
CA LYS C 29 -30.16 -1.45 -22.19
C LYS C 29 -30.45 -1.28 -23.69
N ALA C 30 -29.62 -1.87 -24.56
CA ALA C 30 -29.57 -1.66 -26.04
C ALA C 30 -30.71 -2.38 -26.78
N HIS C 31 -31.23 -3.48 -26.22
CA HIS C 31 -32.34 -4.28 -26.82
C HIS C 31 -33.62 -4.13 -25.98
N GLY C 32 -33.59 -3.26 -24.94
CA GLY C 32 -34.71 -2.93 -24.02
C GLY C 32 -35.34 -4.16 -23.39
N VAL C 33 -34.55 -5.04 -22.79
CA VAL C 33 -35.04 -6.37 -22.32
C VAL C 33 -34.28 -6.79 -21.05
N GLU C 34 -34.93 -7.55 -20.18
CA GLU C 34 -34.37 -8.09 -18.91
C GLU C 34 -33.84 -9.51 -19.22
N VAL C 35 -32.67 -9.84 -18.67
CA VAL C 35 -32.01 -11.18 -18.79
C VAL C 35 -31.91 -11.78 -17.37
N LYS C 36 -32.78 -12.72 -17.03
CA LYS C 36 -32.76 -13.45 -15.74
C LYS C 36 -31.66 -14.51 -15.85
N VAL C 37 -30.75 -14.57 -14.88
CA VAL C 37 -29.72 -15.65 -14.77
C VAL C 37 -30.06 -16.58 -13.61
N THR C 38 -29.84 -17.90 -13.73
CA THR C 38 -29.87 -18.88 -12.61
C THR C 38 -28.51 -19.57 -12.58
N VAL C 39 -27.91 -19.72 -11.41
CA VAL C 39 -26.59 -20.37 -11.21
C VAL C 39 -26.79 -21.82 -10.74
N LEU C 40 -26.29 -22.79 -11.51
CA LEU C 40 -26.25 -24.22 -11.11
C LEU C 40 -24.82 -24.59 -10.73
N ASP C 41 -24.65 -25.30 -9.61
CA ASP C 41 -23.33 -25.93 -9.29
C ASP C 41 -22.96 -26.88 -10.39
N TRP C 42 -21.67 -27.03 -10.63
CA TRP C 42 -21.12 -28.06 -11.56
C TRP C 42 -21.61 -29.45 -11.14
N GLY C 43 -21.76 -29.63 -9.83
CA GLY C 43 -22.20 -30.90 -9.24
C GLY C 43 -23.52 -31.40 -9.78
N VAL C 44 -24.45 -30.53 -10.17
CA VAL C 44 -25.85 -30.93 -10.53
C VAL C 44 -26.28 -30.28 -11.84
N ALA C 45 -25.36 -29.70 -12.61
CA ALA C 45 -25.69 -28.98 -13.85
C ALA C 45 -26.03 -29.90 -15.02
N TRP C 46 -25.28 -30.98 -15.20
CA TRP C 46 -25.53 -32.15 -16.11
C TRP C 46 -27.00 -32.56 -15.92
N THR C 47 -27.43 -32.74 -14.68
CA THR C 47 -28.78 -33.28 -14.38
C THR C 47 -29.88 -32.25 -14.64
N LYS C 48 -29.70 -31.00 -14.24
CA LYS C 48 -30.73 -29.94 -14.46
C LYS C 48 -30.90 -29.74 -15.97
N ILE C 49 -29.79 -29.77 -16.72
CA ILE C 49 -29.81 -29.49 -18.18
C ILE C 49 -30.47 -30.66 -18.91
N THR C 50 -30.12 -31.87 -18.54
CA THR C 50 -30.67 -33.12 -19.07
C THR C 50 -32.17 -33.13 -18.81
N THR C 51 -32.58 -32.86 -17.58
CA THR C 51 -34.02 -32.81 -17.18
C THR C 51 -34.75 -31.75 -18.03
N ALA C 52 -34.13 -30.63 -18.34
CA ALA C 52 -34.79 -29.59 -19.16
C ALA C 52 -34.94 -30.16 -20.56
N ALA C 53 -33.96 -30.91 -21.04
CA ALA C 53 -34.02 -31.54 -22.38
C ALA C 53 -35.19 -32.51 -22.48
N THR C 54 -35.34 -33.46 -21.56
CA THR C 54 -36.41 -34.50 -21.62
C THR C 54 -37.76 -33.88 -21.32
N SER C 55 -37.87 -32.97 -20.35
CA SER C 55 -39.18 -32.34 -19.99
C SER C 55 -39.60 -31.29 -21.03
N GLY C 56 -38.64 -30.78 -21.82
CA GLY C 56 -38.85 -29.64 -22.72
C GLY C 56 -39.28 -28.40 -21.99
N VAL C 57 -38.92 -28.29 -20.71
CA VAL C 57 -39.10 -27.05 -19.88
C VAL C 57 -37.74 -26.63 -19.32
N GLY C 58 -37.33 -25.39 -19.62
CA GLY C 58 -36.09 -24.86 -19.06
C GLY C 58 -35.86 -23.41 -19.42
N PRO C 59 -34.59 -23.01 -19.57
CA PRO C 59 -34.24 -21.63 -19.91
C PRO C 59 -34.26 -21.53 -21.43
N ASP C 60 -33.99 -20.34 -21.95
CA ASP C 60 -33.78 -20.08 -23.41
C ASP C 60 -32.36 -20.54 -23.75
N LEU C 61 -31.34 -20.07 -22.99
CA LEU C 61 -29.91 -20.46 -23.17
C LEU C 61 -29.46 -21.23 -21.94
N THR C 62 -28.48 -22.10 -22.12
CA THR C 62 -27.78 -22.78 -21.00
C THR C 62 -26.30 -22.85 -21.34
N GLN C 63 -25.47 -22.70 -20.33
CA GLN C 63 -24.06 -23.05 -20.45
C GLN C 63 -23.97 -24.59 -20.54
N LEU C 64 -22.91 -25.08 -21.19
CA LEU C 64 -22.56 -26.50 -21.30
C LEU C 64 -21.06 -26.66 -21.19
N GLY C 65 -20.58 -27.62 -20.41
CA GLY C 65 -19.17 -28.06 -20.56
C GLY C 65 -18.93 -28.43 -22.00
N THR C 66 -17.79 -28.07 -22.58
CA THR C 66 -17.47 -28.45 -23.97
C THR C 66 -17.76 -29.93 -24.18
N THR C 67 -17.41 -30.82 -23.25
CA THR C 67 -17.52 -32.29 -23.47
C THR C 67 -18.98 -32.79 -23.46
N TRP C 68 -19.96 -31.98 -23.06
CA TRP C 68 -21.41 -32.32 -23.01
C TRP C 68 -22.17 -31.93 -24.29
N VAL C 69 -21.57 -31.18 -25.20
CA VAL C 69 -22.29 -30.67 -26.41
C VAL C 69 -22.79 -31.84 -27.27
N GLY C 70 -21.98 -32.87 -27.46
CA GLY C 70 -22.38 -34.03 -28.27
C GLY C 70 -23.61 -34.65 -27.68
N ALA C 71 -23.61 -34.89 -26.37
CA ALA C 71 -24.72 -35.57 -25.65
C ALA C 71 -26.01 -34.75 -25.80
N ILE C 72 -26.00 -33.46 -25.46
CA ILE C 72 -27.25 -32.67 -25.48
C ILE C 72 -27.71 -32.49 -26.94
N SER C 73 -26.78 -32.44 -27.88
CA SER C 73 -27.11 -32.24 -29.31
C SER C 73 -27.92 -33.42 -29.81
N ALA C 74 -27.52 -34.62 -29.41
CA ALA C 74 -28.06 -35.89 -29.92
C ALA C 74 -29.50 -36.07 -29.41
N MET C 75 -29.86 -35.35 -28.35
CA MET C 75 -31.21 -35.49 -27.72
C MET C 75 -32.24 -34.73 -28.59
N GLY C 76 -31.80 -33.93 -29.56
CA GLY C 76 -32.70 -33.23 -30.49
C GLY C 76 -33.39 -32.03 -29.83
N VAL C 77 -32.72 -31.36 -28.90
CA VAL C 77 -33.31 -30.23 -28.14
C VAL C 77 -32.56 -28.93 -28.41
N LEU C 78 -31.52 -28.91 -29.27
CA LEU C 78 -30.76 -27.65 -29.50
C LEU C 78 -31.02 -27.12 -30.88
N GLU C 79 -31.34 -25.82 -30.95
CA GLU C 79 -31.41 -24.97 -32.18
C GLU C 79 -30.03 -24.89 -32.81
N PRO C 80 -29.95 -25.03 -34.14
CA PRO C 80 -28.73 -24.69 -34.89
C PRO C 80 -28.35 -23.23 -34.68
N VAL C 81 -27.03 -22.98 -34.65
CA VAL C 81 -26.47 -21.64 -34.36
C VAL C 81 -25.30 -21.38 -35.32
N ASP C 82 -25.34 -22.01 -36.50
CA ASP C 82 -24.48 -21.67 -37.66
C ASP C 82 -24.51 -20.16 -37.92
N ASP C 83 -25.71 -19.54 -37.94
CA ASP C 83 -25.91 -18.10 -38.26
C ASP C 83 -25.08 -17.26 -37.28
N VAL C 84 -25.07 -17.65 -36.00
CA VAL C 84 -24.34 -16.87 -34.96
C VAL C 84 -22.82 -17.04 -35.18
N LEU C 85 -22.37 -18.24 -35.52
CA LEU C 85 -20.92 -18.50 -35.73
C LEU C 85 -20.42 -17.76 -36.96
N GLU C 86 -21.11 -17.90 -38.11
CA GLU C 86 -20.78 -17.11 -39.33
C GLU C 86 -20.59 -15.63 -38.95
N ALA C 87 -21.58 -15.03 -38.27
CA ALA C 87 -21.64 -13.60 -37.88
C ALA C 87 -20.45 -13.20 -36.98
N LEU C 88 -19.75 -14.19 -36.38
CA LEU C 88 -18.55 -13.99 -35.52
C LEU C 88 -17.26 -14.38 -36.26
N GLY C 89 -17.31 -14.73 -37.56
CA GLY C 89 -16.12 -15.06 -38.37
C GLY C 89 -15.99 -16.54 -38.77
N GLY C 90 -16.96 -17.37 -38.39
CA GLY C 90 -16.99 -18.78 -38.81
C GLY C 90 -15.81 -19.52 -38.22
N GLU C 91 -15.39 -20.60 -38.89
CA GLU C 91 -14.44 -21.62 -38.41
C GLU C 91 -13.09 -20.98 -38.03
N LYS C 92 -12.53 -20.17 -38.90
CA LYS C 92 -11.14 -19.60 -38.83
C LYS C 92 -11.01 -18.71 -37.57
N ALA C 93 -12.11 -18.16 -37.05
CA ALA C 93 -12.14 -17.24 -35.88
C ALA C 93 -11.85 -17.99 -34.58
N TYR C 94 -11.86 -19.32 -34.60
CA TYR C 94 -11.71 -20.16 -33.38
C TYR C 94 -10.51 -21.10 -33.52
N LEU C 95 -9.81 -21.36 -32.42
CA LEU C 95 -8.90 -22.55 -32.36
C LEU C 95 -9.65 -23.80 -32.85
N PRO C 96 -8.96 -24.75 -33.57
CA PRO C 96 -9.57 -26.02 -33.96
C PRO C 96 -10.10 -26.87 -32.80
N ALA C 97 -9.41 -26.89 -31.66
CA ALA C 97 -9.83 -27.64 -30.46
C ALA C 97 -11.07 -26.98 -29.86
N VAL C 98 -11.34 -25.71 -30.16
CA VAL C 98 -12.59 -25.02 -29.69
C VAL C 98 -13.70 -25.35 -30.70
N TRP C 99 -13.45 -25.25 -31.99
CA TRP C 99 -14.43 -25.47 -33.08
C TRP C 99 -15.02 -26.87 -33.12
N ARG C 100 -14.20 -27.88 -32.80
CA ARG C 100 -14.57 -29.29 -32.59
C ARG C 100 -15.78 -29.37 -31.64
N THR C 101 -15.88 -28.50 -30.62
CA THR C 101 -16.90 -28.58 -29.55
C THR C 101 -18.15 -27.74 -29.82
N THR C 102 -18.31 -27.15 -31.00
CA THR C 102 -19.55 -26.43 -31.39
C THR C 102 -20.64 -27.40 -31.90
N ARG C 103 -20.32 -28.68 -32.14
CA ARG C 103 -21.31 -29.63 -32.72
C ARG C 103 -21.12 -31.05 -32.21
N LEU C 104 -22.12 -31.90 -32.46
CA LEU C 104 -21.98 -33.38 -32.35
C LEU C 104 -20.95 -33.82 -33.41
N GLU C 105 -19.94 -34.64 -33.06
CA GLU C 105 -18.96 -35.10 -34.06
C GLU C 105 -19.71 -35.54 -35.33
N GLY C 106 -19.38 -34.93 -36.48
CA GLY C 106 -19.80 -35.33 -37.83
C GLY C 106 -21.23 -34.86 -38.14
N ALA C 107 -21.70 -33.78 -37.54
CA ALA C 107 -23.04 -33.21 -37.84
C ALA C 107 -22.84 -32.02 -38.78
N ARG C 108 -23.76 -31.79 -39.70
CA ARG C 108 -23.76 -30.60 -40.60
C ARG C 108 -23.78 -29.35 -39.73
N GLN C 109 -24.65 -29.31 -38.72
CA GLN C 109 -25.08 -28.05 -38.06
C GLN C 109 -24.44 -27.93 -36.68
N ALA C 110 -24.12 -26.69 -36.31
CA ALA C 110 -23.56 -26.28 -35.01
C ALA C 110 -24.68 -26.18 -33.97
N THR C 111 -24.47 -26.69 -32.75
CA THR C 111 -25.53 -26.62 -31.71
C THR C 111 -25.06 -25.82 -30.49
N ALA C 112 -23.80 -25.34 -30.48
CA ALA C 112 -23.23 -24.54 -29.38
C ALA C 112 -22.25 -23.45 -29.88
N VAL C 113 -22.35 -22.28 -29.25
CA VAL C 113 -21.48 -21.09 -29.48
C VAL C 113 -20.43 -21.03 -28.37
N PRO C 114 -19.12 -21.01 -28.72
CA PRO C 114 -18.05 -21.02 -27.73
C PRO C 114 -18.12 -19.80 -26.84
N TRP C 115 -18.07 -20.02 -25.53
CA TRP C 115 -18.18 -18.94 -24.52
C TRP C 115 -16.78 -18.60 -23.97
N PHE C 116 -16.14 -19.55 -23.31
CA PHE C 116 -14.76 -19.40 -22.81
C PHE C 116 -14.04 -20.76 -22.79
N SER C 117 -12.72 -20.73 -22.70
CA SER C 117 -11.80 -21.90 -22.62
C SER C 117 -11.09 -21.88 -21.27
N GLU C 118 -10.59 -23.03 -20.84
CA GLU C 118 -9.85 -23.23 -19.58
C GLU C 118 -9.00 -24.45 -19.87
N LEU C 119 -7.79 -24.51 -19.33
CA LEU C 119 -6.91 -25.68 -19.50
C LEU C 119 -6.11 -25.79 -18.22
N ARG C 120 -5.42 -26.89 -18.03
CA ARG C 120 -4.73 -27.18 -16.76
C ARG C 120 -3.23 -26.92 -16.89
N ALA C 121 -2.65 -26.39 -15.83
CA ALA C 121 -1.18 -26.22 -15.64
C ALA C 121 -0.85 -26.35 -14.15
N PHE C 122 0.43 -26.41 -13.86
CA PHE C 122 0.92 -26.58 -12.47
C PHE C 122 1.09 -25.20 -11.87
N TYR C 123 0.40 -24.93 -10.79
CA TYR C 123 0.73 -23.84 -9.87
C TYR C 123 1.77 -24.37 -8.90
N TYR C 124 2.75 -23.50 -8.54
CA TYR C 124 3.78 -23.79 -7.52
C TYR C 124 4.02 -22.57 -6.63
N ARG C 125 4.45 -22.84 -5.41
CA ARG C 125 4.95 -21.82 -4.47
C ARG C 125 6.40 -21.46 -4.84
N THR C 126 6.64 -20.21 -5.26
CA THR C 126 7.95 -19.72 -5.72
C THR C 126 8.92 -19.73 -4.53
N ASP C 127 8.40 -19.51 -3.31
CA ASP C 127 9.19 -19.46 -2.04
C ASP C 127 9.63 -20.89 -1.68
N ALA C 128 8.70 -21.86 -1.76
CA ALA C 128 8.93 -23.30 -1.47
C ALA C 128 10.01 -23.85 -2.41
N LEU C 129 9.89 -23.59 -3.70
CA LEU C 129 10.90 -24.11 -4.65
C LEU C 129 12.26 -23.43 -4.41
N LYS C 130 12.26 -22.10 -4.24
CA LYS C 130 13.47 -21.30 -3.94
C LYS C 130 14.20 -21.90 -2.72
N ALA C 131 13.47 -22.20 -1.64
CA ALA C 131 14.03 -22.69 -0.36
C ALA C 131 14.47 -24.17 -0.44
N ALA C 132 13.93 -24.99 -1.33
CA ALA C 132 14.45 -26.36 -1.60
C ALA C 132 15.62 -26.29 -2.60
N GLY C 133 15.93 -25.13 -3.16
CA GLY C 133 16.89 -24.96 -4.28
C GLY C 133 16.50 -25.73 -5.54
N VAL C 134 15.25 -25.63 -5.95
CA VAL C 134 14.69 -26.25 -7.17
C VAL C 134 14.47 -25.17 -8.22
N ASN C 135 15.10 -25.32 -9.40
CA ASN C 135 14.91 -24.40 -10.54
C ASN C 135 13.62 -24.86 -11.21
N PRO C 136 12.58 -24.02 -11.25
CA PRO C 136 11.34 -24.39 -11.93
C PRO C 136 11.58 -24.81 -13.39
N ALA C 137 12.47 -24.17 -14.13
CA ALA C 137 12.70 -24.58 -15.53
C ALA C 137 13.18 -26.03 -15.51
N GLU C 138 13.98 -26.45 -14.56
CA GLU C 138 14.46 -27.86 -14.49
C GLU C 138 13.31 -28.78 -14.07
N MET C 139 12.58 -28.43 -13.02
CA MET C 139 11.57 -29.34 -12.44
C MET C 139 10.46 -29.62 -13.44
N PHE C 140 10.06 -28.62 -14.22
CA PHE C 140 8.89 -28.69 -15.15
C PHE C 140 9.34 -28.98 -16.57
N ALA C 141 10.60 -29.32 -16.78
CA ALA C 141 11.20 -29.58 -18.10
C ALA C 141 10.83 -30.99 -18.53
N SER C 142 10.91 -31.95 -17.59
CA SER C 142 10.81 -33.40 -17.89
C SER C 142 10.19 -34.18 -16.71
N TRP C 143 9.79 -35.43 -16.97
CA TRP C 143 9.24 -36.33 -15.92
C TRP C 143 10.30 -36.56 -14.84
N GLN C 144 11.50 -36.82 -15.29
CA GLN C 144 12.66 -37.11 -14.42
C GLN C 144 12.90 -35.85 -13.59
N GLY C 145 12.78 -34.66 -14.19
CA GLY C 145 12.94 -33.34 -13.55
C GLY C 145 11.91 -33.15 -12.45
N PHE C 146 10.68 -33.52 -12.76
CA PHE C 146 9.49 -33.34 -11.90
C PHE C 146 9.68 -34.15 -10.62
N GLU C 147 10.01 -35.43 -10.78
CA GLU C 147 10.25 -36.40 -9.68
C GLU C 147 11.38 -35.87 -8.80
N ALA C 148 12.48 -35.43 -9.41
CA ALA C 148 13.67 -34.86 -8.71
C ALA C 148 13.23 -33.61 -7.90
N GLY C 149 12.33 -32.79 -8.46
CA GLY C 149 11.85 -31.58 -7.75
C GLY C 149 11.09 -31.98 -6.49
N LEU C 150 10.21 -32.94 -6.62
CA LEU C 150 9.37 -33.38 -5.51
C LEU C 150 10.26 -34.01 -4.45
N ALA C 151 11.27 -34.79 -4.84
CA ALA C 151 12.22 -35.38 -3.85
C ALA C 151 12.88 -34.24 -3.07
N ARG C 152 13.32 -33.19 -3.74
CA ARG C 152 14.02 -32.07 -3.06
C ARG C 152 12.99 -31.31 -2.23
N LEU C 153 11.78 -31.16 -2.76
CA LEU C 153 10.66 -30.51 -2.01
C LEU C 153 10.30 -31.32 -0.76
N LYS C 154 10.32 -32.65 -0.79
CA LYS C 154 9.97 -33.51 0.39
C LYS C 154 11.01 -33.32 1.50
N ALA C 155 12.26 -33.14 1.12
CA ALA C 155 13.47 -33.10 1.97
C ALA C 155 13.71 -31.70 2.60
N SER C 156 13.29 -30.59 1.96
CA SER C 156 13.44 -29.16 2.39
C SER C 156 12.92 -28.94 3.82
N SER C 157 13.50 -28.00 4.58
CA SER C 157 13.05 -27.56 5.94
C SER C 157 11.91 -26.56 5.83
N PHE C 158 11.51 -26.20 4.63
CA PHE C 158 10.75 -24.96 4.45
C PHE C 158 9.45 -25.05 5.23
N ARG C 159 9.01 -23.94 5.81
CA ARG C 159 7.73 -23.87 6.52
C ARG C 159 6.97 -22.66 6.00
N ASP C 160 5.73 -22.84 5.60
CA ASP C 160 4.85 -21.70 5.28
C ASP C 160 4.94 -20.73 6.46
N PRO C 161 5.13 -19.42 6.25
CA PRO C 161 5.17 -18.49 7.38
C PRO C 161 3.84 -18.32 8.14
N GLU C 162 2.67 -18.60 7.53
CA GLU C 162 1.37 -18.60 8.25
C GLU C 162 1.19 -19.91 9.05
N THR C 163 1.26 -21.10 8.43
CA THR C 163 1.01 -22.40 9.11
C THR C 163 2.19 -22.78 10.01
N LYS C 164 3.38 -22.25 9.78
CA LYS C 164 4.65 -22.65 10.47
C LYS C 164 4.92 -24.14 10.27
N ALA C 165 4.30 -24.75 9.27
CA ALA C 165 4.35 -26.20 9.00
C ALA C 165 4.91 -26.45 7.61
N PRO C 166 5.36 -27.69 7.30
CA PRO C 166 5.79 -28.02 5.96
C PRO C 166 4.59 -27.91 5.00
N LEU C 167 5.01 -28.02 3.74
CA LEU C 167 4.21 -28.17 2.52
C LEU C 167 4.42 -29.59 1.98
N ALA C 168 3.33 -30.27 1.60
CA ALA C 168 3.43 -31.56 0.89
C ALA C 168 3.94 -31.21 -0.50
N PRO C 169 4.81 -32.05 -1.11
CA PRO C 169 5.40 -31.70 -2.38
C PRO C 169 4.30 -31.50 -3.43
N LEU C 170 3.42 -32.48 -3.58
CA LEU C 170 2.41 -32.48 -4.69
C LEU C 170 1.06 -32.83 -4.13
N CYS C 171 0.04 -32.07 -4.49
CA CYS C 171 -1.37 -32.43 -4.19
C CYS C 171 -2.09 -32.75 -5.49
N THR C 172 -2.47 -34.00 -5.60
CA THR C 172 -3.20 -34.59 -6.75
C THR C 172 -4.37 -35.31 -6.13
N PRO C 173 -5.55 -35.32 -6.80
CA PRO C 173 -6.71 -36.06 -6.30
C PRO C 173 -6.57 -37.53 -6.66
N GLY C 174 -7.30 -38.39 -5.99
CA GLY C 174 -7.26 -39.86 -6.18
C GLY C 174 -8.46 -40.36 -6.99
N ARG C 175 -9.36 -41.10 -6.33
CA ARG C 175 -10.63 -41.71 -6.84
C ARG C 175 -11.66 -40.63 -7.21
N THR C 176 -11.64 -39.53 -6.47
CA THR C 176 -12.76 -38.61 -6.18
C THR C 176 -13.27 -37.83 -7.41
N PRO C 177 -12.43 -37.25 -8.31
CA PRO C 177 -12.95 -36.56 -9.49
C PRO C 177 -13.70 -37.52 -10.42
N ARG C 178 -14.57 -36.97 -11.24
CA ARG C 178 -15.57 -37.72 -12.04
C ARG C 178 -15.12 -37.76 -13.50
N THR C 179 -13.95 -37.18 -13.82
CA THR C 179 -13.46 -37.01 -15.21
C THR C 179 -12.01 -37.47 -15.27
N LEU C 180 -11.45 -37.57 -16.46
CA LEU C 180 -10.00 -37.82 -16.67
C LEU C 180 -9.19 -36.52 -16.82
N HIS C 181 -9.65 -35.38 -16.38
CA HIS C 181 -8.92 -34.08 -16.59
C HIS C 181 -7.51 -34.15 -16.00
N ASN C 182 -7.40 -34.66 -14.78
CA ASN C 182 -6.15 -34.80 -14.03
C ASN C 182 -5.28 -35.88 -14.64
N ALA C 183 -5.83 -36.93 -15.20
CA ALA C 183 -4.99 -38.07 -15.66
C ALA C 183 -4.64 -37.93 -17.12
N ALA C 184 -5.47 -37.29 -17.94
CA ALA C 184 -5.25 -37.30 -19.40
C ALA C 184 -3.85 -36.82 -19.72
N PRO C 185 -3.34 -35.72 -19.11
CA PRO C 185 -2.04 -35.20 -19.56
C PRO C 185 -0.94 -36.26 -19.43
N TRP C 186 -0.98 -37.09 -18.41
CA TRP C 186 0.04 -38.15 -18.27
C TRP C 186 -0.13 -39.19 -19.39
N ILE C 187 -1.35 -39.46 -19.80
CA ILE C 187 -1.59 -40.46 -20.87
C ILE C 187 -1.02 -39.90 -22.17
N TRP C 188 -1.34 -38.63 -22.46
CA TRP C 188 -0.89 -37.92 -23.68
C TRP C 188 0.64 -37.72 -23.66
N GLY C 189 1.16 -37.18 -22.56
CA GLY C 189 2.60 -37.03 -22.36
C GLY C 189 3.38 -38.26 -22.76
N ALA C 190 2.87 -39.46 -22.49
CA ALA C 190 3.57 -40.75 -22.74
C ALA C 190 3.38 -41.25 -24.16
N GLY C 191 2.59 -40.56 -24.99
CA GLY C 191 2.35 -40.97 -26.39
C GLY C 191 1.05 -41.70 -26.54
N GLY C 192 0.24 -41.66 -25.51
CA GLY C 192 -0.98 -42.48 -25.42
C GLY C 192 -2.17 -41.63 -25.72
N GLU C 193 -3.36 -42.21 -25.65
CA GLU C 193 -4.63 -41.47 -25.83
C GLU C 193 -5.74 -42.29 -25.19
N ILE C 194 -6.90 -41.67 -25.01
CA ILE C 194 -8.05 -42.34 -24.33
C ILE C 194 -8.76 -43.20 -25.36
N VAL C 195 -9.10 -42.58 -26.49
CA VAL C 195 -9.71 -43.25 -27.66
C VAL C 195 -8.89 -42.98 -28.94
N ARG C 196 -8.86 -43.92 -29.84
CA ARG C 196 -8.13 -43.85 -31.12
C ARG C 196 -9.14 -44.12 -32.22
N GLN C 197 -9.22 -43.27 -33.25
CA GLN C 197 -10.17 -43.47 -34.38
C GLN C 197 -9.44 -44.28 -35.46
N ALA C 198 -9.77 -45.57 -35.60
CA ALA C 198 -9.19 -46.54 -36.58
C ALA C 198 -10.30 -47.07 -37.51
N GLY C 199 -10.20 -46.77 -38.82
CA GLY C 199 -11.16 -47.17 -39.85
C GLY C 199 -12.61 -46.87 -39.49
N GLY C 200 -12.94 -45.66 -39.02
CA GLY C 200 -14.34 -45.19 -38.92
C GLY C 200 -14.91 -45.26 -37.51
N ARG C 201 -14.68 -46.35 -36.77
CA ARG C 201 -15.11 -46.46 -35.35
C ARG C 201 -13.96 -45.94 -34.44
N TRP C 202 -14.33 -45.52 -33.24
CA TRP C 202 -13.39 -45.22 -32.14
C TRP C 202 -13.18 -46.48 -31.29
N GLN C 203 -11.99 -46.67 -30.73
CA GLN C 203 -11.72 -47.73 -29.72
C GLN C 203 -10.90 -47.15 -28.56
N SER C 204 -11.05 -47.73 -27.37
CA SER C 204 -10.19 -47.44 -26.20
C SER C 204 -8.73 -47.60 -26.64
N ALA C 205 -7.86 -46.68 -26.21
CA ALA C 205 -6.41 -46.87 -26.25
C ALA C 205 -5.86 -46.78 -24.82
N LEU C 206 -6.74 -46.74 -23.80
CA LEU C 206 -6.29 -46.69 -22.37
C LEU C 206 -5.37 -47.86 -22.00
N ASN C 207 -5.41 -48.96 -22.75
CA ASN C 207 -4.58 -50.15 -22.40
C ASN C 207 -3.41 -50.26 -23.38
N SER C 208 -3.11 -49.23 -24.16
CA SER C 208 -1.89 -49.22 -25.01
C SER C 208 -0.69 -49.16 -24.06
N PRO C 209 0.46 -49.72 -24.44
CA PRO C 209 1.65 -49.59 -23.61
C PRO C 209 1.95 -48.13 -23.25
N GLU C 210 1.75 -47.18 -24.18
CA GLU C 210 2.09 -45.75 -23.95
CA GLU C 210 2.05 -45.74 -23.98
C GLU C 210 1.12 -45.18 -22.89
N SER C 211 -0.19 -45.43 -22.99
CA SER C 211 -1.15 -44.91 -22.00
C SER C 211 -0.87 -45.51 -20.63
N LEU C 212 -0.49 -46.79 -20.54
CA LEU C 212 -0.25 -47.46 -19.23
C LEU C 212 1.03 -46.92 -18.54
N GLU C 213 1.96 -46.39 -19.32
CA GLU C 213 3.21 -45.85 -18.79
C GLU C 213 2.88 -44.49 -18.20
N GLY C 214 2.00 -43.73 -18.88
CA GLY C 214 1.48 -42.43 -18.43
C GLY C 214 0.72 -42.61 -17.13
N LEU C 215 -0.31 -43.47 -17.12
CA LEU C 215 -1.10 -43.68 -15.89
C LEU C 215 -0.17 -44.14 -14.74
N TYR C 216 0.73 -45.06 -14.99
CA TYR C 216 1.47 -45.69 -13.89
C TYR C 216 2.42 -44.65 -13.33
N PHE C 217 2.98 -43.80 -14.20
CA PHE C 217 3.87 -42.73 -13.71
C PHE C 217 3.10 -41.86 -12.74
N PHE C 218 1.93 -41.40 -13.18
CA PHE C 218 1.03 -40.51 -12.41
C PHE C 218 0.68 -41.17 -11.07
N LEU C 219 0.18 -42.39 -11.08
CA LEU C 219 -0.28 -43.09 -9.83
C LEU C 219 0.92 -43.37 -8.92
N SER C 220 2.05 -43.71 -9.51
CA SER C 220 3.29 -44.06 -8.78
C SER C 220 3.79 -42.86 -7.93
N LEU C 221 3.49 -41.59 -8.29
CA LEU C 221 3.96 -40.41 -7.52
C LEU C 221 3.44 -40.52 -6.08
N ALA C 222 2.24 -41.08 -5.92
CA ALA C 222 1.67 -41.30 -4.60
C ALA C 222 2.46 -42.38 -3.84
N GLN C 223 2.87 -43.45 -4.50
CA GLN C 223 3.53 -44.59 -3.81
C GLN C 223 4.93 -44.20 -3.40
N LYS C 224 5.55 -43.27 -4.09
CA LYS C 224 6.88 -42.70 -3.79
C LYS C 224 6.79 -41.64 -2.67
N GLY C 225 5.59 -41.37 -2.15
CA GLY C 225 5.36 -40.48 -1.00
C GLY C 225 5.52 -38.99 -1.30
N TYR C 226 5.39 -38.55 -2.56
CA TYR C 226 5.36 -37.11 -2.92
C TYR C 226 3.97 -36.54 -2.69
N VAL C 227 2.98 -37.41 -2.45
CA VAL C 227 1.53 -37.07 -2.29
C VAL C 227 1.06 -37.56 -0.94
N PRO C 228 0.42 -36.75 -0.13
CA PRO C 228 0.07 -37.18 1.22
C PRO C 228 -1.26 -37.94 1.13
N ALA C 229 -1.44 -38.90 2.03
CA ALA C 229 -2.65 -39.73 2.14
C ALA C 229 -3.89 -38.85 1.94
N GLU C 230 -3.97 -37.77 2.68
CA GLU C 230 -5.27 -37.07 2.81
C GLU C 230 -5.63 -36.47 1.45
N SER C 231 -4.67 -36.19 0.56
CA SER C 231 -4.96 -35.65 -0.80
C SER C 231 -5.69 -36.67 -1.66
N LEU C 232 -5.40 -37.95 -1.49
CA LEU C 232 -5.96 -39.00 -2.37
C LEU C 232 -7.47 -39.08 -2.12
N GLU C 233 -7.93 -38.40 -1.07
CA GLU C 233 -9.34 -38.46 -0.62
C GLU C 233 -10.12 -37.24 -1.10
N LYS C 234 -9.51 -36.35 -1.87
CA LYS C 234 -10.08 -35.04 -2.23
C LYS C 234 -10.22 -34.92 -3.74
N ASN C 235 -10.99 -33.89 -4.13
CA ASN C 235 -11.21 -33.49 -5.55
C ASN C 235 -10.47 -32.17 -5.78
N THR C 236 -10.45 -31.69 -7.02
CA THR C 236 -9.69 -30.50 -7.45
C THR C 236 -10.03 -29.30 -6.55
N ALA C 237 -11.30 -29.05 -6.21
CA ALA C 237 -11.72 -27.85 -5.45
C ALA C 237 -11.12 -27.89 -4.03
N GLN C 238 -11.14 -29.05 -3.39
CA GLN C 238 -10.69 -29.19 -1.99
C GLN C 238 -9.17 -29.14 -1.97
N ILE C 239 -8.50 -29.49 -3.08
CA ILE C 239 -7.03 -29.36 -3.19
C ILE C 239 -6.69 -27.88 -3.37
N GLU C 240 -7.47 -27.14 -4.17
CA GLU C 240 -7.33 -25.66 -4.30
C GLU C 240 -7.42 -25.03 -2.90
N ALA C 241 -8.34 -25.47 -2.04
CA ALA C 241 -8.44 -24.95 -0.66
C ALA C 241 -7.12 -25.17 0.10
N ASP C 242 -6.55 -26.36 -0.08
CA ASP C 242 -5.30 -26.83 0.57
C ASP C 242 -4.12 -25.97 0.06
N PHE C 243 -4.03 -25.73 -1.25
CA PHE C 243 -2.97 -24.88 -1.82
C PHE C 243 -3.08 -23.46 -1.27
N GLN C 244 -4.31 -22.95 -1.22
CA GLN C 244 -4.62 -21.56 -0.78
C GLN C 244 -4.35 -21.45 0.70
N ALA C 245 -4.46 -22.54 1.44
CA ALA C 245 -4.23 -22.56 2.90
C ALA C 245 -2.76 -22.84 3.22
N GLY C 246 -1.91 -23.10 2.23
CA GLY C 246 -0.46 -23.18 2.43
C GLY C 246 0.03 -24.57 2.77
N LYS C 247 -0.67 -25.59 2.32
CA LYS C 247 -0.39 -26.99 2.70
C LYS C 247 0.32 -27.75 1.57
N CYS C 248 0.28 -27.24 0.33
CA CYS C 248 0.93 -27.86 -0.87
C CYS C 248 1.83 -26.87 -1.59
N ALA C 249 2.90 -27.42 -2.16
CA ALA C 249 3.89 -26.70 -2.94
C ALA C 249 3.48 -26.65 -4.41
N VAL C 250 2.83 -27.69 -4.90
CA VAL C 250 2.55 -27.87 -6.35
C VAL C 250 1.16 -28.50 -6.53
N PHE C 251 0.35 -27.97 -7.41
CA PHE C 251 -0.86 -28.68 -7.85
C PHE C 251 -1.40 -28.12 -9.17
N ALA C 252 -2.12 -28.96 -9.91
CA ALA C 252 -2.64 -28.69 -11.28
C ALA C 252 -4.05 -28.14 -11.19
N SER C 253 -4.32 -27.01 -11.84
CA SER C 253 -5.67 -26.42 -11.98
C SER C 253 -5.73 -25.51 -13.19
N GLY C 254 -6.84 -24.81 -13.35
CA GLY C 254 -7.07 -23.93 -14.51
C GLY C 254 -6.74 -22.50 -14.12
N PRO C 255 -6.84 -21.56 -15.08
CA PRO C 255 -6.31 -20.20 -14.89
C PRO C 255 -7.08 -19.35 -13.88
N TRP C 256 -8.21 -19.82 -13.41
CA TRP C 256 -9.09 -19.05 -12.51
C TRP C 256 -8.36 -18.68 -11.23
N MET C 257 -7.40 -19.48 -10.78
CA MET C 257 -6.71 -19.21 -9.50
C MET C 257 -5.95 -17.88 -9.59
N ILE C 258 -5.45 -17.50 -10.77
CA ILE C 258 -4.64 -16.25 -10.95
C ILE C 258 -5.49 -15.05 -10.52
N GLN C 259 -6.72 -14.93 -11.02
CA GLN C 259 -7.70 -13.87 -10.65
C GLN C 259 -8.04 -14.02 -9.15
N ARG C 260 -8.25 -15.24 -8.67
CA ARG C 260 -8.68 -15.53 -7.28
C ARG C 260 -7.60 -15.01 -6.32
N ALA C 261 -6.34 -14.93 -6.75
CA ALA C 261 -5.20 -14.52 -5.92
C ALA C 261 -5.23 -13.01 -5.67
N GLN C 262 -5.83 -12.24 -6.59
CA GLN C 262 -5.79 -10.77 -6.51
C GLN C 262 -7.02 -10.27 -5.77
N VAL C 263 -7.93 -11.17 -5.39
CA VAL C 263 -9.23 -10.84 -4.75
C VAL C 263 -9.18 -11.29 -3.29
N PRO C 264 -9.68 -10.47 -2.33
CA PRO C 264 -9.60 -10.81 -0.90
C PRO C 264 -10.52 -11.96 -0.48
N GLU C 265 -10.27 -12.51 0.72
CA GLU C 265 -10.89 -13.75 1.29
C GLU C 265 -12.41 -13.60 1.31
N ALA C 266 -12.89 -12.39 1.63
CA ALA C 266 -14.31 -12.07 1.89
C ALA C 266 -15.08 -11.90 0.56
N LYS C 267 -14.45 -12.08 -0.61
CA LYS C 267 -15.15 -12.00 -1.92
C LYS C 267 -14.77 -13.21 -2.78
N GLY C 268 -14.46 -14.35 -2.12
CA GLY C 268 -14.19 -15.66 -2.73
C GLY C 268 -12.75 -15.84 -3.24
N GLY C 269 -11.84 -14.96 -2.85
CA GLY C 269 -10.44 -15.04 -3.28
C GLY C 269 -9.53 -15.45 -2.13
N PHE C 270 -8.22 -15.22 -2.26
CA PHE C 270 -7.21 -15.63 -1.27
C PHE C 270 -6.00 -14.67 -1.23
N ALA C 271 -6.25 -13.40 -1.55
CA ALA C 271 -5.24 -12.32 -1.61
C ALA C 271 -4.46 -12.22 -0.30
N GLU C 272 -5.10 -12.49 0.84
CA GLU C 272 -4.50 -12.34 2.21
C GLU C 272 -3.49 -13.47 2.48
N ARG C 273 -3.52 -14.57 1.73
CA ARG C 273 -2.70 -15.79 1.99
C ARG C 273 -1.30 -15.66 1.36
N THR C 274 -0.30 -16.28 1.96
CA THR C 274 1.10 -16.35 1.46
C THR C 274 1.12 -16.88 0.03
N ALA C 275 0.35 -17.92 -0.29
CA ALA C 275 0.31 -18.49 -1.65
C ALA C 275 0.06 -17.37 -2.67
N ALA C 276 -0.79 -16.40 -2.37
CA ALA C 276 -1.14 -15.30 -3.27
C ALA C 276 0.09 -14.43 -3.59
N LYS C 277 0.99 -14.14 -2.66
CA LYS C 277 2.14 -13.27 -2.99
C LYS C 277 3.35 -14.11 -3.46
N ASN C 278 3.20 -15.42 -3.68
CA ASN C 278 4.34 -16.32 -3.99
C ASN C 278 3.91 -17.37 -5.02
N LEU C 279 3.18 -16.93 -6.03
CA LEU C 279 2.44 -17.82 -6.96
C LEU C 279 3.24 -17.92 -8.26
N GLY C 280 3.59 -19.13 -8.65
CA GLY C 280 4.23 -19.46 -9.91
C GLY C 280 3.32 -20.37 -10.72
N VAL C 281 3.50 -20.43 -12.05
CA VAL C 281 2.80 -21.39 -12.94
C VAL C 281 3.79 -21.96 -13.94
N ALA C 282 3.72 -23.26 -14.16
CA ALA C 282 4.49 -23.95 -15.20
C ALA C 282 3.55 -24.92 -15.89
N PRO C 283 3.83 -25.22 -17.18
CA PRO C 283 3.02 -26.18 -17.94
C PRO C 283 3.35 -27.59 -17.42
N TYR C 284 2.62 -28.60 -17.83
CA TYR C 284 2.88 -30.02 -17.46
C TYR C 284 4.34 -30.32 -17.86
N PRO C 285 5.13 -31.10 -17.12
CA PRO C 285 6.46 -31.49 -17.58
C PRO C 285 6.36 -32.29 -18.88
N ALA C 286 7.36 -32.21 -19.76
CA ALA C 286 7.45 -33.02 -21.00
C ALA C 286 7.70 -34.49 -20.63
N GLY C 287 6.78 -35.35 -21.03
CA GLY C 287 6.94 -36.81 -20.99
C GLY C 287 7.61 -37.28 -22.26
N PRO C 288 7.81 -38.61 -22.42
CA PRO C 288 8.54 -39.11 -23.59
C PRO C 288 8.01 -38.61 -24.95
N LYS C 289 6.72 -38.47 -25.17
CA LYS C 289 6.19 -38.12 -26.53
C LYS C 289 5.51 -36.75 -26.38
N GLY C 290 6.00 -35.96 -25.42
CA GLY C 290 5.71 -34.51 -25.38
C GLY C 290 4.98 -34.03 -24.13
N ARG C 291 4.31 -32.91 -24.29
CA ARG C 291 3.70 -32.11 -23.21
C ARG C 291 2.30 -31.75 -23.72
N TYR C 292 1.26 -32.12 -23.01
CA TYR C 292 -0.13 -31.91 -23.45
C TYR C 292 -0.93 -31.57 -22.20
N THR C 293 -1.97 -30.79 -22.30
CA THR C 293 -2.87 -30.61 -21.14
C THR C 293 -4.32 -30.79 -21.60
N PHE C 294 -5.22 -30.87 -20.65
CA PHE C 294 -6.67 -30.93 -20.89
C PHE C 294 -7.11 -29.54 -21.29
N PHE C 295 -7.64 -29.39 -22.51
CA PHE C 295 -8.23 -28.12 -23.01
C PHE C 295 -9.76 -28.28 -23.03
N GLY C 296 -10.49 -27.52 -22.22
CA GLY C 296 -11.94 -27.53 -22.21
C GLY C 296 -12.50 -26.11 -22.08
N GLY C 297 -13.48 -25.92 -21.18
CA GLY C 297 -14.22 -24.66 -21.04
C GLY C 297 -15.67 -24.95 -21.28
N SER C 298 -16.45 -23.96 -21.74
CA SER C 298 -17.92 -24.03 -21.76
C SER C 298 -18.43 -23.22 -22.95
N ASN C 299 -19.53 -23.68 -23.53
CA ASN C 299 -20.22 -23.06 -24.68
C ASN C 299 -21.62 -22.71 -24.21
N LEU C 300 -22.36 -21.92 -24.98
CA LEU C 300 -23.78 -21.61 -24.69
C LEU C 300 -24.60 -22.25 -25.79
N ALA C 301 -25.76 -22.79 -25.44
CA ALA C 301 -26.66 -23.46 -26.37
C ALA C 301 -28.07 -22.89 -26.16
N LEU C 302 -28.87 -22.98 -27.21
CA LEU C 302 -30.22 -22.41 -27.27
C LEU C 302 -31.17 -23.57 -27.49
N PHE C 303 -32.08 -23.79 -26.54
CA PHE C 303 -33.08 -24.87 -26.55
C PHE C 303 -34.13 -24.59 -27.62
N ASN C 304 -34.50 -25.59 -28.43
CA ASN C 304 -35.34 -25.37 -29.63
C ASN C 304 -36.79 -25.14 -29.18
N PHE C 305 -37.12 -25.29 -27.88
CA PHE C 305 -38.45 -24.95 -27.31
C PHE C 305 -38.50 -23.53 -26.74
N SER C 306 -37.41 -22.77 -26.71
CA SER C 306 -37.44 -21.33 -26.35
C SER C 306 -38.50 -20.64 -27.20
N LYS C 307 -39.24 -19.69 -26.62
CA LYS C 307 -40.23 -18.85 -27.35
C LYS C 307 -39.54 -17.61 -27.96
N ASN C 308 -38.28 -17.37 -27.58
CA ASN C 308 -37.55 -16.09 -27.86
C ASN C 308 -36.30 -16.37 -28.71
N LYS C 309 -36.41 -17.09 -29.81
CA LYS C 309 -35.19 -17.54 -30.52
C LYS C 309 -34.43 -16.37 -31.12
N PRO C 310 -35.02 -15.47 -31.95
CA PRO C 310 -34.25 -14.33 -32.48
C PRO C 310 -33.50 -13.52 -31.40
N LEU C 311 -34.18 -13.11 -30.31
CA LEU C 311 -33.61 -12.34 -29.16
C LEU C 311 -32.45 -13.12 -28.55
N ALA C 312 -32.65 -14.43 -28.39
CA ALA C 312 -31.69 -15.34 -27.75
C ALA C 312 -30.45 -15.53 -28.64
N LYS C 313 -30.60 -15.53 -29.95
CA LYS C 313 -29.45 -15.55 -30.90
C LYS C 313 -28.74 -14.20 -30.81
N GLU C 314 -29.47 -13.10 -30.65
CA GLU C 314 -28.80 -11.77 -30.51
C GLU C 314 -27.86 -11.93 -29.30
N LEU C 315 -28.38 -12.38 -28.16
CA LEU C 315 -27.58 -12.48 -26.90
C LEU C 315 -26.36 -13.39 -27.12
N LEU C 316 -26.50 -14.48 -27.87
CA LEU C 316 -25.40 -15.39 -28.24
C LEU C 316 -24.36 -14.65 -29.08
N LYS C 317 -24.75 -13.91 -30.10
CA LYS C 317 -23.83 -13.01 -30.89
C LYS C 317 -23.05 -12.14 -29.92
N TYR C 318 -23.73 -11.58 -28.92
CA TYR C 318 -23.13 -10.60 -27.97
C TYR C 318 -22.09 -11.31 -27.10
N LEU C 319 -22.48 -12.35 -26.37
CA LEU C 319 -21.62 -13.10 -25.42
C LEU C 319 -20.47 -13.80 -26.19
N GLY C 320 -20.71 -14.22 -27.42
CA GLY C 320 -19.71 -14.92 -28.24
C GLY C 320 -18.72 -13.99 -28.92
N GLY C 321 -18.96 -12.67 -28.89
CA GLY C 321 -18.22 -11.61 -29.64
C GLY C 321 -17.27 -10.75 -28.81
N PRO C 322 -16.47 -9.87 -29.46
CA PRO C 322 -15.20 -9.38 -28.88
C PRO C 322 -15.29 -8.65 -27.53
N GLU C 323 -16.16 -7.67 -27.37
CA GLU C 323 -16.25 -6.85 -26.12
C GLU C 323 -16.58 -7.79 -24.95
N ALA C 324 -17.70 -8.52 -25.02
CA ALA C 324 -18.19 -9.46 -23.97
C ALA C 324 -17.15 -10.57 -23.74
N GLN C 325 -16.53 -11.11 -24.79
CA GLN C 325 -15.49 -12.15 -24.62
C GLN C 325 -14.35 -11.64 -23.71
N VAL C 326 -13.83 -10.44 -23.98
CA VAL C 326 -12.76 -9.86 -23.13
C VAL C 326 -13.33 -9.67 -21.70
N ARG C 327 -14.49 -9.03 -21.52
CA ARG C 327 -14.95 -8.65 -20.15
C ARG C 327 -15.17 -9.93 -19.32
N TYR C 328 -15.86 -10.95 -19.82
CA TYR C 328 -16.13 -12.21 -19.05
C TYR C 328 -14.80 -12.81 -18.58
N ALA C 329 -13.81 -12.89 -19.48
CA ALA C 329 -12.50 -13.51 -19.19
C ALA C 329 -11.78 -12.75 -18.06
N GLN C 330 -11.85 -11.42 -18.02
CA GLN C 330 -11.29 -10.60 -16.92
C GLN C 330 -11.99 -10.93 -15.61
N MET C 331 -13.33 -11.05 -15.61
CA MET C 331 -14.11 -11.28 -14.36
C MET C 331 -13.94 -12.72 -13.87
N THR C 332 -13.79 -13.70 -14.76
CA THR C 332 -13.72 -15.15 -14.41
C THR C 332 -12.28 -15.64 -14.24
N GLY C 333 -11.32 -15.03 -14.91
CA GLY C 333 -9.94 -15.52 -15.00
C GLY C 333 -9.84 -16.65 -16.00
N MET C 334 -10.85 -16.88 -16.83
CA MET C 334 -10.78 -17.93 -17.86
C MET C 334 -10.10 -17.36 -19.10
N LEU C 335 -9.97 -18.14 -20.16
CA LEU C 335 -9.48 -17.62 -21.46
C LEU C 335 -10.66 -17.42 -22.41
N PRO C 336 -10.67 -16.40 -23.29
CA PRO C 336 -11.77 -16.24 -24.23
C PRO C 336 -11.83 -17.44 -25.17
N ALA C 337 -13.01 -17.73 -25.72
CA ALA C 337 -13.16 -18.83 -26.70
C ALA C 337 -12.82 -18.30 -28.09
N LEU C 338 -13.19 -17.04 -28.35
CA LEU C 338 -12.91 -16.31 -29.61
C LEU C 338 -11.41 -16.04 -29.66
N ARG C 339 -10.70 -16.56 -30.66
CA ARG C 339 -9.22 -16.48 -30.83
C ARG C 339 -8.73 -15.02 -30.87
N SER C 340 -9.33 -14.17 -31.70
CA SER C 340 -9.01 -12.73 -31.82
C SER C 340 -8.79 -12.16 -30.42
N ALA C 341 -9.72 -12.39 -29.51
CA ALA C 341 -9.83 -11.70 -28.20
C ALA C 341 -8.68 -12.07 -27.23
N TRP C 342 -7.79 -13.03 -27.53
CA TRP C 342 -6.56 -13.34 -26.72
C TRP C 342 -5.53 -12.21 -26.81
N SER C 343 -5.55 -11.47 -27.89
CA SER C 343 -4.52 -10.47 -28.19
C SER C 343 -4.95 -9.12 -27.65
N ASP C 344 -6.01 -9.04 -26.83
CA ASP C 344 -6.27 -7.84 -25.98
C ASP C 344 -5.06 -7.67 -25.06
N PRO C 345 -4.54 -6.42 -24.87
CA PRO C 345 -3.44 -6.20 -23.93
C PRO C 345 -3.60 -6.86 -22.55
N SER C 346 -4.84 -6.97 -22.02
CA SER C 346 -5.12 -7.41 -20.63
C SER C 346 -4.58 -8.82 -20.36
N PHE C 347 -4.39 -9.63 -21.41
CA PHE C 347 -3.99 -11.06 -21.35
C PHE C 347 -2.47 -11.22 -21.55
N GLN C 348 -1.85 -10.44 -22.44
CA GLN C 348 -0.38 -10.53 -22.69
C GLN C 348 0.42 -10.00 -21.49
N GLN C 349 -0.17 -9.12 -20.67
CA GLN C 349 0.56 -8.32 -19.64
C GLN C 349 0.45 -8.97 -18.24
N ASN C 350 -0.32 -10.07 -18.10
CA ASN C 350 -0.32 -10.95 -16.90
C ASN C 350 0.64 -12.12 -17.16
N PRO C 351 1.83 -12.16 -16.53
CA PRO C 351 2.83 -13.18 -16.87
C PRO C 351 2.37 -14.61 -16.58
N LEU C 352 1.62 -14.83 -15.50
CA LEU C 352 1.13 -16.19 -15.08
C LEU C 352 0.11 -16.70 -16.11
N LEU C 353 -0.75 -15.81 -16.61
CA LEU C 353 -1.74 -16.15 -17.63
C LEU C 353 -1.04 -16.47 -18.95
N ARG C 354 0.11 -15.86 -19.21
CA ARG C 354 0.84 -16.12 -20.47
C ARG C 354 1.20 -17.60 -20.52
N THR C 355 1.49 -18.22 -19.38
CA THR C 355 1.93 -19.63 -19.38
C THR C 355 0.76 -20.53 -19.75
N PHE C 356 -0.46 -20.19 -19.27
CA PHE C 356 -1.68 -20.93 -19.66
C PHE C 356 -1.92 -20.68 -21.16
N ILE C 357 -1.79 -19.43 -21.62
CA ILE C 357 -1.94 -19.13 -23.06
C ILE C 357 -0.95 -20.02 -23.82
N GLN C 358 0.31 -20.13 -23.39
CA GLN C 358 1.30 -21.00 -24.09
C GLN C 358 0.87 -22.48 -24.04
N ALA C 359 0.38 -22.99 -22.90
CA ALA C 359 -0.04 -24.43 -22.80
C ALA C 359 -1.14 -24.72 -23.82
N ALA C 360 -1.94 -23.72 -24.19
CA ALA C 360 -3.06 -23.84 -25.16
C ALA C 360 -2.59 -24.47 -26.46
N GLN C 361 -1.35 -24.30 -26.83
CA GLN C 361 -0.78 -24.84 -28.09
C GLN C 361 -0.79 -26.38 -28.04
N PHE C 362 -0.69 -26.96 -26.86
CA PHE C 362 -0.61 -28.43 -26.63
C PHE C 362 -1.89 -28.94 -25.95
N GLY C 363 -2.89 -28.07 -25.87
CA GLY C 363 -4.24 -28.42 -25.44
C GLY C 363 -4.80 -29.53 -26.29
N ARG C 364 -5.30 -30.56 -25.64
CA ARG C 364 -5.88 -31.75 -26.30
C ARG C 364 -7.30 -31.89 -25.72
N THR C 365 -8.24 -32.19 -26.59
CA THR C 365 -9.70 -32.29 -26.27
C THR C 365 -10.19 -33.70 -26.53
N TYR C 366 -11.44 -33.94 -26.19
CA TYR C 366 -12.06 -35.25 -26.54
C TYR C 366 -12.96 -35.12 -27.77
N PRO C 367 -13.12 -36.22 -28.50
CA PRO C 367 -14.09 -36.28 -29.58
C PRO C 367 -15.49 -35.89 -29.05
N SER C 368 -16.22 -35.11 -29.85
CA SER C 368 -17.50 -34.52 -29.44
C SER C 368 -18.60 -35.56 -29.66
N LEU C 369 -18.62 -36.59 -28.83
CA LEU C 369 -19.40 -37.84 -29.09
C LEU C 369 -20.63 -37.81 -28.17
N ALA C 370 -21.73 -38.34 -28.69
CA ALA C 370 -22.99 -38.50 -27.94
C ALA C 370 -22.68 -39.34 -26.69
N GLY C 371 -21.88 -40.40 -26.83
CA GLY C 371 -21.62 -41.43 -25.82
C GLY C 371 -20.43 -41.08 -24.93
N TRP C 372 -19.90 -39.86 -25.05
CA TRP C 372 -18.64 -39.57 -24.36
C TRP C 372 -18.78 -39.85 -22.85
N GLY C 373 -19.79 -39.30 -22.18
CA GLY C 373 -19.89 -39.39 -20.70
C GLY C 373 -19.88 -40.82 -20.24
N GLY C 374 -20.47 -41.72 -21.01
CA GLY C 374 -20.48 -43.16 -20.67
C GLY C 374 -19.09 -43.73 -20.74
N VAL C 375 -18.35 -43.46 -21.82
CA VAL C 375 -16.91 -43.80 -21.97
C VAL C 375 -16.09 -43.21 -20.79
N GLU C 376 -16.19 -41.92 -20.46
CA GLU C 376 -15.41 -41.36 -19.34
C GLU C 376 -15.80 -42.06 -18.02
N ASN C 377 -17.10 -42.33 -17.76
CA ASN C 377 -17.49 -43.06 -16.52
C ASN C 377 -16.79 -44.43 -16.46
N LEU C 378 -16.71 -45.19 -17.54
CA LEU C 378 -16.06 -46.52 -17.47
C LEU C 378 -14.58 -46.34 -17.15
N ALA C 379 -13.91 -45.43 -17.85
CA ALA C 379 -12.49 -45.11 -17.61
C ALA C 379 -12.29 -44.74 -16.13
N VAL C 380 -13.04 -43.78 -15.58
CA VAL C 380 -12.66 -43.32 -14.22
C VAL C 380 -13.08 -44.36 -13.18
N GLN C 381 -14.08 -45.18 -13.45
CA GLN C 381 -14.51 -46.23 -12.47
C GLN C 381 -13.39 -47.25 -12.31
N HIS C 382 -12.76 -47.61 -13.42
CA HIS C 382 -11.65 -48.61 -13.46
C HIS C 382 -10.36 -47.97 -12.90
N LEU C 383 -10.06 -46.76 -13.31
CA LEU C 383 -8.93 -46.03 -12.72
C LEU C 383 -9.13 -45.95 -11.20
N GLY C 384 -10.36 -45.73 -10.72
CA GLY C 384 -10.67 -45.59 -9.30
C GLY C 384 -10.19 -46.80 -8.50
N MET C 385 -10.31 -47.98 -9.08
CA MET C 385 -9.87 -49.24 -8.40
C MET C 385 -8.34 -49.34 -8.37
N ALA C 386 -7.63 -48.74 -9.33
CA ALA C 386 -6.16 -48.58 -9.28
C ALA C 386 -5.75 -47.59 -8.17
N TRP C 387 -6.47 -46.48 -8.00
CA TRP C 387 -6.19 -45.55 -6.87
C TRP C 387 -6.43 -46.25 -5.53
N ASP C 388 -7.41 -47.15 -5.43
CA ASP C 388 -7.55 -47.97 -4.18
C ASP C 388 -6.27 -48.76 -3.94
N LEU C 389 -5.68 -49.35 -5.00
CA LEU C 389 -4.43 -50.14 -4.83
C LEU C 389 -3.30 -49.22 -4.31
N VAL C 390 -3.22 -48.01 -4.81
CA VAL C 390 -2.27 -46.98 -4.35
C VAL C 390 -2.51 -46.65 -2.87
N ALA C 391 -3.76 -46.44 -2.47
CA ALA C 391 -4.08 -46.17 -1.04
C ALA C 391 -3.45 -47.25 -0.15
N GLN C 392 -3.42 -48.49 -0.63
CA GLN C 392 -2.89 -49.65 0.14
C GLN C 392 -1.40 -49.91 -0.12
N GLY C 393 -0.75 -49.14 -1.01
CA GLY C 393 0.65 -49.37 -1.42
C GLY C 393 0.84 -50.68 -2.13
N ARG C 394 -0.13 -51.08 -2.96
CA ARG C 394 -0.18 -52.41 -3.59
C ARG C 394 -0.34 -52.31 -5.13
N LEU C 395 -0.24 -51.14 -5.75
CA LEU C 395 -0.40 -51.05 -7.21
C LEU C 395 0.77 -51.76 -7.92
N THR C 396 0.51 -52.45 -9.01
CA THR C 396 1.54 -52.92 -9.96
C THR C 396 1.12 -52.55 -11.38
N ARG C 397 2.08 -52.54 -12.29
CA ARG C 397 1.83 -52.36 -13.74
C ARG C 397 0.81 -53.39 -14.25
N GLU C 398 0.98 -54.64 -13.84
CA GLU C 398 0.10 -55.79 -14.19
C GLU C 398 -1.30 -55.46 -13.70
N ALA C 399 -1.47 -54.98 -12.46
CA ALA C 399 -2.82 -54.80 -11.90
C ALA C 399 -3.50 -53.69 -12.72
N LEU C 400 -2.76 -52.63 -13.06
CA LEU C 400 -3.30 -51.49 -13.86
C LEU C 400 -3.61 -51.95 -15.29
N LYS C 401 -2.74 -52.73 -15.91
CA LYS C 401 -3.02 -53.25 -17.25
C LYS C 401 -4.37 -54.00 -17.20
N ASP C 402 -4.57 -54.84 -16.20
CA ASP C 402 -5.75 -55.74 -16.13
C ASP C 402 -7.01 -54.86 -16.08
N LEU C 403 -7.01 -53.82 -15.22
CA LEU C 403 -8.15 -52.89 -15.04
C LEU C 403 -8.38 -52.11 -16.34
N MET C 404 -7.33 -51.69 -17.03
CA MET C 404 -7.52 -50.89 -18.26
C MET C 404 -7.99 -51.82 -19.39
N ASP C 405 -7.66 -53.11 -19.33
CA ASP C 405 -8.17 -54.10 -20.32
C ASP C 405 -9.68 -54.24 -20.16
N LYS C 406 -10.18 -54.33 -18.93
CA LYS C 406 -11.63 -54.40 -18.65
C LYS C 406 -12.30 -53.08 -19.05
N ALA C 407 -11.69 -51.95 -18.75
CA ALA C 407 -12.24 -50.64 -19.17
C ALA C 407 -12.33 -50.59 -20.70
N SER C 408 -11.27 -50.99 -21.40
CA SER C 408 -11.21 -51.00 -22.89
C SER C 408 -12.37 -51.86 -23.44
N ALA C 409 -12.59 -53.03 -22.88
CA ALA C 409 -13.58 -53.99 -23.44
C ALA C 409 -14.98 -53.36 -23.29
N ALA C 410 -15.23 -52.67 -22.17
CA ALA C 410 -16.53 -52.03 -21.94
C ALA C 410 -16.67 -50.84 -22.90
N ILE C 411 -15.64 -49.99 -22.97
CA ILE C 411 -15.60 -48.78 -23.85
C ILE C 411 -15.76 -49.21 -25.33
N ASN C 412 -15.11 -50.28 -25.79
CA ASN C 412 -15.22 -50.65 -27.23
C ASN C 412 -16.67 -50.95 -27.57
N GLN C 413 -17.35 -51.57 -26.61
CA GLN C 413 -18.75 -52.02 -26.68
C GLN C 413 -19.66 -50.80 -26.76
N ALA C 414 -19.54 -49.87 -25.80
CA ALA C 414 -20.27 -48.58 -25.70
C ALA C 414 -20.22 -47.75 -27.00
N LEU C 415 -19.18 -47.85 -27.83
CA LEU C 415 -19.05 -47.14 -29.13
C LEU C 415 -19.60 -48.04 -30.23
C2 BGC D . -17.63 9.36 1.29
C3 BGC D . -17.97 10.68 0.60
C4 BGC D . -18.05 10.52 -0.91
C5 BGC D . -19.01 9.40 -1.28
C6 BGC D . -19.00 9.18 -2.80
C1 BGC D . -18.74 8.45 0.84
O1 BGC D . -18.60 7.23 1.52
O2 BGC D . -17.57 9.51 2.74
O3 BGC D . -16.97 11.60 0.99
O4 BGC D . -18.60 11.69 -1.50
O5 BGC D . -18.61 8.24 -0.54
O6 BGC D . -18.72 7.81 -3.10
C2 BGC D . -16.25 12.91 2.81
C3 BGC D . -16.73 13.97 3.79
C4 BGC D . -17.33 15.14 3.06
C5 BGC D . -18.48 14.64 2.19
C6 BGC D . -19.07 15.72 1.32
C1 BGC D . -17.44 12.47 1.98
O2 BGC D . -15.75 11.76 3.49
O3 BGC D . -15.65 14.41 4.56
O4 BGC D . -17.89 16.03 4.03
O5 BGC D . -18.05 13.58 1.34
O6 BGC D . -20.05 15.06 0.50
C2 BGC D . -14.70 14.48 6.71
C3 BGC D . -14.74 15.15 8.10
C4 BGC D . -15.44 16.50 8.13
C5 BGC D . -16.73 16.48 7.32
C6 BGC D . -17.42 17.84 7.31
C1 BGC D . -15.96 14.74 5.90
O2 BGC D . -14.55 13.04 6.80
O3 BGC D . -13.38 15.29 8.53
O4 BGC D . -15.76 16.87 9.47
O5 BGC D . -16.40 16.10 5.97
O6 BGC D . -16.52 18.72 6.63
C2 BGC E . 29.11 18.09 11.72
C3 BGC E . 29.67 16.66 11.83
C4 BGC E . 30.45 16.31 10.57
C5 BGC E . 31.41 17.43 10.21
C6 BGC E . 32.08 17.24 8.86
C1 BGC E . 30.38 18.88 11.62
O1 BGC E . 30.15 20.21 12.05
O2 BGC E . 28.29 18.55 12.82
O3 BGC E . 28.63 15.74 12.08
O4 BGC E . 31.21 15.13 10.81
O5 BGC E . 30.79 18.72 10.27
O6 BGC E . 32.95 18.36 8.76
C2 BGC E . 27.08 15.28 13.79
C3 BGC E . 26.95 14.88 15.24
C4 BGC E . 27.78 13.65 15.48
C5 BGC E . 29.21 13.87 15.12
C6 BGC E . 29.97 12.55 15.08
C1 BGC E . 28.54 15.54 13.49
O2 BGC E . 26.35 16.49 13.59
O3 BGC E . 25.57 14.63 15.48
O4 BGC E . 27.66 13.27 16.83
O5 BGC E . 29.36 14.45 13.83
O6 BGC E . 31.37 12.86 14.86
C2 BGC E . 23.68 15.01 16.79
C3 BGC E . 23.15 15.22 18.18
C4 BGC E . 23.68 14.12 19.11
C5 BGC E . 25.21 14.01 19.04
C6 BGC E . 25.84 12.96 19.93
C1 BGC E . 25.19 14.86 16.83
O2 BGC E . 23.31 16.11 15.93
O3 BGC E . 21.72 15.19 18.00
O4 BGC E . 23.29 14.38 20.45
O5 BGC E . 25.58 13.76 17.68
O6 BGC E . 25.10 11.74 19.84
C2 BGC F . -14.25 -23.33 -12.18
C3 BGC F . -14.20 -24.64 -11.41
C4 BGC F . -13.61 -24.46 -9.99
C5 BGC F . -14.22 -23.22 -9.32
C6 BGC F . -13.40 -22.76 -8.14
C1 BGC F . -15.17 -22.51 -11.33
O1 BGC F . -15.62 -21.38 -12.02
O2 BGC F . -14.71 -23.51 -13.56
O3 BGC F . -13.51 -25.58 -12.21
O4 BGC F . -13.89 -25.58 -9.12
O5 BGC F . -14.39 -22.11 -10.22
O6 BGC F . -13.86 -21.43 -7.86
C2 BGC F . -13.99 -26.89 -14.22
C3 BGC F . -14.96 -27.96 -14.76
C4 BGC F . -15.15 -29.05 -13.73
C5 BGC F . -15.58 -28.46 -12.38
C6 BGC F . -15.66 -29.52 -11.28
C1 BGC F . -14.47 -26.42 -12.85
O2 BGC F . -13.92 -25.76 -15.11
O3 BGC F . -14.44 -28.55 -15.93
O4 BGC F . -16.13 -30.01 -14.17
O5 BGC F . -14.64 -27.50 -11.94
O6 BGC F . -16.50 -28.99 -10.24
C2 BGC F . -14.67 -28.47 -18.33
C3 BGC F . -15.63 -28.86 -19.45
C4 BGC F . -16.25 -30.26 -19.25
C5 BGC F . -16.88 -30.29 -17.85
C6 BGC F . -17.41 -31.59 -17.35
C1 BGC F . -15.35 -28.72 -17.00
O2 BGC F . -14.31 -27.08 -18.46
O3 BGC F . -14.86 -28.76 -20.65
O4 BGC F . -17.12 -30.61 -20.32
O5 BGC F . -15.81 -30.06 -16.98
O6 BGC F . -16.42 -32.56 -17.61
CL CL G . -10.87 24.76 -2.97
S SO4 H . -14.85 17.75 0.69
O1 SO4 H . -15.46 16.68 -0.08
O2 SO4 H . -14.64 17.31 2.04
O3 SO4 H . -15.73 18.89 0.68
O4 SO4 H . -13.56 18.11 0.14
S SO4 I . 1.43 40.01 -8.63
O1 SO4 I . 0.96 38.70 -9.10
O2 SO4 I . 2.78 39.87 -8.14
O3 SO4 I . 1.43 40.96 -9.72
O4 SO4 I . 0.58 40.52 -7.56
C1 EDO J . 2.08 32.98 -12.18
O1 EDO J . 2.66 34.27 -12.31
C2 EDO J . 3.00 31.93 -11.60
O2 EDO J . 4.37 32.31 -11.48
C1 EDO K . -16.06 41.10 3.81
O1 EDO K . -15.18 41.51 4.83
C2 EDO K . -15.55 41.44 2.46
O2 EDO K . -16.36 40.88 1.42
CL CL L . 12.59 5.59 19.57
S SO4 M . 26.72 9.87 13.62
O1 SO4 M . 26.56 8.59 14.26
O2 SO4 M . 27.89 9.85 12.77
O3 SO4 M . 25.54 10.21 12.91
O4 SO4 M . 26.91 10.89 14.59
C1 EDO N . 15.82 -17.32 10.20
O1 EDO N . 15.03 -17.16 11.38
C2 EDO N . 15.51 -16.47 9.02
O2 EDO N . 16.66 -15.90 8.44
C1 PEG O . 22.20 -8.87 29.22
O1 PEG O . 20.83 -9.04 28.89
C2 PEG O . 23.12 -9.71 28.37
O2 PEG O . 24.05 -8.87 27.69
C3 PEG O . 24.88 -9.57 26.77
C4 PEG O . 26.31 -9.06 26.91
O4 PEG O . 27.14 -9.46 25.84
CL CL P . -15.82 -54.84 -15.93
S SO3 Q . 8.89 -48.93 -10.13
O1 SO3 Q . 7.98 -47.73 -10.12
O2 SO3 Q . 8.21 -49.93 -9.24
O3 SO3 Q . 8.75 -49.52 -11.50
S SO4 R . -11.97 -31.78 -12.80
O1 SO4 R . -12.53 -33.07 -12.56
O2 SO4 R . -10.53 -31.91 -12.86
O3 SO4 R . -12.45 -31.29 -14.05
O4 SO4 R . -12.34 -30.86 -11.74
S SO4 S . 4.84 -55.01 -12.07
O1 SO4 S . 3.53 -55.32 -12.59
O2 SO4 S . 5.16 -56.02 -11.08
O3 SO4 S . 5.79 -55.04 -13.14
O4 SO4 S . 4.88 -53.68 -11.45
#